data_1ZP6
# 
_entry.id   1ZP6 
# 
_audit_conform.dict_name       mmcif_pdbx.dic 
_audit_conform.dict_version    5.397 
_audit_conform.dict_location   http://mmcif.pdb.org/dictionaries/ascii/mmcif_pdbx.dic 
# 
loop_
_database_2.database_id 
_database_2.database_code 
_database_2.pdbx_database_accession 
_database_2.pdbx_DOI 
PDB   1ZP6         pdb_00001zp6 10.2210/pdb1zp6/pdb 
RCSB  RCSB032979   ?            ?                   
WWPDB D_1000032979 ?            ?                   
# 
loop_
_pdbx_audit_revision_history.ordinal 
_pdbx_audit_revision_history.data_content_type 
_pdbx_audit_revision_history.major_revision 
_pdbx_audit_revision_history.minor_revision 
_pdbx_audit_revision_history.revision_date 
1 'Structure model' 1 0 2005-05-24 
2 'Structure model' 1 1 2008-04-30 
3 'Structure model' 1 2 2011-07-13 
4 'Structure model' 1 3 2011-11-16 
5 'Structure model' 1 4 2017-10-11 
6 'Structure model' 1 5 2024-10-16 
# 
_pdbx_audit_revision_details.ordinal             1 
_pdbx_audit_revision_details.revision_ordinal    1 
_pdbx_audit_revision_details.data_content_type   'Structure model' 
_pdbx_audit_revision_details.provider            repository 
_pdbx_audit_revision_details.type                'Initial release' 
_pdbx_audit_revision_details.description         ? 
_pdbx_audit_revision_details.details             ? 
# 
loop_
_pdbx_audit_revision_group.ordinal 
_pdbx_audit_revision_group.revision_ordinal 
_pdbx_audit_revision_group.data_content_type 
_pdbx_audit_revision_group.group 
1 2 'Structure model' 'Version format compliance' 
2 3 'Structure model' 'Version format compliance' 
3 4 'Structure model' 'Atomic model'              
4 5 'Structure model' 'Refinement description'    
5 6 'Structure model' 'Data collection'           
6 6 'Structure model' 'Database references'       
7 6 'Structure model' 'Derived calculations'      
8 6 'Structure model' 'Structure summary'         
# 
loop_
_pdbx_audit_revision_category.ordinal 
_pdbx_audit_revision_category.revision_ordinal 
_pdbx_audit_revision_category.data_content_type 
_pdbx_audit_revision_category.category 
1 5 'Structure model' software                  
2 6 'Structure model' chem_comp_atom            
3 6 'Structure model' chem_comp_bond            
4 6 'Structure model' database_2                
5 6 'Structure model' pdbx_entry_details        
6 6 'Structure model' pdbx_modification_feature 
7 6 'Structure model' struct_conn               
8 6 'Structure model' struct_ref_seq_dif        
9 6 'Structure model' struct_site               
# 
loop_
_pdbx_audit_revision_item.ordinal 
_pdbx_audit_revision_item.revision_ordinal 
_pdbx_audit_revision_item.data_content_type 
_pdbx_audit_revision_item.item 
1 5 'Structure model' '_software.name'                      
2 6 'Structure model' '_database_2.pdbx_DOI'                
3 6 'Structure model' '_database_2.pdbx_database_accession' 
4 6 'Structure model' '_struct_conn.pdbx_leaving_atom_flag' 
5 6 'Structure model' '_struct_ref_seq_dif.details'         
6 6 'Structure model' '_struct_site.pdbx_auth_asym_id'      
7 6 'Structure model' '_struct_site.pdbx_auth_comp_id'      
8 6 'Structure model' '_struct_site.pdbx_auth_seq_id'       
# 
_pdbx_database_status.status_code                     REL 
_pdbx_database_status.entry_id                        1ZP6 
_pdbx_database_status.recvd_initial_deposition_date   2005-05-16 
_pdbx_database_status.deposit_site                    RCSB 
_pdbx_database_status.process_site                    RCSB 
_pdbx_database_status.status_code_sf                  REL 
_pdbx_database_status.status_code_mr                  ? 
_pdbx_database_status.SG_entry                        Y 
_pdbx_database_status.pdb_format_compatible           Y 
_pdbx_database_status.status_code_cs                  ? 
_pdbx_database_status.methods_development_category    ? 
_pdbx_database_status.status_code_nmr_data            ? 
# 
_pdbx_database_related.db_name        TargetDB 
_pdbx_database_related.db_id          AtR62 
_pdbx_database_related.details        . 
_pdbx_database_related.content_type   unspecified 
# 
loop_
_audit_author.name 
_audit_author.pdbx_ordinal 
'Forouhar, F.'                                    1  
'Abashidze, M.'                                   2  
'Vorobiev, S.M.'                                  3  
'Kuzin, A.'                                       4  
'Conover, K.'                                     5  
'Acton, T.B.'                                     6  
'Montelione, G.T.'                                7  
'Hunt, J.F.'                                      8  
'Tong, L.'                                        9  
'Northeast Structural Genomics Consortium (NESG)' 10 
# 
_citation.id                        primary 
_citation.title                     
;Crystal Structure of Atu3015, a Putative Cytidylate Kinase from Agrobacterium tumefaciens, Northeast Structural Genomics Target AtR62
;
_citation.journal_abbrev            'To be Published' 
_citation.journal_volume            ? 
_citation.page_first                ? 
_citation.page_last                 ? 
_citation.year                      ? 
_citation.journal_id_ASTM           ? 
_citation.country                   ? 
_citation.journal_id_ISSN           ? 
_citation.journal_id_CSD            0353 
_citation.book_publisher            ? 
_citation.pdbx_database_id_PubMed   ? 
_citation.pdbx_database_id_DOI      ? 
# 
loop_
_citation_author.citation_id 
_citation_author.name 
_citation_author.ordinal 
_citation_author.identifier_ORCID 
primary 'Forouhar, F.'     1 ? 
primary 'Abashidze, M.'    2 ? 
primary 'Vorobiev, S.M.'   3 ? 
primary 'Kuzin, A.'        4 ? 
primary 'Conover, K.'      5 ? 
primary 'Acton, T.B.'      6 ? 
primary 'Montelione, G.T.' 7 ? 
primary 'Hunt, J.F.'       8 ? 
primary 'Tong, L.'         9 ? 
# 
loop_
_entity.id 
_entity.type 
_entity.src_method 
_entity.pdbx_description 
_entity.formula_weight 
_entity.pdbx_number_of_molecules 
_entity.pdbx_ec 
_entity.pdbx_mutation 
_entity.pdbx_fragment 
_entity.details 
1 polymer     man 'hypothetical protein Atu3015' 21117.531 1 ? ? ? ? 
2 non-polymer syn 'SULFATE ION'                  96.063    1 ? ? ? ? 
3 water       nat water                          18.015    5 ? ? ? ? 
# 
_entity_poly.entity_id                      1 
_entity_poly.type                           'polypeptide(L)' 
_entity_poly.nstd_linkage                   no 
_entity_poly.nstd_monomer                   yes 
_entity_poly.pdbx_seq_one_letter_code       
;MNMTDDLGGNILLLSGHPGSGKSTIAEALANLPGVPKVHFHSDDLWGYIKHGRIDPWLPQSHQQNR(MSE)I(MSE)QIA
ADVAGRYAKEGYFVILDGVVRPDWLPAFTALARPLHYIVLRTTAAEAIERCLDRGGDSLSDPLVVADLHSQFADLGAFEH
HVLPVSGKDTDQALQSAINALQSGRFRIDASLEHHHHHH
;
_entity_poly.pdbx_seq_one_letter_code_can   
;MNMTDDLGGNILLLSGHPGSGKSTIAEALANLPGVPKVHFHSDDLWGYIKHGRIDPWLPQSHQQNRMIMQIAADVAGRYA
KEGYFVILDGVVRPDWLPAFTALARPLHYIVLRTTAAEAIERCLDRGGDSLSDPLVVADLHSQFADLGAFEHHVLPVSGK
DTDQALQSAINALQSGRFRIDASLEHHHHHH
;
_entity_poly.pdbx_strand_id                 A 
_entity_poly.pdbx_target_identifier         AtR62 
# 
loop_
_pdbx_entity_nonpoly.entity_id 
_pdbx_entity_nonpoly.name 
_pdbx_entity_nonpoly.comp_id 
2 'SULFATE ION' SO4 
3 water         HOH 
# 
loop_
_entity_poly_seq.entity_id 
_entity_poly_seq.num 
_entity_poly_seq.mon_id 
_entity_poly_seq.hetero 
1 1   MET n 
1 2   ASN n 
1 3   MET n 
1 4   THR n 
1 5   ASP n 
1 6   ASP n 
1 7   LEU n 
1 8   GLY n 
1 9   GLY n 
1 10  ASN n 
1 11  ILE n 
1 12  LEU n 
1 13  LEU n 
1 14  LEU n 
1 15  SER n 
1 16  GLY n 
1 17  HIS n 
1 18  PRO n 
1 19  GLY n 
1 20  SER n 
1 21  GLY n 
1 22  LYS n 
1 23  SER n 
1 24  THR n 
1 25  ILE n 
1 26  ALA n 
1 27  GLU n 
1 28  ALA n 
1 29  LEU n 
1 30  ALA n 
1 31  ASN n 
1 32  LEU n 
1 33  PRO n 
1 34  GLY n 
1 35  VAL n 
1 36  PRO n 
1 37  LYS n 
1 38  VAL n 
1 39  HIS n 
1 40  PHE n 
1 41  HIS n 
1 42  SER n 
1 43  ASP n 
1 44  ASP n 
1 45  LEU n 
1 46  TRP n 
1 47  GLY n 
1 48  TYR n 
1 49  ILE n 
1 50  LYS n 
1 51  HIS n 
1 52  GLY n 
1 53  ARG n 
1 54  ILE n 
1 55  ASP n 
1 56  PRO n 
1 57  TRP n 
1 58  LEU n 
1 59  PRO n 
1 60  GLN n 
1 61  SER n 
1 62  HIS n 
1 63  GLN n 
1 64  GLN n 
1 65  ASN n 
1 66  ARG n 
1 67  MSE n 
1 68  ILE n 
1 69  MSE n 
1 70  GLN n 
1 71  ILE n 
1 72  ALA n 
1 73  ALA n 
1 74  ASP n 
1 75  VAL n 
1 76  ALA n 
1 77  GLY n 
1 78  ARG n 
1 79  TYR n 
1 80  ALA n 
1 81  LYS n 
1 82  GLU n 
1 83  GLY n 
1 84  TYR n 
1 85  PHE n 
1 86  VAL n 
1 87  ILE n 
1 88  LEU n 
1 89  ASP n 
1 90  GLY n 
1 91  VAL n 
1 92  VAL n 
1 93  ARG n 
1 94  PRO n 
1 95  ASP n 
1 96  TRP n 
1 97  LEU n 
1 98  PRO n 
1 99  ALA n 
1 100 PHE n 
1 101 THR n 
1 102 ALA n 
1 103 LEU n 
1 104 ALA n 
1 105 ARG n 
1 106 PRO n 
1 107 LEU n 
1 108 HIS n 
1 109 TYR n 
1 110 ILE n 
1 111 VAL n 
1 112 LEU n 
1 113 ARG n 
1 114 THR n 
1 115 THR n 
1 116 ALA n 
1 117 ALA n 
1 118 GLU n 
1 119 ALA n 
1 120 ILE n 
1 121 GLU n 
1 122 ARG n 
1 123 CYS n 
1 124 LEU n 
1 125 ASP n 
1 126 ARG n 
1 127 GLY n 
1 128 GLY n 
1 129 ASP n 
1 130 SER n 
1 131 LEU n 
1 132 SER n 
1 133 ASP n 
1 134 PRO n 
1 135 LEU n 
1 136 VAL n 
1 137 VAL n 
1 138 ALA n 
1 139 ASP n 
1 140 LEU n 
1 141 HIS n 
1 142 SER n 
1 143 GLN n 
1 144 PHE n 
1 145 ALA n 
1 146 ASP n 
1 147 LEU n 
1 148 GLY n 
1 149 ALA n 
1 150 PHE n 
1 151 GLU n 
1 152 HIS n 
1 153 HIS n 
1 154 VAL n 
1 155 LEU n 
1 156 PRO n 
1 157 VAL n 
1 158 SER n 
1 159 GLY n 
1 160 LYS n 
1 161 ASP n 
1 162 THR n 
1 163 ASP n 
1 164 GLN n 
1 165 ALA n 
1 166 LEU n 
1 167 GLN n 
1 168 SER n 
1 169 ALA n 
1 170 ILE n 
1 171 ASN n 
1 172 ALA n 
1 173 LEU n 
1 174 GLN n 
1 175 SER n 
1 176 GLY n 
1 177 ARG n 
1 178 PHE n 
1 179 ARG n 
1 180 ILE n 
1 181 ASP n 
1 182 ALA n 
1 183 SER n 
1 184 LEU n 
1 185 GLU n 
1 186 HIS n 
1 187 HIS n 
1 188 HIS n 
1 189 HIS n 
1 190 HIS n 
1 191 HIS n 
# 
_entity_src_gen.entity_id                          1 
_entity_src_gen.pdbx_src_id                        1 
_entity_src_gen.pdbx_alt_source_flag               sample 
_entity_src_gen.pdbx_seq_type                      ? 
_entity_src_gen.pdbx_beg_seq_num                   ? 
_entity_src_gen.pdbx_end_seq_num                   ? 
_entity_src_gen.gene_src_common_name               ? 
_entity_src_gen.gene_src_genus                     Agrobacterium 
_entity_src_gen.pdbx_gene_src_gene                 ? 
_entity_src_gen.gene_src_species                   'Agrobacterium tumefaciens' 
_entity_src_gen.gene_src_strain                    'C58 / ATCC 33970' 
_entity_src_gen.gene_src_tissue                    ? 
_entity_src_gen.gene_src_tissue_fraction           ? 
_entity_src_gen.gene_src_details                   ? 
_entity_src_gen.pdbx_gene_src_fragment             ? 
_entity_src_gen.pdbx_gene_src_scientific_name      'Agrobacterium tumefaciens str. C58' 
_entity_src_gen.pdbx_gene_src_ncbi_taxonomy_id     176299 
_entity_src_gen.pdbx_gene_src_variant              ? 
_entity_src_gen.pdbx_gene_src_cell_line            ? 
_entity_src_gen.pdbx_gene_src_atcc                 ? 
_entity_src_gen.pdbx_gene_src_organ                ? 
_entity_src_gen.pdbx_gene_src_organelle            ? 
_entity_src_gen.pdbx_gene_src_cell                 ? 
_entity_src_gen.pdbx_gene_src_cellular_location    ? 
_entity_src_gen.host_org_common_name               ? 
_entity_src_gen.pdbx_host_org_scientific_name      'Escherichia coli' 
_entity_src_gen.pdbx_host_org_ncbi_taxonomy_id     562 
_entity_src_gen.host_org_genus                     Escherichia 
_entity_src_gen.pdbx_host_org_gene                 ? 
_entity_src_gen.pdbx_host_org_organ                ? 
_entity_src_gen.host_org_species                   ? 
_entity_src_gen.pdbx_host_org_tissue               ? 
_entity_src_gen.pdbx_host_org_tissue_fraction      ? 
_entity_src_gen.pdbx_host_org_strain               'BL21(DE3)+Magic' 
_entity_src_gen.pdbx_host_org_variant              ? 
_entity_src_gen.pdbx_host_org_cell_line            ? 
_entity_src_gen.pdbx_host_org_atcc                 ? 
_entity_src_gen.pdbx_host_org_culture_collection   ? 
_entity_src_gen.pdbx_host_org_cell                 ? 
_entity_src_gen.pdbx_host_org_organelle            ? 
_entity_src_gen.pdbx_host_org_cellular_location    ? 
_entity_src_gen.pdbx_host_org_vector_type          plasmid 
_entity_src_gen.pdbx_host_org_vector               ? 
_entity_src_gen.host_org_details                   ? 
_entity_src_gen.expression_system_id               ? 
_entity_src_gen.plasmid_name                       'pET21(BL21)' 
_entity_src_gen.plasmid_details                    ? 
_entity_src_gen.pdbx_description                   ? 
# 
loop_
_chem_comp.id 
_chem_comp.type 
_chem_comp.mon_nstd_flag 
_chem_comp.name 
_chem_comp.pdbx_synonyms 
_chem_comp.formula 
_chem_comp.formula_weight 
ALA 'L-peptide linking' y ALANINE          ? 'C3 H7 N O2'     89.093  
ARG 'L-peptide linking' y ARGININE         ? 'C6 H15 N4 O2 1' 175.209 
ASN 'L-peptide linking' y ASPARAGINE       ? 'C4 H8 N2 O3'    132.118 
ASP 'L-peptide linking' y 'ASPARTIC ACID'  ? 'C4 H7 N O4'     133.103 
CYS 'L-peptide linking' y CYSTEINE         ? 'C3 H7 N O2 S'   121.158 
GLN 'L-peptide linking' y GLUTAMINE        ? 'C5 H10 N2 O3'   146.144 
GLU 'L-peptide linking' y 'GLUTAMIC ACID'  ? 'C5 H9 N O4'     147.129 
GLY 'peptide linking'   y GLYCINE          ? 'C2 H5 N O2'     75.067  
HIS 'L-peptide linking' y HISTIDINE        ? 'C6 H10 N3 O2 1' 156.162 
HOH non-polymer         . WATER            ? 'H2 O'           18.015  
ILE 'L-peptide linking' y ISOLEUCINE       ? 'C6 H13 N O2'    131.173 
LEU 'L-peptide linking' y LEUCINE          ? 'C6 H13 N O2'    131.173 
LYS 'L-peptide linking' y LYSINE           ? 'C6 H15 N2 O2 1' 147.195 
MET 'L-peptide linking' y METHIONINE       ? 'C5 H11 N O2 S'  149.211 
MSE 'L-peptide linking' n SELENOMETHIONINE ? 'C5 H11 N O2 Se' 196.106 
PHE 'L-peptide linking' y PHENYLALANINE    ? 'C9 H11 N O2'    165.189 
PRO 'L-peptide linking' y PROLINE          ? 'C5 H9 N O2'     115.130 
SER 'L-peptide linking' y SERINE           ? 'C3 H7 N O3'     105.093 
SO4 non-polymer         . 'SULFATE ION'    ? 'O4 S -2'        96.063  
THR 'L-peptide linking' y THREONINE        ? 'C4 H9 N O3'     119.119 
TRP 'L-peptide linking' y TRYPTOPHAN       ? 'C11 H12 N2 O2'  204.225 
TYR 'L-peptide linking' y TYROSINE         ? 'C9 H11 N O3'    181.189 
VAL 'L-peptide linking' y VALINE           ? 'C5 H11 N O2'    117.146 
# 
loop_
_pdbx_poly_seq_scheme.asym_id 
_pdbx_poly_seq_scheme.entity_id 
_pdbx_poly_seq_scheme.seq_id 
_pdbx_poly_seq_scheme.mon_id 
_pdbx_poly_seq_scheme.ndb_seq_num 
_pdbx_poly_seq_scheme.pdb_seq_num 
_pdbx_poly_seq_scheme.auth_seq_num 
_pdbx_poly_seq_scheme.pdb_mon_id 
_pdbx_poly_seq_scheme.auth_mon_id 
_pdbx_poly_seq_scheme.pdb_strand_id 
_pdbx_poly_seq_scheme.pdb_ins_code 
_pdbx_poly_seq_scheme.hetero 
A 1 1   MET 1   1   ?   ?   ?   A . n 
A 1 2   ASN 2   2   ?   ?   ?   A . n 
A 1 3   MET 3   3   ?   ?   ?   A . n 
A 1 4   THR 4   4   ?   ?   ?   A . n 
A 1 5   ASP 5   5   ?   ?   ?   A . n 
A 1 6   ASP 6   6   6   ASP ASP A . n 
A 1 7   LEU 7   7   7   LEU LEU A . n 
A 1 8   GLY 8   8   8   GLY GLY A . n 
A 1 9   GLY 9   9   9   GLY GLY A . n 
A 1 10  ASN 10  10  10  ASN ASN A . n 
A 1 11  ILE 11  11  11  ILE ILE A . n 
A 1 12  LEU 12  12  12  LEU LEU A . n 
A 1 13  LEU 13  13  13  LEU LEU A . n 
A 1 14  LEU 14  14  14  LEU LEU A . n 
A 1 15  SER 15  15  15  SER SER A . n 
A 1 16  GLY 16  16  16  GLY GLY A . n 
A 1 17  HIS 17  17  17  HIS HIS A . n 
A 1 18  PRO 18  18  18  PRO PRO A . n 
A 1 19  GLY 19  19  19  GLY GLY A . n 
A 1 20  SER 20  20  20  SER SER A . n 
A 1 21  GLY 21  21  21  GLY GLY A . n 
A 1 22  LYS 22  22  22  LYS LYS A . n 
A 1 23  SER 23  23  23  SER SER A . n 
A 1 24  THR 24  24  24  THR THR A . n 
A 1 25  ILE 25  25  25  ILE ILE A . n 
A 1 26  ALA 26  26  26  ALA ALA A . n 
A 1 27  GLU 27  27  27  GLU GLU A . n 
A 1 28  ALA 28  28  28  ALA ALA A . n 
A 1 29  LEU 29  29  29  LEU LEU A . n 
A 1 30  ALA 30  30  30  ALA ALA A . n 
A 1 31  ASN 31  31  31  ASN ASN A . n 
A 1 32  LEU 32  32  32  LEU LEU A . n 
A 1 33  PRO 33  33  33  PRO PRO A . n 
A 1 34  GLY 34  34  34  GLY GLY A . n 
A 1 35  VAL 35  35  35  VAL VAL A . n 
A 1 36  PRO 36  36  36  PRO PRO A . n 
A 1 37  LYS 37  37  37  LYS LYS A . n 
A 1 38  VAL 38  38  38  VAL VAL A . n 
A 1 39  HIS 39  39  39  HIS HIS A . n 
A 1 40  PHE 40  40  40  PHE PHE A . n 
A 1 41  HIS 41  41  41  HIS HIS A . n 
A 1 42  SER 42  42  42  SER SER A . n 
A 1 43  ASP 43  43  43  ASP ASP A . n 
A 1 44  ASP 44  44  44  ASP ASP A . n 
A 1 45  LEU 45  45  45  LEU LEU A . n 
A 1 46  TRP 46  46  46  TRP TRP A . n 
A 1 47  GLY 47  47  47  GLY GLY A . n 
A 1 48  TYR 48  48  48  TYR TYR A . n 
A 1 49  ILE 49  49  49  ILE ILE A . n 
A 1 50  LYS 50  50  50  LYS LYS A . n 
A 1 51  HIS 51  51  51  HIS HIS A . n 
A 1 52  GLY 52  52  52  GLY GLY A . n 
A 1 53  ARG 53  53  53  ARG ARG A . n 
A 1 54  ILE 54  54  54  ILE ILE A . n 
A 1 55  ASP 55  55  55  ASP ASP A . n 
A 1 56  PRO 56  56  56  PRO PRO A . n 
A 1 57  TRP 57  57  57  TRP TRP A . n 
A 1 58  LEU 58  58  58  LEU LEU A . n 
A 1 59  PRO 59  59  59  PRO PRO A . n 
A 1 60  GLN 60  60  60  GLN GLN A . n 
A 1 61  SER 61  61  61  SER SER A . n 
A 1 62  HIS 62  62  62  HIS HIS A . n 
A 1 63  GLN 63  63  63  GLN GLN A . n 
A 1 64  GLN 64  64  64  GLN GLN A . n 
A 1 65  ASN 65  65  65  ASN ASN A . n 
A 1 66  ARG 66  66  66  ARG ARG A . n 
A 1 67  MSE 67  67  67  MSE MSE A . n 
A 1 68  ILE 68  68  68  ILE ILE A . n 
A 1 69  MSE 69  69  69  MSE MSE A . n 
A 1 70  GLN 70  70  70  GLN GLN A . n 
A 1 71  ILE 71  71  71  ILE ILE A . n 
A 1 72  ALA 72  72  72  ALA ALA A . n 
A 1 73  ALA 73  73  73  ALA ALA A . n 
A 1 74  ASP 74  74  74  ASP ASP A . n 
A 1 75  VAL 75  75  75  VAL VAL A . n 
A 1 76  ALA 76  76  76  ALA ALA A . n 
A 1 77  GLY 77  77  77  GLY GLY A . n 
A 1 78  ARG 78  78  78  ARG ARG A . n 
A 1 79  TYR 79  79  79  TYR TYR A . n 
A 1 80  ALA 80  80  80  ALA ALA A . n 
A 1 81  LYS 81  81  81  LYS LYS A . n 
A 1 82  GLU 82  82  82  GLU GLU A . n 
A 1 83  GLY 83  83  83  GLY GLY A . n 
A 1 84  TYR 84  84  84  TYR TYR A . n 
A 1 85  PHE 85  85  85  PHE PHE A . n 
A 1 86  VAL 86  86  86  VAL VAL A . n 
A 1 87  ILE 87  87  87  ILE ILE A . n 
A 1 88  LEU 88  88  88  LEU LEU A . n 
A 1 89  ASP 89  89  89  ASP ASP A . n 
A 1 90  GLY 90  90  90  GLY GLY A . n 
A 1 91  VAL 91  91  91  VAL VAL A . n 
A 1 92  VAL 92  92  92  VAL VAL A . n 
A 1 93  ARG 93  93  93  ARG ARG A . n 
A 1 94  PRO 94  94  94  PRO PRO A . n 
A 1 95  ASP 95  95  95  ASP ASP A . n 
A 1 96  TRP 96  96  96  TRP TRP A . n 
A 1 97  LEU 97  97  97  LEU LEU A . n 
A 1 98  PRO 98  98  98  PRO PRO A . n 
A 1 99  ALA 99  99  99  ALA ALA A . n 
A 1 100 PHE 100 100 100 PHE PHE A . n 
A 1 101 THR 101 101 101 THR THR A . n 
A 1 102 ALA 102 102 102 ALA ALA A . n 
A 1 103 LEU 103 103 103 LEU LEU A . n 
A 1 104 ALA 104 104 104 ALA ALA A . n 
A 1 105 ARG 105 105 105 ARG ARG A . n 
A 1 106 PRO 106 106 106 PRO PRO A . n 
A 1 107 LEU 107 107 107 LEU LEU A . n 
A 1 108 HIS 108 108 108 HIS HIS A . n 
A 1 109 TYR 109 109 109 TYR TYR A . n 
A 1 110 ILE 110 110 110 ILE ILE A . n 
A 1 111 VAL 111 111 111 VAL VAL A . n 
A 1 112 LEU 112 112 112 LEU LEU A . n 
A 1 113 ARG 113 113 113 ARG ARG A . n 
A 1 114 THR 114 114 114 THR THR A . n 
A 1 115 THR 115 115 115 THR THR A . n 
A 1 116 ALA 116 116 116 ALA ALA A . n 
A 1 117 ALA 117 117 117 ALA ALA A . n 
A 1 118 GLU 118 118 118 GLU GLU A . n 
A 1 119 ALA 119 119 119 ALA ALA A . n 
A 1 120 ILE 120 120 120 ILE ILE A . n 
A 1 121 GLU 121 121 121 GLU GLU A . n 
A 1 122 ARG 122 122 122 ARG ARG A . n 
A 1 123 CYS 123 123 123 CYS CYS A . n 
A 1 124 LEU 124 124 124 LEU LEU A . n 
A 1 125 ASP 125 125 125 ASP ASP A . n 
A 1 126 ARG 126 126 126 ARG ARG A . n 
A 1 127 GLY 127 127 127 GLY GLY A . n 
A 1 128 GLY 128 128 128 GLY GLY A . n 
A 1 129 ASP 129 129 129 ASP ASP A . n 
A 1 130 SER 130 130 130 SER SER A . n 
A 1 131 LEU 131 131 131 LEU LEU A . n 
A 1 132 SER 132 132 132 SER SER A . n 
A 1 133 ASP 133 133 133 ASP ASP A . n 
A 1 134 PRO 134 134 134 PRO PRO A . n 
A 1 135 LEU 135 135 135 LEU LEU A . n 
A 1 136 VAL 136 136 136 VAL VAL A . n 
A 1 137 VAL 137 137 137 VAL VAL A . n 
A 1 138 ALA 138 138 138 ALA ALA A . n 
A 1 139 ASP 139 139 139 ASP ASP A . n 
A 1 140 LEU 140 140 140 LEU LEU A . n 
A 1 141 HIS 141 141 141 HIS HIS A . n 
A 1 142 SER 142 142 142 SER SER A . n 
A 1 143 GLN 143 143 143 GLN GLN A . n 
A 1 144 PHE 144 144 144 PHE PHE A . n 
A 1 145 ALA 145 145 145 ALA ALA A . n 
A 1 146 ASP 146 146 146 ASP ASP A . n 
A 1 147 LEU 147 147 147 LEU LEU A . n 
A 1 148 GLY 148 148 148 GLY GLY A . n 
A 1 149 ALA 149 149 149 ALA ALA A . n 
A 1 150 PHE 150 150 150 PHE PHE A . n 
A 1 151 GLU 151 151 151 GLU GLU A . n 
A 1 152 HIS 152 152 152 HIS HIS A . n 
A 1 153 HIS 153 153 153 HIS HIS A . n 
A 1 154 VAL 154 154 154 VAL VAL A . n 
A 1 155 LEU 155 155 155 LEU LEU A . n 
A 1 156 PRO 156 156 156 PRO PRO A . n 
A 1 157 VAL 157 157 157 VAL VAL A . n 
A 1 158 SER 158 158 158 SER SER A . n 
A 1 159 GLY 159 159 159 GLY GLY A . n 
A 1 160 LYS 160 160 160 LYS LYS A . n 
A 1 161 ASP 161 161 161 ASP ASP A . n 
A 1 162 THR 162 162 162 THR THR A . n 
A 1 163 ASP 163 163 163 ASP ASP A . n 
A 1 164 GLN 164 164 164 GLN GLN A . n 
A 1 165 ALA 165 165 165 ALA ALA A . n 
A 1 166 LEU 166 166 166 LEU LEU A . n 
A 1 167 GLN 167 167 167 GLN GLN A . n 
A 1 168 SER 168 168 168 SER SER A . n 
A 1 169 ALA 169 169 169 ALA ALA A . n 
A 1 170 ILE 170 170 170 ILE ILE A . n 
A 1 171 ASN 171 171 171 ASN ASN A . n 
A 1 172 ALA 172 172 172 ALA ALA A . n 
A 1 173 LEU 173 173 173 LEU LEU A . n 
A 1 174 GLN 174 174 174 GLN GLN A . n 
A 1 175 SER 175 175 175 SER SER A . n 
A 1 176 GLY 176 176 176 GLY GLY A . n 
A 1 177 ARG 177 177 177 ARG ARG A . n 
A 1 178 PHE 178 178 178 PHE PHE A . n 
A 1 179 ARG 179 179 179 ARG ARG A . n 
A 1 180 ILE 180 180 180 ILE ILE A . n 
A 1 181 ASP 181 181 181 ASP ASP A . n 
A 1 182 ALA 182 182 ?   ?   ?   A . n 
A 1 183 SER 183 183 ?   ?   ?   A . n 
A 1 184 LEU 184 184 ?   ?   ?   A . n 
A 1 185 GLU 185 185 ?   ?   ?   A . n 
A 1 186 HIS 186 186 ?   ?   ?   A . n 
A 1 187 HIS 187 187 ?   ?   ?   A . n 
A 1 188 HIS 188 188 ?   ?   ?   A . n 
A 1 189 HIS 189 189 ?   ?   ?   A . n 
A 1 190 HIS 190 190 ?   ?   ?   A . n 
A 1 191 HIS 191 191 ?   ?   ?   A . n 
# 
loop_
_pdbx_nonpoly_scheme.asym_id 
_pdbx_nonpoly_scheme.entity_id 
_pdbx_nonpoly_scheme.mon_id 
_pdbx_nonpoly_scheme.ndb_seq_num 
_pdbx_nonpoly_scheme.pdb_seq_num 
_pdbx_nonpoly_scheme.auth_seq_num 
_pdbx_nonpoly_scheme.pdb_mon_id 
_pdbx_nonpoly_scheme.auth_mon_id 
_pdbx_nonpoly_scheme.pdb_strand_id 
_pdbx_nonpoly_scheme.pdb_ins_code 
B 2 SO4 1 201 201 SO4 SO4 A . 
C 3 HOH 1 202 1   HOH HOH A . 
C 3 HOH 2 203 2   HOH HOH A . 
C 3 HOH 3 204 3   HOH HOH A . 
C 3 HOH 4 205 4   HOH HOH A . 
C 3 HOH 5 206 5   HOH HOH A . 
# 
loop_
_software.name 
_software.classification 
_software.version 
_software.citation_id 
_software.pdbx_ordinal 
CNS     refinement       1.1 ? 1 
DENZO   'data reduction' .   ? 2 
SDMS    'data scaling'   .   ? 3 
SnB     phasing          .   ? 4 
SOLVE   phasing          .   ? 5 
RESOLVE phasing          .   ? 6 
# 
_cell.entry_id           1ZP6 
_cell.length_a           91.960 
_cell.length_b           91.960 
_cell.length_c           173.603 
_cell.angle_alpha        90.00 
_cell.angle_beta         90.00 
_cell.angle_gamma        90.00 
_cell.Z_PDB              16 
_cell.pdbx_unique_axis   ? 
# 
_symmetry.entry_id                         1ZP6 
_symmetry.space_group_name_H-M             'I 41 2 2' 
_symmetry.pdbx_full_space_group_name_H-M   ? 
_symmetry.cell_setting                     ? 
_symmetry.Int_Tables_number                98 
_symmetry.space_group_name_Hall            ? 
# 
_exptl.entry_id          1ZP6 
_exptl.method            'X-RAY DIFFRACTION' 
_exptl.crystals_number   1 
# 
_exptl_crystal.id                    1 
_exptl_crystal.density_meas          ? 
_exptl_crystal.density_Matthews      4.6 
_exptl_crystal.density_percent_sol   72.7 
_exptl_crystal.description           ? 
_exptl_crystal.F_000                 ? 
_exptl_crystal.preparation           ? 
# 
_exptl_crystal_grow.crystal_id      1 
_exptl_crystal_grow.method          'VAPOR DIFFUSION, HANGING DROP' 
_exptl_crystal_grow.temp            293 
_exptl_crystal_grow.temp_details    ? 
_exptl_crystal_grow.pH              6.15 
_exptl_crystal_grow.pdbx_details    
'50 mM MES, 1140 mM ammonium sulfate, and 5 mM DTT., pH 6.15, VAPOR DIFFUSION, HANGING DROP, temperature 293K' 
_exptl_crystal_grow.pdbx_pH_range   . 
# 
_diffrn.id                     1 
_diffrn.ambient_temp           100 
_diffrn.ambient_temp_details   ? 
_diffrn.crystal_id             1 
# 
_diffrn_detector.diffrn_id              1 
_diffrn_detector.detector               CCD 
_diffrn_detector.type                   'ADSC QUANTUM 4' 
_diffrn_detector.pdbx_collection_date   2005-03-01 
_diffrn_detector.details                mirrors. 
# 
_diffrn_radiation.diffrn_id                        1 
_diffrn_radiation.wavelength_id                    1 
_diffrn_radiation.pdbx_monochromatic_or_laue_m_l   M 
_diffrn_radiation.monochromator                    'Si 111 CHANNEL' 
_diffrn_radiation.pdbx_diffrn_protocol             MAD 
_diffrn_radiation.pdbx_scattering_type             x-ray 
# 
loop_
_diffrn_radiation_wavelength.id 
_diffrn_radiation_wavelength.wavelength 
_diffrn_radiation_wavelength.wt 
1 0.979756 1.0 
2 0.97930  1.0 
3 0.96817  1.0 
# 
_diffrn_source.diffrn_id                   1 
_diffrn_source.source                      SYNCHROTRON 
_diffrn_source.type                        'NSLS BEAMLINE X4A' 
_diffrn_source.pdbx_synchrotron_site       NSLS 
_diffrn_source.pdbx_synchrotron_beamline   X4A 
_diffrn_source.pdbx_wavelength             ? 
_diffrn_source.pdbx_wavelength_list        '0.979756, 0.97930, 0.96817' 
# 
_reflns.entry_id                     1ZP6 
_reflns.observed_criterion_sigma_I   0 
_reflns.observed_criterion_sigma_F   0 
_reflns.d_resolution_low             30.0 
_reflns.d_resolution_high            3.2 
_reflns.number_obs                   11773 
_reflns.number_all                   11738 
_reflns.percent_possible_obs         ? 
_reflns.pdbx_Rmerge_I_obs            0.098 
_reflns.pdbx_Rsym_value              0.067 
_reflns.pdbx_netI_over_sigmaI        24.24 
_reflns.B_iso_Wilson_estimate        65.4 
_reflns.pdbx_redundancy              13.7 
_reflns.R_free_details               ? 
_reflns.limit_h_max                  ? 
_reflns.limit_h_min                  ? 
_reflns.limit_k_max                  ? 
_reflns.limit_k_min                  ? 
_reflns.limit_l_max                  ? 
_reflns.limit_l_min                  ? 
_reflns.observed_criterion_F_max     ? 
_reflns.observed_criterion_F_min     ? 
_reflns.pdbx_chi_squared             ? 
_reflns.pdbx_scaling_rejects         ? 
_reflns.pdbx_diffrn_id               1 
_reflns.pdbx_ordinal                 1 
# 
_reflns_shell.d_res_high             3.2 
_reflns_shell.d_res_low              3.31 
_reflns_shell.percent_possible_all   99.2 
_reflns_shell.Rmerge_I_obs           0.461 
_reflns_shell.pdbx_Rsym_value        0.357 
_reflns_shell.meanI_over_sigI_obs    4.25 
_reflns_shell.pdbx_redundancy        10.9 
_reflns_shell.percent_possible_obs   ? 
_reflns_shell.number_unique_all      ? 
_reflns_shell.number_measured_all    ? 
_reflns_shell.number_measured_obs    ? 
_reflns_shell.number_unique_obs      ? 
_reflns_shell.pdbx_chi_squared       ? 
_reflns_shell.pdbx_diffrn_id         ? 
_reflns_shell.pdbx_ordinal           1 
# 
_refine.entry_id                                 1ZP6 
_refine.ls_number_reflns_obs                     10367 
_refine.ls_number_reflns_all                     11738 
_refine.pdbx_ls_sigma_I                          ? 
_refine.pdbx_ls_sigma_F                          2.0 
_refine.pdbx_data_cutoff_high_absF               229100.00 
_refine.pdbx_data_cutoff_low_absF                0.000000 
_refine.pdbx_data_cutoff_high_rms_absF           ? 
_refine.ls_d_res_low                             29.08 
_refine.ls_d_res_high                            3.20 
_refine.ls_percent_reflns_obs                    88.4 
_refine.ls_R_factor_obs                          0.253 
_refine.ls_R_factor_all                          ? 
_refine.ls_R_factor_R_work                       0.253 
_refine.ls_R_factor_R_free                       0.322 
_refine.ls_R_factor_R_free_error                 0.010 
_refine.ls_R_factor_R_free_error_details         ? 
_refine.ls_percent_reflns_R_free                 9.9 
_refine.ls_number_reflns_R_free                  1025 
_refine.ls_number_parameters                     ? 
_refine.ls_number_restraints                     ? 
_refine.occupancy_min                            ? 
_refine.occupancy_max                            ? 
_refine.correlation_coeff_Fo_to_Fc               ? 
_refine.correlation_coeff_Fo_to_Fc_free          ? 
_refine.B_iso_mean                               70.6 
_refine.aniso_B[1][1]                            16.09 
_refine.aniso_B[2][2]                            16.09 
_refine.aniso_B[3][3]                            -32.19 
_refine.aniso_B[1][2]                            0.00 
_refine.aniso_B[1][3]                            0.00 
_refine.aniso_B[2][3]                            0.00 
_refine.solvent_model_details                    'FLAT MODEL' 
_refine.solvent_model_param_ksol                 0.246345 
_refine.solvent_model_param_bsol                 10.5365 
_refine.pdbx_solvent_vdw_probe_radii             ? 
_refine.pdbx_solvent_ion_probe_radii             ? 
_refine.pdbx_solvent_shrinkage_radii             ? 
_refine.pdbx_ls_cross_valid_method               THROUGHOUT 
_refine.details                                  ? 
_refine.pdbx_starting_model                      ? 
_refine.pdbx_method_to_determine_struct          MAD 
_refine.pdbx_isotropic_thermal_model             OVERALL 
_refine.pdbx_stereochemistry_target_values       'Engh & Huber' 
_refine.pdbx_stereochem_target_val_spec_case     ? 
_refine.pdbx_R_Free_selection_details            RANDOM 
_refine.pdbx_overall_ESU_R                       ? 
_refine.pdbx_overall_ESU_R_Free                  ? 
_refine.overall_SU_ML                            ? 
_refine.overall_SU_B                             ? 
_refine.ls_redundancy_reflns_obs                 ? 
_refine.B_iso_min                                ? 
_refine.B_iso_max                                ? 
_refine.overall_SU_R_Cruickshank_DPI             ? 
_refine.overall_SU_R_free                        ? 
_refine.ls_wR_factor_R_free                      ? 
_refine.ls_wR_factor_R_work                      ? 
_refine.overall_FOM_free_R_set                   ? 
_refine.overall_FOM_work_R_set                   ? 
_refine.pdbx_refine_id                           'X-RAY DIFFRACTION' 
_refine.pdbx_diffrn_id                           1 
_refine.pdbx_TLS_residual_ADP_flag               ? 
_refine.pdbx_overall_phase_error                 ? 
_refine.pdbx_overall_SU_R_free_Cruickshank_DPI   ? 
_refine.pdbx_overall_SU_R_Blow_DPI               ? 
_refine.pdbx_overall_SU_R_free_Blow_DPI          ? 
# 
_refine_analyze.entry_id                        1ZP6 
_refine_analyze.Luzzati_coordinate_error_obs    0.41 
_refine_analyze.Luzzati_sigma_a_obs             0.39 
_refine_analyze.Luzzati_d_res_low_obs           5.00 
_refine_analyze.Luzzati_coordinate_error_free   0.56 
_refine_analyze.Luzzati_sigma_a_free            0.31 
_refine_analyze.Luzzati_d_res_low_free          ? 
_refine_analyze.number_disordered_residues      ? 
_refine_analyze.occupancy_sum_hydrogen          ? 
_refine_analyze.occupancy_sum_non_hydrogen      ? 
_refine_analyze.pdbx_Luzzati_d_res_high_obs     ? 
_refine_analyze.pdbx_refine_id                  'X-RAY DIFFRACTION' 
# 
_refine_hist.pdbx_refine_id                   'X-RAY DIFFRACTION' 
_refine_hist.cycle_id                         LAST 
_refine_hist.pdbx_number_atoms_protein        1355 
_refine_hist.pdbx_number_atoms_nucleic_acid   0 
_refine_hist.pdbx_number_atoms_ligand         5 
_refine_hist.number_atoms_solvent             5 
_refine_hist.number_atoms_total               1365 
_refine_hist.d_res_high                       3.20 
_refine_hist.d_res_low                        29.08 
# 
loop_
_refine_ls_restr.type 
_refine_ls_restr.dev_ideal 
_refine_ls_restr.dev_ideal_target 
_refine_ls_restr.weight 
_refine_ls_restr.number 
_refine_ls_restr.pdbx_refine_id 
_refine_ls_restr.pdbx_restraint_function 
c_bond_d                0.009 ? ? ? 'X-RAY DIFFRACTION' ? 
c_bond_d_na             ?     ? ? ? 'X-RAY DIFFRACTION' ? 
c_bond_d_prot           ?     ? ? ? 'X-RAY DIFFRACTION' ? 
c_angle_d               ?     ? ? ? 'X-RAY DIFFRACTION' ? 
c_angle_d_na            ?     ? ? ? 'X-RAY DIFFRACTION' ? 
c_angle_d_prot          ?     ? ? ? 'X-RAY DIFFRACTION' ? 
c_angle_deg             1.3   ? ? ? 'X-RAY DIFFRACTION' ? 
c_angle_deg_na          ?     ? ? ? 'X-RAY DIFFRACTION' ? 
c_angle_deg_prot        ?     ? ? ? 'X-RAY DIFFRACTION' ? 
c_dihedral_angle_d      23.5  ? ? ? 'X-RAY DIFFRACTION' ? 
c_dihedral_angle_d_na   ?     ? ? ? 'X-RAY DIFFRACTION' ? 
c_dihedral_angle_d_prot ?     ? ? ? 'X-RAY DIFFRACTION' ? 
c_improper_angle_d      0.88  ? ? ? 'X-RAY DIFFRACTION' ? 
c_improper_angle_d_na   ?     ? ? ? 'X-RAY DIFFRACTION' ? 
c_improper_angle_d_prot ?     ? ? ? 'X-RAY DIFFRACTION' ? 
c_mcbond_it             ?     ? ? ? 'X-RAY DIFFRACTION' ? 
c_mcangle_it            ?     ? ? ? 'X-RAY DIFFRACTION' ? 
c_scbond_it             ?     ? ? ? 'X-RAY DIFFRACTION' ? 
c_scangle_it            ?     ? ? ? 'X-RAY DIFFRACTION' ? 
# 
_refine_ls_shell.pdbx_total_number_of_bins_used   6 
_refine_ls_shell.d_res_high                       3.20 
_refine_ls_shell.d_res_low                        3.40 
_refine_ls_shell.number_reflns_R_work             1176 
_refine_ls_shell.R_factor_R_work                  0.299 
_refine_ls_shell.percent_reflns_obs               66.6 
_refine_ls_shell.R_factor_R_free                  0.379 
_refine_ls_shell.R_factor_R_free_error            0.034 
_refine_ls_shell.percent_reflns_R_free            9.6 
_refine_ls_shell.number_reflns_R_free             125 
_refine_ls_shell.redundancy_reflns_obs            ? 
_refine_ls_shell.number_reflns_all                ? 
_refine_ls_shell.number_reflns_obs                ? 
_refine_ls_shell.pdbx_refine_id                   'X-RAY DIFFRACTION' 
_refine_ls_shell.R_factor_all                     ? 
# 
_struct.entry_id                  1ZP6 
_struct.title                     
;Crystal Structure of Atu3015, a Putative Cytidylate Kinase from Agrobacterium tumefaciens, Northeast Structural Genomics Target AtR62
;
_struct.pdbx_model_details        ? 
_struct.pdbx_CASP_flag            ? 
_struct.pdbx_model_type_details   ? 
# 
_struct_keywords.entry_id        1ZP6 
_struct_keywords.pdbx_keywords   'STRUCTURAL GENOMICS, UNKNOWN FUNCTION' 
_struct_keywords.text            
;alpha-beta protein., Structural Genomics, PSI, Protein Structure Initiative, Northeast Structural Genomics Consortium, NESG, UNKNOWN FUNCTION
;
# 
loop_
_struct_asym.id 
_struct_asym.pdbx_blank_PDB_chainid_flag 
_struct_asym.pdbx_modified 
_struct_asym.entity_id 
_struct_asym.details 
A N N 1 ? 
B N N 2 ? 
C N N 3 ? 
# 
_struct_ref.id                         1 
_struct_ref.db_name                    UNP 
_struct_ref.db_code                    Q8UBK1_AGRT5 
_struct_ref.pdbx_db_accession          Q8UBK1 
_struct_ref.entity_id                  1 
_struct_ref.pdbx_seq_one_letter_code   
;MNMTDDLGGNILLLSGHPGSGKSTIAEALANLPGVPKVHFHSDDLWGYIKHGRIDPWLPQSHQQNRMIMQIAADVAGRYA
KEGYFVILDGVVRPDWLPAFTALARPLHYIVLRTTAAEAIERCLDRGGDSLSDPLVVADLHSQFADLGAFEHHVLPVSGK
DTDQALQSAINALQSGRFRIDAS
;
_struct_ref.pdbx_align_begin           1 
_struct_ref.pdbx_db_isoform            ? 
# 
_struct_ref_seq.align_id                      1 
_struct_ref_seq.ref_id                        1 
_struct_ref_seq.pdbx_PDB_id_code              1ZP6 
_struct_ref_seq.pdbx_strand_id                A 
_struct_ref_seq.seq_align_beg                 1 
_struct_ref_seq.pdbx_seq_align_beg_ins_code   ? 
_struct_ref_seq.seq_align_end                 183 
_struct_ref_seq.pdbx_seq_align_end_ins_code   ? 
_struct_ref_seq.pdbx_db_accession             Q8UBK1 
_struct_ref_seq.db_align_beg                  1 
_struct_ref_seq.pdbx_db_align_beg_ins_code    ? 
_struct_ref_seq.db_align_end                  183 
_struct_ref_seq.pdbx_db_align_end_ins_code    ? 
_struct_ref_seq.pdbx_auth_seq_align_beg       1 
_struct_ref_seq.pdbx_auth_seq_align_end       183 
# 
loop_
_struct_ref_seq_dif.align_id 
_struct_ref_seq_dif.pdbx_pdb_id_code 
_struct_ref_seq_dif.mon_id 
_struct_ref_seq_dif.pdbx_pdb_strand_id 
_struct_ref_seq_dif.seq_num 
_struct_ref_seq_dif.pdbx_pdb_ins_code 
_struct_ref_seq_dif.pdbx_seq_db_name 
_struct_ref_seq_dif.pdbx_seq_db_accession_code 
_struct_ref_seq_dif.db_mon_id 
_struct_ref_seq_dif.pdbx_seq_db_seq_num 
_struct_ref_seq_dif.details 
_struct_ref_seq_dif.pdbx_auth_seq_num 
_struct_ref_seq_dif.pdbx_ordinal 
1 1ZP6 MSE A 67  ? UNP Q8UBK1 MET 67 'modified residue' 67  1  
1 1ZP6 MSE A 69  ? UNP Q8UBK1 MET 69 'modified residue' 69  2  
1 1ZP6 LEU A 184 ? UNP Q8UBK1 ?   ?  'cloning artifact' 184 3  
1 1ZP6 GLU A 185 ? UNP Q8UBK1 ?   ?  'cloning artifact' 185 4  
1 1ZP6 HIS A 186 ? UNP Q8UBK1 ?   ?  'cloning artifact' 186 5  
1 1ZP6 HIS A 187 ? UNP Q8UBK1 ?   ?  'cloning artifact' 187 6  
1 1ZP6 HIS A 188 ? UNP Q8UBK1 ?   ?  'cloning artifact' 188 7  
1 1ZP6 HIS A 189 ? UNP Q8UBK1 ?   ?  'cloning artifact' 189 8  
1 1ZP6 HIS A 190 ? UNP Q8UBK1 ?   ?  'cloning artifact' 190 9  
1 1ZP6 HIS A 191 ? UNP Q8UBK1 ?   ?  'cloning artifact' 191 10 
# 
_pdbx_struct_assembly.id                   1 
_pdbx_struct_assembly.details              author_defined_assembly 
_pdbx_struct_assembly.method_details       ? 
_pdbx_struct_assembly.oligomeric_details   dimeric 
_pdbx_struct_assembly.oligomeric_count     2 
# 
_pdbx_struct_assembly_gen.assembly_id       1 
_pdbx_struct_assembly_gen.oper_expression   1,2 
_pdbx_struct_assembly_gen.asym_id_list      A,B,C 
# 
loop_
_pdbx_struct_oper_list.id 
_pdbx_struct_oper_list.type 
_pdbx_struct_oper_list.name 
_pdbx_struct_oper_list.symmetry_operation 
_pdbx_struct_oper_list.matrix[1][1] 
_pdbx_struct_oper_list.matrix[1][2] 
_pdbx_struct_oper_list.matrix[1][3] 
_pdbx_struct_oper_list.vector[1] 
_pdbx_struct_oper_list.matrix[2][1] 
_pdbx_struct_oper_list.matrix[2][2] 
_pdbx_struct_oper_list.matrix[2][3] 
_pdbx_struct_oper_list.vector[2] 
_pdbx_struct_oper_list.matrix[3][1] 
_pdbx_struct_oper_list.matrix[3][2] 
_pdbx_struct_oper_list.matrix[3][3] 
_pdbx_struct_oper_list.vector[3] 
1 'identity operation'         1_555 x,y,z           1.0000000000  0.0000000000 0.0000000000  0.0000000000   0.0000000000 1.0000000000 0.0000000000  0.0000000000 0.0000000000  0.0000000000  1.0000000000  0.0000000000   
2 'crystal symmetry operation' 5_555 -x+1/2,y,-z+3/4 -0.6221312070 0.7418362293 -0.2502634015 -25.1062981319 0.7418362293 0.4563811602 -0.4913199014 9.3632970450 -0.2502634015 -0.4913199014 -0.8342499532 -10.1527174256 
# 
loop_
_struct_conf.conf_type_id 
_struct_conf.id 
_struct_conf.pdbx_PDB_helix_id 
_struct_conf.beg_label_comp_id 
_struct_conf.beg_label_asym_id 
_struct_conf.beg_label_seq_id 
_struct_conf.pdbx_beg_PDB_ins_code 
_struct_conf.end_label_comp_id 
_struct_conf.end_label_asym_id 
_struct_conf.end_label_seq_id 
_struct_conf.pdbx_end_PDB_ins_code 
_struct_conf.beg_auth_comp_id 
_struct_conf.beg_auth_asym_id 
_struct_conf.beg_auth_seq_id 
_struct_conf.end_auth_comp_id 
_struct_conf.end_auth_asym_id 
_struct_conf.end_auth_seq_id 
_struct_conf.pdbx_PDB_helix_class 
_struct_conf.details 
_struct_conf.pdbx_PDB_helix_length 
HELX_P HELX_P1 1 GLY A 21  ? ASN A 31  ? GLY A 21  ASN A 31  1 ? 11 
HELX_P HELX_P2 2 ASP A 43  ? TYR A 48  ? ASP A 43  TYR A 48  1 ? 6  
HELX_P HELX_P3 3 GLN A 60  ? GLU A 82  ? GLN A 60  GLU A 82  1 ? 23 
HELX_P HELX_P4 4 LEU A 97  ? ALA A 102 ? LEU A 97  ALA A 102 1 ? 6  
HELX_P HELX_P5 5 THR A 115 ? ASP A 125 ? THR A 115 ASP A 125 1 ? 11 
HELX_P HELX_P6 6 ASP A 133 ? PHE A 144 ? ASP A 133 PHE A 144 1 ? 12 
HELX_P HELX_P7 7 ALA A 145 ? ASP A 146 ? ALA A 145 ASP A 146 5 ? 2  
HELX_P HELX_P8 8 LEU A 147 ? HIS A 152 ? LEU A 147 HIS A 152 5 ? 6  
HELX_P HELX_P9 9 ALA A 169 ? GLY A 176 ? ALA A 169 GLY A 176 1 ? 8  
# 
_struct_conf_type.id          HELX_P 
_struct_conf_type.criteria    ? 
_struct_conf_type.reference   ? 
# 
loop_
_struct_conn.id 
_struct_conn.conn_type_id 
_struct_conn.pdbx_leaving_atom_flag 
_struct_conn.pdbx_PDB_id 
_struct_conn.ptnr1_label_asym_id 
_struct_conn.ptnr1_label_comp_id 
_struct_conn.ptnr1_label_seq_id 
_struct_conn.ptnr1_label_atom_id 
_struct_conn.pdbx_ptnr1_label_alt_id 
_struct_conn.pdbx_ptnr1_PDB_ins_code 
_struct_conn.pdbx_ptnr1_standard_comp_id 
_struct_conn.ptnr1_symmetry 
_struct_conn.ptnr2_label_asym_id 
_struct_conn.ptnr2_label_comp_id 
_struct_conn.ptnr2_label_seq_id 
_struct_conn.ptnr2_label_atom_id 
_struct_conn.pdbx_ptnr2_label_alt_id 
_struct_conn.pdbx_ptnr2_PDB_ins_code 
_struct_conn.ptnr1_auth_asym_id 
_struct_conn.ptnr1_auth_comp_id 
_struct_conn.ptnr1_auth_seq_id 
_struct_conn.ptnr2_auth_asym_id 
_struct_conn.ptnr2_auth_comp_id 
_struct_conn.ptnr2_auth_seq_id 
_struct_conn.ptnr2_symmetry 
_struct_conn.pdbx_ptnr3_label_atom_id 
_struct_conn.pdbx_ptnr3_label_seq_id 
_struct_conn.pdbx_ptnr3_label_comp_id 
_struct_conn.pdbx_ptnr3_label_asym_id 
_struct_conn.pdbx_ptnr3_label_alt_id 
_struct_conn.pdbx_ptnr3_PDB_ins_code 
_struct_conn.details 
_struct_conn.pdbx_dist_value 
_struct_conn.pdbx_value_order 
_struct_conn.pdbx_role 
covale1 covale both ? A ARG 66 C ? ? ? 1_555 A MSE 67 N ? ? A ARG 66 A MSE 67 1_555 ? ? ? ? ? ? ? 1.327 ? ? 
covale2 covale both ? A MSE 67 C ? ? ? 1_555 A ILE 68 N ? ? A MSE 67 A ILE 68 1_555 ? ? ? ? ? ? ? 1.329 ? ? 
covale3 covale both ? A ILE 68 C ? ? ? 1_555 A MSE 69 N ? ? A ILE 68 A MSE 69 1_555 ? ? ? ? ? ? ? 1.322 ? ? 
covale4 covale both ? A MSE 69 C ? ? ? 1_555 A GLN 70 N ? ? A MSE 69 A GLN 70 1_555 ? ? ? ? ? ? ? 1.328 ? ? 
# 
_struct_conn_type.id          covale 
_struct_conn_type.criteria    ? 
_struct_conn_type.reference   ? 
# 
loop_
_pdbx_modification_feature.ordinal 
_pdbx_modification_feature.label_comp_id 
_pdbx_modification_feature.label_asym_id 
_pdbx_modification_feature.label_seq_id 
_pdbx_modification_feature.label_alt_id 
_pdbx_modification_feature.modified_residue_label_comp_id 
_pdbx_modification_feature.modified_residue_label_asym_id 
_pdbx_modification_feature.modified_residue_label_seq_id 
_pdbx_modification_feature.modified_residue_label_alt_id 
_pdbx_modification_feature.auth_comp_id 
_pdbx_modification_feature.auth_asym_id 
_pdbx_modification_feature.auth_seq_id 
_pdbx_modification_feature.PDB_ins_code 
_pdbx_modification_feature.symmetry 
_pdbx_modification_feature.modified_residue_auth_comp_id 
_pdbx_modification_feature.modified_residue_auth_asym_id 
_pdbx_modification_feature.modified_residue_auth_seq_id 
_pdbx_modification_feature.modified_residue_PDB_ins_code 
_pdbx_modification_feature.modified_residue_symmetry 
_pdbx_modification_feature.comp_id_linking_atom 
_pdbx_modification_feature.modified_residue_id_linking_atom 
_pdbx_modification_feature.modified_residue_id 
_pdbx_modification_feature.ref_pcm_id 
_pdbx_modification_feature.ref_comp_id 
_pdbx_modification_feature.type 
_pdbx_modification_feature.category 
1 MSE A 67 ? . . . . MSE A 67 ? 1_555 . . . . . . . MET 1 MSE Selenomethionine 'Named protein modification' 
2 MSE A 69 ? . . . . MSE A 69 ? 1_555 . . . . . . . MET 1 MSE Selenomethionine 'Named protein modification' 
# 
_struct_mon_prot_cis.pdbx_id                1 
_struct_mon_prot_cis.label_comp_id          LEU 
_struct_mon_prot_cis.label_seq_id           58 
_struct_mon_prot_cis.label_asym_id          A 
_struct_mon_prot_cis.label_alt_id           . 
_struct_mon_prot_cis.pdbx_PDB_ins_code      ? 
_struct_mon_prot_cis.auth_comp_id           LEU 
_struct_mon_prot_cis.auth_seq_id            58 
_struct_mon_prot_cis.auth_asym_id           A 
_struct_mon_prot_cis.pdbx_label_comp_id_2   PRO 
_struct_mon_prot_cis.pdbx_label_seq_id_2    59 
_struct_mon_prot_cis.pdbx_label_asym_id_2   A 
_struct_mon_prot_cis.pdbx_PDB_ins_code_2    ? 
_struct_mon_prot_cis.pdbx_auth_comp_id_2    PRO 
_struct_mon_prot_cis.pdbx_auth_seq_id_2     59 
_struct_mon_prot_cis.pdbx_auth_asym_id_2    A 
_struct_mon_prot_cis.pdbx_PDB_model_num     1 
_struct_mon_prot_cis.pdbx_omega_angle       -0.38 
# 
_struct_sheet.id               A 
_struct_sheet.type             ? 
_struct_sheet.number_strands   5 
_struct_sheet.details          ? 
# 
loop_
_struct_sheet_order.sheet_id 
_struct_sheet_order.range_id_1 
_struct_sheet_order.range_id_2 
_struct_sheet_order.offset 
_struct_sheet_order.sense 
A 1 2 ? parallel 
A 2 3 ? parallel 
A 3 4 ? parallel 
A 4 5 ? parallel 
# 
loop_
_struct_sheet_range.sheet_id 
_struct_sheet_range.id 
_struct_sheet_range.beg_label_comp_id 
_struct_sheet_range.beg_label_asym_id 
_struct_sheet_range.beg_label_seq_id 
_struct_sheet_range.pdbx_beg_PDB_ins_code 
_struct_sheet_range.end_label_comp_id 
_struct_sheet_range.end_label_asym_id 
_struct_sheet_range.end_label_seq_id 
_struct_sheet_range.pdbx_end_PDB_ins_code 
_struct_sheet_range.beg_auth_comp_id 
_struct_sheet_range.beg_auth_asym_id 
_struct_sheet_range.beg_auth_seq_id 
_struct_sheet_range.end_auth_comp_id 
_struct_sheet_range.end_auth_asym_id 
_struct_sheet_range.end_auth_seq_id 
A 1 LYS A 37  ? PHE A 40  ? LYS A 37  PHE A 40  
A 2 PHE A 85  ? LEU A 88  ? PHE A 85  LEU A 88  
A 3 ASN A 10  ? GLY A 16  ? ASN A 10  GLY A 16  
A 4 LEU A 107 ? ARG A 113 ? LEU A 107 ARG A 113 
A 5 VAL A 154 ? PRO A 156 ? VAL A 154 PRO A 156 
# 
loop_
_pdbx_struct_sheet_hbond.sheet_id 
_pdbx_struct_sheet_hbond.range_id_1 
_pdbx_struct_sheet_hbond.range_id_2 
_pdbx_struct_sheet_hbond.range_1_label_atom_id 
_pdbx_struct_sheet_hbond.range_1_label_comp_id 
_pdbx_struct_sheet_hbond.range_1_label_asym_id 
_pdbx_struct_sheet_hbond.range_1_label_seq_id 
_pdbx_struct_sheet_hbond.range_1_PDB_ins_code 
_pdbx_struct_sheet_hbond.range_1_auth_atom_id 
_pdbx_struct_sheet_hbond.range_1_auth_comp_id 
_pdbx_struct_sheet_hbond.range_1_auth_asym_id 
_pdbx_struct_sheet_hbond.range_1_auth_seq_id 
_pdbx_struct_sheet_hbond.range_2_label_atom_id 
_pdbx_struct_sheet_hbond.range_2_label_comp_id 
_pdbx_struct_sheet_hbond.range_2_label_asym_id 
_pdbx_struct_sheet_hbond.range_2_label_seq_id 
_pdbx_struct_sheet_hbond.range_2_PDB_ins_code 
_pdbx_struct_sheet_hbond.range_2_auth_atom_id 
_pdbx_struct_sheet_hbond.range_2_auth_comp_id 
_pdbx_struct_sheet_hbond.range_2_auth_asym_id 
_pdbx_struct_sheet_hbond.range_2_auth_seq_id 
A 1 2 N PHE A 40  ? N PHE A 40  O ILE A 87  ? O ILE A 87  
A 2 3 O LEU A 88  ? O LEU A 88  N LEU A 12  ? N LEU A 12  
A 3 4 N SER A 15  ? N SER A 15  O LEU A 112 ? O LEU A 112 
A 4 5 N VAL A 111 ? N VAL A 111 O LEU A 155 ? O LEU A 155 
# 
_struct_site.id                   AC1 
_struct_site.pdbx_evidence_code   Software 
_struct_site.pdbx_auth_asym_id    A 
_struct_site.pdbx_auth_comp_id    SO4 
_struct_site.pdbx_auth_seq_id     201 
_struct_site.pdbx_auth_ins_code   ? 
_struct_site.pdbx_num_residues    8 
_struct_site.details              'BINDING SITE FOR RESIDUE SO4 A 201' 
# 
loop_
_struct_site_gen.id 
_struct_site_gen.site_id 
_struct_site_gen.pdbx_num_res 
_struct_site_gen.label_comp_id 
_struct_site_gen.label_asym_id 
_struct_site_gen.label_seq_id 
_struct_site_gen.pdbx_auth_ins_code 
_struct_site_gen.auth_comp_id 
_struct_site_gen.auth_asym_id 
_struct_site_gen.auth_seq_id 
_struct_site_gen.label_atom_id 
_struct_site_gen.label_alt_id 
_struct_site_gen.symmetry 
_struct_site_gen.details 
1 AC1 8 HIS A 17  ? HIS A 17  . ? 1_555 ? 
2 AC1 8 PRO A 18  ? PRO A 18  . ? 1_555 ? 
3 AC1 8 GLY A 19  ? GLY A 19  . ? 1_555 ? 
4 AC1 8 SER A 20  ? SER A 20  . ? 1_555 ? 
5 AC1 8 GLY A 21  ? GLY A 21  . ? 1_555 ? 
6 AC1 8 LYS A 22  ? LYS A 22  . ? 1_555 ? 
7 AC1 8 SER A 23  ? SER A 23  . ? 1_555 ? 
8 AC1 8 ARG A 126 ? ARG A 126 . ? 1_555 ? 
# 
_pdbx_entry_details.entry_id                   1ZP6 
_pdbx_entry_details.compound_details           ? 
_pdbx_entry_details.source_details             ? 
_pdbx_entry_details.nonpolymer_details         ? 
_pdbx_entry_details.sequence_details           ? 
_pdbx_entry_details.has_ligand_of_interest     ? 
_pdbx_entry_details.has_protein_modification   Y 
# 
_pdbx_validate_symm_contact.id                1 
_pdbx_validate_symm_contact.PDB_model_num     1 
_pdbx_validate_symm_contact.auth_atom_id_1    OD1 
_pdbx_validate_symm_contact.auth_asym_id_1    A 
_pdbx_validate_symm_contact.auth_comp_id_1    ASP 
_pdbx_validate_symm_contact.auth_seq_id_1     74 
_pdbx_validate_symm_contact.PDB_ins_code_1    ? 
_pdbx_validate_symm_contact.label_alt_id_1    ? 
_pdbx_validate_symm_contact.site_symmetry_1   1_555 
_pdbx_validate_symm_contact.auth_atom_id_2    OD1 
_pdbx_validate_symm_contact.auth_asym_id_2    A 
_pdbx_validate_symm_contact.auth_comp_id_2    ASP 
_pdbx_validate_symm_contact.auth_seq_id_2     74 
_pdbx_validate_symm_contact.PDB_ins_code_2    ? 
_pdbx_validate_symm_contact.label_alt_id_2    ? 
_pdbx_validate_symm_contact.site_symmetry_2   5_555 
_pdbx_validate_symm_contact.dist              2.00 
# 
loop_
_pdbx_validate_torsion.id 
_pdbx_validate_torsion.PDB_model_num 
_pdbx_validate_torsion.auth_comp_id 
_pdbx_validate_torsion.auth_asym_id 
_pdbx_validate_torsion.auth_seq_id 
_pdbx_validate_torsion.PDB_ins_code 
_pdbx_validate_torsion.label_alt_id 
_pdbx_validate_torsion.phi 
_pdbx_validate_torsion.psi 
1  1 HIS A 51  ? ? 72.99   95.63   
2  1 ILE A 54  ? ? 62.63   99.83   
3  1 PRO A 56  ? ? -68.87  2.79    
4  1 LEU A 58  ? ? 164.03  162.17  
5  1 GLN A 60  ? ? -61.93  6.56    
6  1 SER A 61  ? ? -78.17  25.25   
7  1 HIS A 62  ? ? -66.47  -76.13  
8  1 GLU A 82  ? ? -89.35  44.26   
9  1 ALA A 102 ? ? -56.16  -7.74   
10 1 ALA A 104 ? ? 36.02   36.46   
11 1 ASP A 129 ? ? -144.71 -0.70   
12 1 SER A 130 ? ? -82.44  -156.05 
13 1 PHE A 144 ? ? -64.50  12.28   
14 1 HIS A 152 ? ? -61.33  3.01    
15 1 ALA A 165 ? ? -93.82  44.24   
16 1 LEU A 166 ? ? -147.95 -73.16  
17 1 ALA A 169 ? ? -120.16 -126.30 
18 1 ARG A 179 ? ? 178.24  87.25   
# 
_pdbx_SG_project.id                    1 
_pdbx_SG_project.project_name          'PSI, Protein Structure Initiative' 
_pdbx_SG_project.full_name_of_center   'Northeast Structural Genomics Consortium' 
_pdbx_SG_project.initial_of_center     NESG 
# 
loop_
_pdbx_struct_mod_residue.id 
_pdbx_struct_mod_residue.label_asym_id 
_pdbx_struct_mod_residue.label_comp_id 
_pdbx_struct_mod_residue.label_seq_id 
_pdbx_struct_mod_residue.auth_asym_id 
_pdbx_struct_mod_residue.auth_comp_id 
_pdbx_struct_mod_residue.auth_seq_id 
_pdbx_struct_mod_residue.PDB_ins_code 
_pdbx_struct_mod_residue.parent_comp_id 
_pdbx_struct_mod_residue.details 
1 A MSE 67 A MSE 67 ? MET SELENOMETHIONINE 
2 A MSE 69 A MSE 69 ? MET SELENOMETHIONINE 
# 
_pdbx_struct_special_symmetry.id              1 
_pdbx_struct_special_symmetry.PDB_model_num   1 
_pdbx_struct_special_symmetry.auth_asym_id    A 
_pdbx_struct_special_symmetry.auth_comp_id    HOH 
_pdbx_struct_special_symmetry.auth_seq_id     205 
_pdbx_struct_special_symmetry.PDB_ins_code    ? 
_pdbx_struct_special_symmetry.label_asym_id   C 
_pdbx_struct_special_symmetry.label_comp_id   HOH 
_pdbx_struct_special_symmetry.label_seq_id    . 
# 
loop_
_pdbx_unobs_or_zero_occ_residues.id 
_pdbx_unobs_or_zero_occ_residues.PDB_model_num 
_pdbx_unobs_or_zero_occ_residues.polymer_flag 
_pdbx_unobs_or_zero_occ_residues.occupancy_flag 
_pdbx_unobs_or_zero_occ_residues.auth_asym_id 
_pdbx_unobs_or_zero_occ_residues.auth_comp_id 
_pdbx_unobs_or_zero_occ_residues.auth_seq_id 
_pdbx_unobs_or_zero_occ_residues.PDB_ins_code 
_pdbx_unobs_or_zero_occ_residues.label_asym_id 
_pdbx_unobs_or_zero_occ_residues.label_comp_id 
_pdbx_unobs_or_zero_occ_residues.label_seq_id 
1  1 Y 1 A MET 1   ? A MET 1   
2  1 Y 1 A ASN 2   ? A ASN 2   
3  1 Y 1 A MET 3   ? A MET 3   
4  1 Y 1 A THR 4   ? A THR 4   
5  1 Y 1 A ASP 5   ? A ASP 5   
6  1 Y 1 A ALA 182 ? A ALA 182 
7  1 Y 1 A SER 183 ? A SER 183 
8  1 Y 1 A LEU 184 ? A LEU 184 
9  1 Y 1 A GLU 185 ? A GLU 185 
10 1 Y 1 A HIS 186 ? A HIS 186 
11 1 Y 1 A HIS 187 ? A HIS 187 
12 1 Y 1 A HIS 188 ? A HIS 188 
13 1 Y 1 A HIS 189 ? A HIS 189 
14 1 Y 1 A HIS 190 ? A HIS 190 
15 1 Y 1 A HIS 191 ? A HIS 191 
# 
loop_
_chem_comp_atom.comp_id 
_chem_comp_atom.atom_id 
_chem_comp_atom.type_symbol 
_chem_comp_atom.pdbx_aromatic_flag 
_chem_comp_atom.pdbx_stereo_config 
_chem_comp_atom.pdbx_ordinal 
ALA N    N  N N 1   
ALA CA   C  N S 2   
ALA C    C  N N 3   
ALA O    O  N N 4   
ALA CB   C  N N 5   
ALA OXT  O  N N 6   
ALA H    H  N N 7   
ALA H2   H  N N 8   
ALA HA   H  N N 9   
ALA HB1  H  N N 10  
ALA HB2  H  N N 11  
ALA HB3  H  N N 12  
ALA HXT  H  N N 13  
ARG N    N  N N 14  
ARG CA   C  N S 15  
ARG C    C  N N 16  
ARG O    O  N N 17  
ARG CB   C  N N 18  
ARG CG   C  N N 19  
ARG CD   C  N N 20  
ARG NE   N  N N 21  
ARG CZ   C  N N 22  
ARG NH1  N  N N 23  
ARG NH2  N  N N 24  
ARG OXT  O  N N 25  
ARG H    H  N N 26  
ARG H2   H  N N 27  
ARG HA   H  N N 28  
ARG HB2  H  N N 29  
ARG HB3  H  N N 30  
ARG HG2  H  N N 31  
ARG HG3  H  N N 32  
ARG HD2  H  N N 33  
ARG HD3  H  N N 34  
ARG HE   H  N N 35  
ARG HH11 H  N N 36  
ARG HH12 H  N N 37  
ARG HH21 H  N N 38  
ARG HH22 H  N N 39  
ARG HXT  H  N N 40  
ASN N    N  N N 41  
ASN CA   C  N S 42  
ASN C    C  N N 43  
ASN O    O  N N 44  
ASN CB   C  N N 45  
ASN CG   C  N N 46  
ASN OD1  O  N N 47  
ASN ND2  N  N N 48  
ASN OXT  O  N N 49  
ASN H    H  N N 50  
ASN H2   H  N N 51  
ASN HA   H  N N 52  
ASN HB2  H  N N 53  
ASN HB3  H  N N 54  
ASN HD21 H  N N 55  
ASN HD22 H  N N 56  
ASN HXT  H  N N 57  
ASP N    N  N N 58  
ASP CA   C  N S 59  
ASP C    C  N N 60  
ASP O    O  N N 61  
ASP CB   C  N N 62  
ASP CG   C  N N 63  
ASP OD1  O  N N 64  
ASP OD2  O  N N 65  
ASP OXT  O  N N 66  
ASP H    H  N N 67  
ASP H2   H  N N 68  
ASP HA   H  N N 69  
ASP HB2  H  N N 70  
ASP HB3  H  N N 71  
ASP HD2  H  N N 72  
ASP HXT  H  N N 73  
CYS N    N  N N 74  
CYS CA   C  N R 75  
CYS C    C  N N 76  
CYS O    O  N N 77  
CYS CB   C  N N 78  
CYS SG   S  N N 79  
CYS OXT  O  N N 80  
CYS H    H  N N 81  
CYS H2   H  N N 82  
CYS HA   H  N N 83  
CYS HB2  H  N N 84  
CYS HB3  H  N N 85  
CYS HG   H  N N 86  
CYS HXT  H  N N 87  
GLN N    N  N N 88  
GLN CA   C  N S 89  
GLN C    C  N N 90  
GLN O    O  N N 91  
GLN CB   C  N N 92  
GLN CG   C  N N 93  
GLN CD   C  N N 94  
GLN OE1  O  N N 95  
GLN NE2  N  N N 96  
GLN OXT  O  N N 97  
GLN H    H  N N 98  
GLN H2   H  N N 99  
GLN HA   H  N N 100 
GLN HB2  H  N N 101 
GLN HB3  H  N N 102 
GLN HG2  H  N N 103 
GLN HG3  H  N N 104 
GLN HE21 H  N N 105 
GLN HE22 H  N N 106 
GLN HXT  H  N N 107 
GLU N    N  N N 108 
GLU CA   C  N S 109 
GLU C    C  N N 110 
GLU O    O  N N 111 
GLU CB   C  N N 112 
GLU CG   C  N N 113 
GLU CD   C  N N 114 
GLU OE1  O  N N 115 
GLU OE2  O  N N 116 
GLU OXT  O  N N 117 
GLU H    H  N N 118 
GLU H2   H  N N 119 
GLU HA   H  N N 120 
GLU HB2  H  N N 121 
GLU HB3  H  N N 122 
GLU HG2  H  N N 123 
GLU HG3  H  N N 124 
GLU HE2  H  N N 125 
GLU HXT  H  N N 126 
GLY N    N  N N 127 
GLY CA   C  N N 128 
GLY C    C  N N 129 
GLY O    O  N N 130 
GLY OXT  O  N N 131 
GLY H    H  N N 132 
GLY H2   H  N N 133 
GLY HA2  H  N N 134 
GLY HA3  H  N N 135 
GLY HXT  H  N N 136 
HIS N    N  N N 137 
HIS CA   C  N S 138 
HIS C    C  N N 139 
HIS O    O  N N 140 
HIS CB   C  N N 141 
HIS CG   C  Y N 142 
HIS ND1  N  Y N 143 
HIS CD2  C  Y N 144 
HIS CE1  C  Y N 145 
HIS NE2  N  Y N 146 
HIS OXT  O  N N 147 
HIS H    H  N N 148 
HIS H2   H  N N 149 
HIS HA   H  N N 150 
HIS HB2  H  N N 151 
HIS HB3  H  N N 152 
HIS HD1  H  N N 153 
HIS HD2  H  N N 154 
HIS HE1  H  N N 155 
HIS HE2  H  N N 156 
HIS HXT  H  N N 157 
HOH O    O  N N 158 
HOH H1   H  N N 159 
HOH H2   H  N N 160 
ILE N    N  N N 161 
ILE CA   C  N S 162 
ILE C    C  N N 163 
ILE O    O  N N 164 
ILE CB   C  N S 165 
ILE CG1  C  N N 166 
ILE CG2  C  N N 167 
ILE CD1  C  N N 168 
ILE OXT  O  N N 169 
ILE H    H  N N 170 
ILE H2   H  N N 171 
ILE HA   H  N N 172 
ILE HB   H  N N 173 
ILE HG12 H  N N 174 
ILE HG13 H  N N 175 
ILE HG21 H  N N 176 
ILE HG22 H  N N 177 
ILE HG23 H  N N 178 
ILE HD11 H  N N 179 
ILE HD12 H  N N 180 
ILE HD13 H  N N 181 
ILE HXT  H  N N 182 
LEU N    N  N N 183 
LEU CA   C  N S 184 
LEU C    C  N N 185 
LEU O    O  N N 186 
LEU CB   C  N N 187 
LEU CG   C  N N 188 
LEU CD1  C  N N 189 
LEU CD2  C  N N 190 
LEU OXT  O  N N 191 
LEU H    H  N N 192 
LEU H2   H  N N 193 
LEU HA   H  N N 194 
LEU HB2  H  N N 195 
LEU HB3  H  N N 196 
LEU HG   H  N N 197 
LEU HD11 H  N N 198 
LEU HD12 H  N N 199 
LEU HD13 H  N N 200 
LEU HD21 H  N N 201 
LEU HD22 H  N N 202 
LEU HD23 H  N N 203 
LEU HXT  H  N N 204 
LYS N    N  N N 205 
LYS CA   C  N S 206 
LYS C    C  N N 207 
LYS O    O  N N 208 
LYS CB   C  N N 209 
LYS CG   C  N N 210 
LYS CD   C  N N 211 
LYS CE   C  N N 212 
LYS NZ   N  N N 213 
LYS OXT  O  N N 214 
LYS H    H  N N 215 
LYS H2   H  N N 216 
LYS HA   H  N N 217 
LYS HB2  H  N N 218 
LYS HB3  H  N N 219 
LYS HG2  H  N N 220 
LYS HG3  H  N N 221 
LYS HD2  H  N N 222 
LYS HD3  H  N N 223 
LYS HE2  H  N N 224 
LYS HE3  H  N N 225 
LYS HZ1  H  N N 226 
LYS HZ2  H  N N 227 
LYS HZ3  H  N N 228 
LYS HXT  H  N N 229 
MET N    N  N N 230 
MET CA   C  N S 231 
MET C    C  N N 232 
MET O    O  N N 233 
MET CB   C  N N 234 
MET CG   C  N N 235 
MET SD   S  N N 236 
MET CE   C  N N 237 
MET OXT  O  N N 238 
MET H    H  N N 239 
MET H2   H  N N 240 
MET HA   H  N N 241 
MET HB2  H  N N 242 
MET HB3  H  N N 243 
MET HG2  H  N N 244 
MET HG3  H  N N 245 
MET HE1  H  N N 246 
MET HE2  H  N N 247 
MET HE3  H  N N 248 
MET HXT  H  N N 249 
MSE N    N  N N 250 
MSE CA   C  N S 251 
MSE C    C  N N 252 
MSE O    O  N N 253 
MSE OXT  O  N N 254 
MSE CB   C  N N 255 
MSE CG   C  N N 256 
MSE SE   SE N N 257 
MSE CE   C  N N 258 
MSE H    H  N N 259 
MSE H2   H  N N 260 
MSE HA   H  N N 261 
MSE HXT  H  N N 262 
MSE HB2  H  N N 263 
MSE HB3  H  N N 264 
MSE HG2  H  N N 265 
MSE HG3  H  N N 266 
MSE HE1  H  N N 267 
MSE HE2  H  N N 268 
MSE HE3  H  N N 269 
PHE N    N  N N 270 
PHE CA   C  N S 271 
PHE C    C  N N 272 
PHE O    O  N N 273 
PHE CB   C  N N 274 
PHE CG   C  Y N 275 
PHE CD1  C  Y N 276 
PHE CD2  C  Y N 277 
PHE CE1  C  Y N 278 
PHE CE2  C  Y N 279 
PHE CZ   C  Y N 280 
PHE OXT  O  N N 281 
PHE H    H  N N 282 
PHE H2   H  N N 283 
PHE HA   H  N N 284 
PHE HB2  H  N N 285 
PHE HB3  H  N N 286 
PHE HD1  H  N N 287 
PHE HD2  H  N N 288 
PHE HE1  H  N N 289 
PHE HE2  H  N N 290 
PHE HZ   H  N N 291 
PHE HXT  H  N N 292 
PRO N    N  N N 293 
PRO CA   C  N S 294 
PRO C    C  N N 295 
PRO O    O  N N 296 
PRO CB   C  N N 297 
PRO CG   C  N N 298 
PRO CD   C  N N 299 
PRO OXT  O  N N 300 
PRO H    H  N N 301 
PRO HA   H  N N 302 
PRO HB2  H  N N 303 
PRO HB3  H  N N 304 
PRO HG2  H  N N 305 
PRO HG3  H  N N 306 
PRO HD2  H  N N 307 
PRO HD3  H  N N 308 
PRO HXT  H  N N 309 
SER N    N  N N 310 
SER CA   C  N S 311 
SER C    C  N N 312 
SER O    O  N N 313 
SER CB   C  N N 314 
SER OG   O  N N 315 
SER OXT  O  N N 316 
SER H    H  N N 317 
SER H2   H  N N 318 
SER HA   H  N N 319 
SER HB2  H  N N 320 
SER HB3  H  N N 321 
SER HG   H  N N 322 
SER HXT  H  N N 323 
SO4 S    S  N N 324 
SO4 O1   O  N N 325 
SO4 O2   O  N N 326 
SO4 O3   O  N N 327 
SO4 O4   O  N N 328 
THR N    N  N N 329 
THR CA   C  N S 330 
THR C    C  N N 331 
THR O    O  N N 332 
THR CB   C  N R 333 
THR OG1  O  N N 334 
THR CG2  C  N N 335 
THR OXT  O  N N 336 
THR H    H  N N 337 
THR H2   H  N N 338 
THR HA   H  N N 339 
THR HB   H  N N 340 
THR HG1  H  N N 341 
THR HG21 H  N N 342 
THR HG22 H  N N 343 
THR HG23 H  N N 344 
THR HXT  H  N N 345 
TRP N    N  N N 346 
TRP CA   C  N S 347 
TRP C    C  N N 348 
TRP O    O  N N 349 
TRP CB   C  N N 350 
TRP CG   C  Y N 351 
TRP CD1  C  Y N 352 
TRP CD2  C  Y N 353 
TRP NE1  N  Y N 354 
TRP CE2  C  Y N 355 
TRP CE3  C  Y N 356 
TRP CZ2  C  Y N 357 
TRP CZ3  C  Y N 358 
TRP CH2  C  Y N 359 
TRP OXT  O  N N 360 
TRP H    H  N N 361 
TRP H2   H  N N 362 
TRP HA   H  N N 363 
TRP HB2  H  N N 364 
TRP HB3  H  N N 365 
TRP HD1  H  N N 366 
TRP HE1  H  N N 367 
TRP HE3  H  N N 368 
TRP HZ2  H  N N 369 
TRP HZ3  H  N N 370 
TRP HH2  H  N N 371 
TRP HXT  H  N N 372 
TYR N    N  N N 373 
TYR CA   C  N S 374 
TYR C    C  N N 375 
TYR O    O  N N 376 
TYR CB   C  N N 377 
TYR CG   C  Y N 378 
TYR CD1  C  Y N 379 
TYR CD2  C  Y N 380 
TYR CE1  C  Y N 381 
TYR CE2  C  Y N 382 
TYR CZ   C  Y N 383 
TYR OH   O  N N 384 
TYR OXT  O  N N 385 
TYR H    H  N N 386 
TYR H2   H  N N 387 
TYR HA   H  N N 388 
TYR HB2  H  N N 389 
TYR HB3  H  N N 390 
TYR HD1  H  N N 391 
TYR HD2  H  N N 392 
TYR HE1  H  N N 393 
TYR HE2  H  N N 394 
TYR HH   H  N N 395 
TYR HXT  H  N N 396 
VAL N    N  N N 397 
VAL CA   C  N S 398 
VAL C    C  N N 399 
VAL O    O  N N 400 
VAL CB   C  N N 401 
VAL CG1  C  N N 402 
VAL CG2  C  N N 403 
VAL OXT  O  N N 404 
VAL H    H  N N 405 
VAL H2   H  N N 406 
VAL HA   H  N N 407 
VAL HB   H  N N 408 
VAL HG11 H  N N 409 
VAL HG12 H  N N 410 
VAL HG13 H  N N 411 
VAL HG21 H  N N 412 
VAL HG22 H  N N 413 
VAL HG23 H  N N 414 
VAL HXT  H  N N 415 
# 
loop_
_chem_comp_bond.comp_id 
_chem_comp_bond.atom_id_1 
_chem_comp_bond.atom_id_2 
_chem_comp_bond.value_order 
_chem_comp_bond.pdbx_aromatic_flag 
_chem_comp_bond.pdbx_stereo_config 
_chem_comp_bond.pdbx_ordinal 
ALA N   CA   sing N N 1   
ALA N   H    sing N N 2   
ALA N   H2   sing N N 3   
ALA CA  C    sing N N 4   
ALA CA  CB   sing N N 5   
ALA CA  HA   sing N N 6   
ALA C   O    doub N N 7   
ALA C   OXT  sing N N 8   
ALA CB  HB1  sing N N 9   
ALA CB  HB2  sing N N 10  
ALA CB  HB3  sing N N 11  
ALA OXT HXT  sing N N 12  
ARG N   CA   sing N N 13  
ARG N   H    sing N N 14  
ARG N   H2   sing N N 15  
ARG CA  C    sing N N 16  
ARG CA  CB   sing N N 17  
ARG CA  HA   sing N N 18  
ARG C   O    doub N N 19  
ARG C   OXT  sing N N 20  
ARG CB  CG   sing N N 21  
ARG CB  HB2  sing N N 22  
ARG CB  HB3  sing N N 23  
ARG CG  CD   sing N N 24  
ARG CG  HG2  sing N N 25  
ARG CG  HG3  sing N N 26  
ARG CD  NE   sing N N 27  
ARG CD  HD2  sing N N 28  
ARG CD  HD3  sing N N 29  
ARG NE  CZ   sing N N 30  
ARG NE  HE   sing N N 31  
ARG CZ  NH1  sing N N 32  
ARG CZ  NH2  doub N N 33  
ARG NH1 HH11 sing N N 34  
ARG NH1 HH12 sing N N 35  
ARG NH2 HH21 sing N N 36  
ARG NH2 HH22 sing N N 37  
ARG OXT HXT  sing N N 38  
ASN N   CA   sing N N 39  
ASN N   H    sing N N 40  
ASN N   H2   sing N N 41  
ASN CA  C    sing N N 42  
ASN CA  CB   sing N N 43  
ASN CA  HA   sing N N 44  
ASN C   O    doub N N 45  
ASN C   OXT  sing N N 46  
ASN CB  CG   sing N N 47  
ASN CB  HB2  sing N N 48  
ASN CB  HB3  sing N N 49  
ASN CG  OD1  doub N N 50  
ASN CG  ND2  sing N N 51  
ASN ND2 HD21 sing N N 52  
ASN ND2 HD22 sing N N 53  
ASN OXT HXT  sing N N 54  
ASP N   CA   sing N N 55  
ASP N   H    sing N N 56  
ASP N   H2   sing N N 57  
ASP CA  C    sing N N 58  
ASP CA  CB   sing N N 59  
ASP CA  HA   sing N N 60  
ASP C   O    doub N N 61  
ASP C   OXT  sing N N 62  
ASP CB  CG   sing N N 63  
ASP CB  HB2  sing N N 64  
ASP CB  HB3  sing N N 65  
ASP CG  OD1  doub N N 66  
ASP CG  OD2  sing N N 67  
ASP OD2 HD2  sing N N 68  
ASP OXT HXT  sing N N 69  
CYS N   CA   sing N N 70  
CYS N   H    sing N N 71  
CYS N   H2   sing N N 72  
CYS CA  C    sing N N 73  
CYS CA  CB   sing N N 74  
CYS CA  HA   sing N N 75  
CYS C   O    doub N N 76  
CYS C   OXT  sing N N 77  
CYS CB  SG   sing N N 78  
CYS CB  HB2  sing N N 79  
CYS CB  HB3  sing N N 80  
CYS SG  HG   sing N N 81  
CYS OXT HXT  sing N N 82  
GLN N   CA   sing N N 83  
GLN N   H    sing N N 84  
GLN N   H2   sing N N 85  
GLN CA  C    sing N N 86  
GLN CA  CB   sing N N 87  
GLN CA  HA   sing N N 88  
GLN C   O    doub N N 89  
GLN C   OXT  sing N N 90  
GLN CB  CG   sing N N 91  
GLN CB  HB2  sing N N 92  
GLN CB  HB3  sing N N 93  
GLN CG  CD   sing N N 94  
GLN CG  HG2  sing N N 95  
GLN CG  HG3  sing N N 96  
GLN CD  OE1  doub N N 97  
GLN CD  NE2  sing N N 98  
GLN NE2 HE21 sing N N 99  
GLN NE2 HE22 sing N N 100 
GLN OXT HXT  sing N N 101 
GLU N   CA   sing N N 102 
GLU N   H    sing N N 103 
GLU N   H2   sing N N 104 
GLU CA  C    sing N N 105 
GLU CA  CB   sing N N 106 
GLU CA  HA   sing N N 107 
GLU C   O    doub N N 108 
GLU C   OXT  sing N N 109 
GLU CB  CG   sing N N 110 
GLU CB  HB2  sing N N 111 
GLU CB  HB3  sing N N 112 
GLU CG  CD   sing N N 113 
GLU CG  HG2  sing N N 114 
GLU CG  HG3  sing N N 115 
GLU CD  OE1  doub N N 116 
GLU CD  OE2  sing N N 117 
GLU OE2 HE2  sing N N 118 
GLU OXT HXT  sing N N 119 
GLY N   CA   sing N N 120 
GLY N   H    sing N N 121 
GLY N   H2   sing N N 122 
GLY CA  C    sing N N 123 
GLY CA  HA2  sing N N 124 
GLY CA  HA3  sing N N 125 
GLY C   O    doub N N 126 
GLY C   OXT  sing N N 127 
GLY OXT HXT  sing N N 128 
HIS N   CA   sing N N 129 
HIS N   H    sing N N 130 
HIS N   H2   sing N N 131 
HIS CA  C    sing N N 132 
HIS CA  CB   sing N N 133 
HIS CA  HA   sing N N 134 
HIS C   O    doub N N 135 
HIS C   OXT  sing N N 136 
HIS CB  CG   sing N N 137 
HIS CB  HB2  sing N N 138 
HIS CB  HB3  sing N N 139 
HIS CG  ND1  sing Y N 140 
HIS CG  CD2  doub Y N 141 
HIS ND1 CE1  doub Y N 142 
HIS ND1 HD1  sing N N 143 
HIS CD2 NE2  sing Y N 144 
HIS CD2 HD2  sing N N 145 
HIS CE1 NE2  sing Y N 146 
HIS CE1 HE1  sing N N 147 
HIS NE2 HE2  sing N N 148 
HIS OXT HXT  sing N N 149 
HOH O   H1   sing N N 150 
HOH O   H2   sing N N 151 
ILE N   CA   sing N N 152 
ILE N   H    sing N N 153 
ILE N   H2   sing N N 154 
ILE CA  C    sing N N 155 
ILE CA  CB   sing N N 156 
ILE CA  HA   sing N N 157 
ILE C   O    doub N N 158 
ILE C   OXT  sing N N 159 
ILE CB  CG1  sing N N 160 
ILE CB  CG2  sing N N 161 
ILE CB  HB   sing N N 162 
ILE CG1 CD1  sing N N 163 
ILE CG1 HG12 sing N N 164 
ILE CG1 HG13 sing N N 165 
ILE CG2 HG21 sing N N 166 
ILE CG2 HG22 sing N N 167 
ILE CG2 HG23 sing N N 168 
ILE CD1 HD11 sing N N 169 
ILE CD1 HD12 sing N N 170 
ILE CD1 HD13 sing N N 171 
ILE OXT HXT  sing N N 172 
LEU N   CA   sing N N 173 
LEU N   H    sing N N 174 
LEU N   H2   sing N N 175 
LEU CA  C    sing N N 176 
LEU CA  CB   sing N N 177 
LEU CA  HA   sing N N 178 
LEU C   O    doub N N 179 
LEU C   OXT  sing N N 180 
LEU CB  CG   sing N N 181 
LEU CB  HB2  sing N N 182 
LEU CB  HB3  sing N N 183 
LEU CG  CD1  sing N N 184 
LEU CG  CD2  sing N N 185 
LEU CG  HG   sing N N 186 
LEU CD1 HD11 sing N N 187 
LEU CD1 HD12 sing N N 188 
LEU CD1 HD13 sing N N 189 
LEU CD2 HD21 sing N N 190 
LEU CD2 HD22 sing N N 191 
LEU CD2 HD23 sing N N 192 
LEU OXT HXT  sing N N 193 
LYS N   CA   sing N N 194 
LYS N   H    sing N N 195 
LYS N   H2   sing N N 196 
LYS CA  C    sing N N 197 
LYS CA  CB   sing N N 198 
LYS CA  HA   sing N N 199 
LYS C   O    doub N N 200 
LYS C   OXT  sing N N 201 
LYS CB  CG   sing N N 202 
LYS CB  HB2  sing N N 203 
LYS CB  HB3  sing N N 204 
LYS CG  CD   sing N N 205 
LYS CG  HG2  sing N N 206 
LYS CG  HG3  sing N N 207 
LYS CD  CE   sing N N 208 
LYS CD  HD2  sing N N 209 
LYS CD  HD3  sing N N 210 
LYS CE  NZ   sing N N 211 
LYS CE  HE2  sing N N 212 
LYS CE  HE3  sing N N 213 
LYS NZ  HZ1  sing N N 214 
LYS NZ  HZ2  sing N N 215 
LYS NZ  HZ3  sing N N 216 
LYS OXT HXT  sing N N 217 
MET N   CA   sing N N 218 
MET N   H    sing N N 219 
MET N   H2   sing N N 220 
MET CA  C    sing N N 221 
MET CA  CB   sing N N 222 
MET CA  HA   sing N N 223 
MET C   O    doub N N 224 
MET C   OXT  sing N N 225 
MET CB  CG   sing N N 226 
MET CB  HB2  sing N N 227 
MET CB  HB3  sing N N 228 
MET CG  SD   sing N N 229 
MET CG  HG2  sing N N 230 
MET CG  HG3  sing N N 231 
MET SD  CE   sing N N 232 
MET CE  HE1  sing N N 233 
MET CE  HE2  sing N N 234 
MET CE  HE3  sing N N 235 
MET OXT HXT  sing N N 236 
MSE N   CA   sing N N 237 
MSE N   H    sing N N 238 
MSE N   H2   sing N N 239 
MSE CA  C    sing N N 240 
MSE CA  CB   sing N N 241 
MSE CA  HA   sing N N 242 
MSE C   O    doub N N 243 
MSE C   OXT  sing N N 244 
MSE OXT HXT  sing N N 245 
MSE CB  CG   sing N N 246 
MSE CB  HB2  sing N N 247 
MSE CB  HB3  sing N N 248 
MSE CG  SE   sing N N 249 
MSE CG  HG2  sing N N 250 
MSE CG  HG3  sing N N 251 
MSE SE  CE   sing N N 252 
MSE CE  HE1  sing N N 253 
MSE CE  HE2  sing N N 254 
MSE CE  HE3  sing N N 255 
PHE N   CA   sing N N 256 
PHE N   H    sing N N 257 
PHE N   H2   sing N N 258 
PHE CA  C    sing N N 259 
PHE CA  CB   sing N N 260 
PHE CA  HA   sing N N 261 
PHE C   O    doub N N 262 
PHE C   OXT  sing N N 263 
PHE CB  CG   sing N N 264 
PHE CB  HB2  sing N N 265 
PHE CB  HB3  sing N N 266 
PHE CG  CD1  doub Y N 267 
PHE CG  CD2  sing Y N 268 
PHE CD1 CE1  sing Y N 269 
PHE CD1 HD1  sing N N 270 
PHE CD2 CE2  doub Y N 271 
PHE CD2 HD2  sing N N 272 
PHE CE1 CZ   doub Y N 273 
PHE CE1 HE1  sing N N 274 
PHE CE2 CZ   sing Y N 275 
PHE CE2 HE2  sing N N 276 
PHE CZ  HZ   sing N N 277 
PHE OXT HXT  sing N N 278 
PRO N   CA   sing N N 279 
PRO N   CD   sing N N 280 
PRO N   H    sing N N 281 
PRO CA  C    sing N N 282 
PRO CA  CB   sing N N 283 
PRO CA  HA   sing N N 284 
PRO C   O    doub N N 285 
PRO C   OXT  sing N N 286 
PRO CB  CG   sing N N 287 
PRO CB  HB2  sing N N 288 
PRO CB  HB3  sing N N 289 
PRO CG  CD   sing N N 290 
PRO CG  HG2  sing N N 291 
PRO CG  HG3  sing N N 292 
PRO CD  HD2  sing N N 293 
PRO CD  HD3  sing N N 294 
PRO OXT HXT  sing N N 295 
SER N   CA   sing N N 296 
SER N   H    sing N N 297 
SER N   H2   sing N N 298 
SER CA  C    sing N N 299 
SER CA  CB   sing N N 300 
SER CA  HA   sing N N 301 
SER C   O    doub N N 302 
SER C   OXT  sing N N 303 
SER CB  OG   sing N N 304 
SER CB  HB2  sing N N 305 
SER CB  HB3  sing N N 306 
SER OG  HG   sing N N 307 
SER OXT HXT  sing N N 308 
SO4 S   O1   doub N N 309 
SO4 S   O2   doub N N 310 
SO4 S   O3   sing N N 311 
SO4 S   O4   sing N N 312 
THR N   CA   sing N N 313 
THR N   H    sing N N 314 
THR N   H2   sing N N 315 
THR CA  C    sing N N 316 
THR CA  CB   sing N N 317 
THR CA  HA   sing N N 318 
THR C   O    doub N N 319 
THR C   OXT  sing N N 320 
THR CB  OG1  sing N N 321 
THR CB  CG2  sing N N 322 
THR CB  HB   sing N N 323 
THR OG1 HG1  sing N N 324 
THR CG2 HG21 sing N N 325 
THR CG2 HG22 sing N N 326 
THR CG2 HG23 sing N N 327 
THR OXT HXT  sing N N 328 
TRP N   CA   sing N N 329 
TRP N   H    sing N N 330 
TRP N   H2   sing N N 331 
TRP CA  C    sing N N 332 
TRP CA  CB   sing N N 333 
TRP CA  HA   sing N N 334 
TRP C   O    doub N N 335 
TRP C   OXT  sing N N 336 
TRP CB  CG   sing N N 337 
TRP CB  HB2  sing N N 338 
TRP CB  HB3  sing N N 339 
TRP CG  CD1  doub Y N 340 
TRP CG  CD2  sing Y N 341 
TRP CD1 NE1  sing Y N 342 
TRP CD1 HD1  sing N N 343 
TRP CD2 CE2  doub Y N 344 
TRP CD2 CE3  sing Y N 345 
TRP NE1 CE2  sing Y N 346 
TRP NE1 HE1  sing N N 347 
TRP CE2 CZ2  sing Y N 348 
TRP CE3 CZ3  doub Y N 349 
TRP CE3 HE3  sing N N 350 
TRP CZ2 CH2  doub Y N 351 
TRP CZ2 HZ2  sing N N 352 
TRP CZ3 CH2  sing Y N 353 
TRP CZ3 HZ3  sing N N 354 
TRP CH2 HH2  sing N N 355 
TRP OXT HXT  sing N N 356 
TYR N   CA   sing N N 357 
TYR N   H    sing N N 358 
TYR N   H2   sing N N 359 
TYR CA  C    sing N N 360 
TYR CA  CB   sing N N 361 
TYR CA  HA   sing N N 362 
TYR C   O    doub N N 363 
TYR C   OXT  sing N N 364 
TYR CB  CG   sing N N 365 
TYR CB  HB2  sing N N 366 
TYR CB  HB3  sing N N 367 
TYR CG  CD1  doub Y N 368 
TYR CG  CD2  sing Y N 369 
TYR CD1 CE1  sing Y N 370 
TYR CD1 HD1  sing N N 371 
TYR CD2 CE2  doub Y N 372 
TYR CD2 HD2  sing N N 373 
TYR CE1 CZ   doub Y N 374 
TYR CE1 HE1  sing N N 375 
TYR CE2 CZ   sing Y N 376 
TYR CE2 HE2  sing N N 377 
TYR CZ  OH   sing N N 378 
TYR OH  HH   sing N N 379 
TYR OXT HXT  sing N N 380 
VAL N   CA   sing N N 381 
VAL N   H    sing N N 382 
VAL N   H2   sing N N 383 
VAL CA  C    sing N N 384 
VAL CA  CB   sing N N 385 
VAL CA  HA   sing N N 386 
VAL C   O    doub N N 387 
VAL C   OXT  sing N N 388 
VAL CB  CG1  sing N N 389 
VAL CB  CG2  sing N N 390 
VAL CB  HB   sing N N 391 
VAL CG1 HG11 sing N N 392 
VAL CG1 HG12 sing N N 393 
VAL CG1 HG13 sing N N 394 
VAL CG2 HG21 sing N N 395 
VAL CG2 HG22 sing N N 396 
VAL CG2 HG23 sing N N 397 
VAL OXT HXT  sing N N 398 
# 
_atom_sites.entry_id                    1ZP6 
_atom_sites.fract_transf_matrix[1][1]   -0.00246870 
_atom_sites.fract_transf_matrix[1][2]   0.00449268 
_atom_sites.fract_transf_matrix[1][3]   0.00958985 
_atom_sites.fract_transf_matrix[2][1]   -0.00472656 
_atom_sites.fract_transf_matrix[2][2]   -0.00927923 
_atom_sites.fract_transf_matrix[2][3]   0.00313041 
_atom_sites.fract_transf_matrix[3][1]   0.00501988 
_atom_sites.fract_transf_matrix[3][2]   -0.00183155 
_atom_sites.fract_transf_matrix[3][3]   0.00215031 
_atom_sites.fract_transf_vector[1]      0.246652 
_atom_sites.fract_transf_vector[2]      0.551478 
_atom_sites.fract_transf_vector[3]      0.457488 
# 
loop_
_atom_type.symbol 
C  
N  
O  
S  
SE 
# 
loop_
_atom_site.group_PDB 
_atom_site.id 
_atom_site.type_symbol 
_atom_site.label_atom_id 
_atom_site.label_alt_id 
_atom_site.label_comp_id 
_atom_site.label_asym_id 
_atom_site.label_entity_id 
_atom_site.label_seq_id 
_atom_site.pdbx_PDB_ins_code 
_atom_site.Cartn_x 
_atom_site.Cartn_y 
_atom_site.Cartn_z 
_atom_site.occupancy 
_atom_site.B_iso_or_equiv 
_atom_site.pdbx_formal_charge 
_atom_site.auth_seq_id 
_atom_site.auth_comp_id 
_atom_site.auth_asym_id 
_atom_site.auth_atom_id 
_atom_site.pdbx_PDB_model_num 
ATOM   1    N  N   . ASP A 1 6   ? 1.262   -13.609 -15.774 1.00 65.27  ? 6   ASP A N   1 
ATOM   2    C  CA  . ASP A 1 6   ? 0.856   -14.863 -15.041 1.00 66.22  ? 6   ASP A CA  1 
ATOM   3    C  C   . ASP A 1 6   ? 0.386   -14.530 -13.625 1.00 65.69  ? 6   ASP A C   1 
ATOM   4    O  O   . ASP A 1 6   ? 0.049   -15.424 -12.845 1.00 65.38  ? 6   ASP A O   1 
ATOM   5    C  CB  . ASP A 1 6   ? 2.029   -15.863 -14.955 1.00 65.97  ? 6   ASP A CB  1 
ATOM   6    C  CG  . ASP A 1 6   ? 2.982   -15.568 -13.792 1.00 66.72  ? 6   ASP A CG  1 
ATOM   7    O  OD1 . ASP A 1 6   ? 3.537   -14.442 -13.710 1.00 65.97  ? 6   ASP A OD1 1 
ATOM   8    O  OD2 . ASP A 1 6   ? 3.175   -16.482 -12.963 1.00 65.35  ? 6   ASP A OD2 1 
ATOM   9    N  N   . LEU A 1 7   ? 0.380   -13.241 -13.295 1.00 63.04  ? 7   LEU A N   1 
ATOM   10   C  CA  . LEU A 1 7   ? -0.049  -12.820 -11.975 1.00 59.93  ? 7   LEU A CA  1 
ATOM   11   C  C   . LEU A 1 7   ? -1.480  -12.278 -12.041 1.00 60.36  ? 7   LEU A C   1 
ATOM   12   O  O   . LEU A 1 7   ? -1.843  -11.295 -11.389 1.00 60.15  ? 7   LEU A O   1 
ATOM   13   C  CB  . LEU A 1 7   ? 0.928   -11.788 -11.390 1.00 57.40  ? 7   LEU A CB  1 
ATOM   14   C  CG  . LEU A 1 7   ? 0.986   -10.390 -11.997 1.00 60.66  ? 7   LEU A CG  1 
ATOM   15   C  CD1 . LEU A 1 7   ? 2.190   -9.628  -11.426 1.00 55.81  ? 7   LEU A CD1 1 
ATOM   16   C  CD2 . LEU A 1 7   ? 1.068   -10.501 -13.518 1.00 58.76  ? 7   LEU A CD2 1 
ATOM   17   N  N   . GLY A 1 8   ? -2.292  -12.942 -12.855 1.00 58.96  ? 8   GLY A N   1 
ATOM   18   C  CA  . GLY A 1 8   ? -3.680  -12.567 -12.974 1.00 56.59  ? 8   GLY A CA  1 
ATOM   19   C  C   . GLY A 1 8   ? -4.365  -13.228 -11.803 1.00 56.03  ? 8   GLY A C   1 
ATOM   20   O  O   . GLY A 1 8   ? -3.928  -14.285 -11.354 1.00 54.78  ? 8   GLY A O   1 
ATOM   21   N  N   . GLY A 1 9   ? -5.436  -12.616 -11.304 1.00 56.60  ? 9   GLY A N   1 
ATOM   22   C  CA  . GLY A 1 9   ? -6.150  -13.176 -10.157 1.00 55.76  ? 9   GLY A CA  1 
ATOM   23   C  C   . GLY A 1 9   ? -5.362  -13.028 -8.858  1.00 54.85  ? 9   GLY A C   1 
ATOM   24   O  O   . GLY A 1 9   ? -5.661  -13.693 -7.871  1.00 54.89  ? 9   GLY A O   1 
ATOM   25   N  N   . ASN A 1 10  ? -4.360  -12.143 -8.891  1.00 52.43  ? 10  ASN A N   1 
ATOM   26   C  CA  . ASN A 1 10  ? -3.473  -11.846 -7.777  1.00 49.12  ? 10  ASN A CA  1 
ATOM   27   C  C   . ASN A 1 10  ? -3.678  -10.444 -7.186  1.00 47.57  ? 10  ASN A C   1 
ATOM   28   O  O   . ASN A 1 10  ? -4.093  -9.509  -7.875  1.00 47.14  ? 10  ASN A O   1 
ATOM   29   C  CB  . ASN A 1 10  ? -2.024  -12.009 -8.230  1.00 50.18  ? 10  ASN A CB  1 
ATOM   30   C  CG  . ASN A 1 10  ? -1.697  -13.443 -8.612  1.00 53.28  ? 10  ASN A CG  1 
ATOM   31   O  OD1 . ASN A 1 10  ? -0.533  -13.855 -8.594  1.00 55.16  ? 10  ASN A OD1 1 
ATOM   32   N  ND2 . ASN A 1 10  ? -2.722  -14.212 -8.958  1.00 52.16  ? 10  ASN A ND2 1 
ATOM   33   N  N   . ILE A 1 11  ? -3.377  -10.300 -5.902  1.00 46.23  ? 11  ILE A N   1 
ATOM   34   C  CA  . ILE A 1 11  ? -3.533  -9.024  -5.225  1.00 43.59  ? 11  ILE A CA  1 
ATOM   35   C  C   . ILE A 1 11  ? -2.203  -8.666  -4.620  1.00 43.06  ? 11  ILE A C   1 
ATOM   36   O  O   . ILE A 1 11  ? -1.466  -9.532  -4.159  1.00 43.07  ? 11  ILE A O   1 
ATOM   37   C  CB  . ILE A 1 11  ? -4.565  -9.114  -4.112  1.00 43.44  ? 11  ILE A CB  1 
ATOM   38   C  CG1 . ILE A 1 11  ? -5.884  -9.616  -4.679  1.00 44.23  ? 11  ILE A CG1 1 
ATOM   39   C  CG2 . ILE A 1 11  ? -4.805  -7.751  -3.519  1.00 43.84  ? 11  ILE A CG2 1 
ATOM   40   C  CD1 . ILE A 1 11  ? -6.737  -10.298 -3.645  1.00 46.02  ? 11  ILE A CD1 1 
ATOM   41   N  N   . LEU A 1 12  ? -1.897  -7.381  -4.624  1.00 42.57  ? 12  LEU A N   1 
ATOM   42   C  CA  . LEU A 1 12  ? -0.636  -6.905  -4.085  1.00 42.41  ? 12  LEU A CA  1 
ATOM   43   C  C   . LEU A 1 12  ? -0.902  -5.821  -3.091  1.00 41.70  ? 12  LEU A C   1 
ATOM   44   O  O   . LEU A 1 12  ? -1.548  -4.820  -3.406  1.00 41.49  ? 12  LEU A O   1 
ATOM   45   C  CB  . LEU A 1 12  ? 0.224   -6.304  -5.183  1.00 44.19  ? 12  LEU A CB  1 
ATOM   46   C  CG  . LEU A 1 12  ? 1.493   -5.621  -4.706  1.00 41.68  ? 12  LEU A CG  1 
ATOM   47   C  CD1 . LEU A 1 12  ? 2.588   -6.640  -4.734  1.00 41.17  ? 12  LEU A CD1 1 
ATOM   48   C  CD2 . LEU A 1 12  ? 1.824   -4.436  -5.578  1.00 40.70  ? 12  LEU A CD2 1 
ATOM   49   N  N   . LEU A 1 13  ? -0.381  -6.008  -1.892  1.00 39.95  ? 13  LEU A N   1 
ATOM   50   C  CA  . LEU A 1 13  ? -0.559  -5.019  -0.864  1.00 39.24  ? 13  LEU A CA  1 
ATOM   51   C  C   . LEU A 1 13  ? 0.705   -4.170  -0.882  1.00 40.24  ? 13  LEU A C   1 
ATOM   52   O  O   . LEU A 1 13  ? 1.692   -4.518  -0.258  1.00 42.68  ? 13  LEU A O   1 
ATOM   53   C  CB  . LEU A 1 13  ? -0.746  -5.743  0.461   1.00 37.45  ? 13  LEU A CB  1 
ATOM   54   C  CG  . LEU A 1 13  ? -2.174  -5.962  0.973   1.00 35.80  ? 13  LEU A CG  1 
ATOM   55   C  CD1 . LEU A 1 13  ? -3.161  -6.233  -0.143  1.00 35.17  ? 13  LEU A CD1 1 
ATOM   56   C  CD2 . LEU A 1 13  ? -2.118  -7.109  1.985   1.00 33.97  ? 13  LEU A CD2 1 
ATOM   57   N  N   . LEU A 1 14  ? 0.695   -3.074  -1.627  1.00 40.78  ? 14  LEU A N   1 
ATOM   58   C  CA  . LEU A 1 14  ? 1.877   -2.214  -1.709  1.00 41.44  ? 14  LEU A CA  1 
ATOM   59   C  C   . LEU A 1 14  ? 1.827   -1.230  -0.538  1.00 43.64  ? 14  LEU A C   1 
ATOM   60   O  O   . LEU A 1 14  ? 1.574   -0.032  -0.705  1.00 44.00  ? 14  LEU A O   1 
ATOM   61   C  CB  . LEU A 1 14  ? 1.890   -1.472  -3.059  1.00 40.27  ? 14  LEU A CB  1 
ATOM   62   C  CG  . LEU A 1 14  ? 3.180   -1.143  -3.846  1.00 37.79  ? 14  LEU A CG  1 
ATOM   63   C  CD1 . LEU A 1 14  ? 3.692   0.250   -3.543  1.00 36.38  ? 14  LEU A CD1 1 
ATOM   64   C  CD2 . LEU A 1 14  ? 4.216   -2.212  -3.545  1.00 39.20  ? 14  LEU A CD2 1 
ATOM   65   N  N   . SER A 1 15  ? 2.059   -1.762  0.655   1.00 45.80  ? 15  SER A N   1 
ATOM   66   C  CA  . SER A 1 15  ? 2.029   -0.976  1.884   1.00 46.97  ? 15  SER A CA  1 
ATOM   67   C  C   . SER A 1 15  ? 3.378   -0.271  2.133   1.00 46.89  ? 15  SER A C   1 
ATOM   68   O  O   . SER A 1 15  ? 4.372   -0.545  1.454   1.00 47.18  ? 15  SER A O   1 
ATOM   69   C  CB  . SER A 1 15  ? 1.659   -1.900  3.055   1.00 47.31  ? 15  SER A CB  1 
ATOM   70   O  OG  . SER A 1 15  ? 1.596   -1.199  4.280   1.00 51.14  ? 15  SER A OG  1 
ATOM   71   N  N   . GLY A 1 16  ? 3.399   0.634   3.108   1.00 45.24  ? 16  GLY A N   1 
ATOM   72   C  CA  . GLY A 1 16  ? 4.607   1.372   3.424   1.00 42.94  ? 16  GLY A CA  1 
ATOM   73   C  C   . GLY A 1 16  ? 4.179   2.672   4.062   1.00 42.35  ? 16  GLY A C   1 
ATOM   74   O  O   . GLY A 1 16  ? 2.995   2.984   4.052   1.00 41.57  ? 16  GLY A O   1 
ATOM   75   N  N   . HIS A 1 17  ? 5.108   3.441   4.610   1.00 43.18  ? 17  HIS A N   1 
ATOM   76   C  CA  . HIS A 1 17  ? 4.719   4.689   5.253   1.00 44.69  ? 17  HIS A CA  1 
ATOM   77   C  C   . HIS A 1 17  ? 4.423   5.764   4.237   1.00 44.92  ? 17  HIS A C   1 
ATOM   78   O  O   . HIS A 1 17  ? 5.007   5.788   3.153   1.00 44.51  ? 17  HIS A O   1 
ATOM   79   C  CB  . HIS A 1 17  ? 5.827   5.178   6.174   1.00 47.59  ? 17  HIS A CB  1 
ATOM   80   C  CG  . HIS A 1 17  ? 7.100   5.475   5.454   1.00 50.09  ? 17  HIS A CG  1 
ATOM   81   N  ND1 . HIS A 1 17  ? 7.923   4.482   4.967   1.00 49.42  ? 17  HIS A ND1 1 
ATOM   82   C  CD2 . HIS A 1 17  ? 7.647   6.650   5.059   1.00 50.28  ? 17  HIS A CD2 1 
ATOM   83   C  CE1 . HIS A 1 17  ? 8.920   5.034   4.300   1.00 50.17  ? 17  HIS A CE1 1 
ATOM   84   N  NE2 . HIS A 1 17  ? 8.776   6.348   4.340   1.00 50.53  ? 17  HIS A NE2 1 
ATOM   85   N  N   . PRO A 1 18  ? 3.523   6.692   4.581   1.00 46.35  ? 18  PRO A N   1 
ATOM   86   C  CA  . PRO A 1 18  ? 3.233   7.737   3.600   1.00 47.88  ? 18  PRO A CA  1 
ATOM   87   C  C   . PRO A 1 18  ? 4.507   8.481   3.216   1.00 50.62  ? 18  PRO A C   1 
ATOM   88   O  O   . PRO A 1 18  ? 5.245   8.964   4.091   1.00 53.86  ? 18  PRO A O   1 
ATOM   89   C  CB  . PRO A 1 18  ? 2.193   8.617   4.310   1.00 45.64  ? 18  PRO A CB  1 
ATOM   90   C  CG  . PRO A 1 18  ? 2.481   8.435   5.737   1.00 44.72  ? 18  PRO A CG  1 
ATOM   91   C  CD  . PRO A 1 18  ? 2.860   6.967   5.866   1.00 45.43  ? 18  PRO A CD  1 
ATOM   92   N  N   . GLY A 1 19  ? 4.779   8.521   1.909   1.00 50.12  ? 19  GLY A N   1 
ATOM   93   C  CA  . GLY A 1 19  ? 5.955   9.196   1.398   1.00 49.95  ? 19  GLY A CA  1 
ATOM   94   C  C   . GLY A 1 19  ? 6.918   8.257   0.716   1.00 51.52  ? 19  GLY A C   1 
ATOM   95   O  O   . GLY A 1 19  ? 7.792   8.701   -0.021  1.00 53.19  ? 19  GLY A O   1 
ATOM   96   N  N   . SER A 1 20  ? 6.777   6.963   0.966   1.00 52.73  ? 20  SER A N   1 
ATOM   97   C  CA  . SER A 1 20  ? 7.647   5.965   0.343   1.00 54.51  ? 20  SER A CA  1 
ATOM   98   C  C   . SER A 1 20  ? 7.279   5.765   -1.136  1.00 55.86  ? 20  SER A C   1 
ATOM   99   O  O   . SER A 1 20  ? 7.924   4.994   -1.863  1.00 54.93  ? 20  SER A O   1 
ATOM   100  C  CB  . SER A 1 20  ? 7.508   4.656   1.092   1.00 55.44  ? 20  SER A CB  1 
ATOM   101  O  OG  . SER A 1 20  ? 6.138   4.418   1.341   1.00 57.37  ? 20  SER A OG  1 
ATOM   102  N  N   . GLY A 1 21  ? 6.216   6.454   -1.556  1.00 57.21  ? 21  GLY A N   1 
ATOM   103  C  CA  . GLY A 1 21  ? 5.761   6.400   -2.935  1.00 57.94  ? 21  GLY A CA  1 
ATOM   104  C  C   . GLY A 1 21  ? 4.996   5.166   -3.333  1.00 58.12  ? 21  GLY A C   1 
ATOM   105  O  O   . GLY A 1 21  ? 5.153   4.661   -4.447  1.00 59.17  ? 21  GLY A O   1 
ATOM   106  N  N   . LYS A 1 22  ? 4.163   4.678   -2.428  1.00 57.73  ? 22  LYS A N   1 
ATOM   107  C  CA  . LYS A 1 22  ? 3.373   3.496   -2.710  1.00 58.10  ? 22  LYS A CA  1 
ATOM   108  C  C   . LYS A 1 22  ? 2.548   3.751   -3.970  1.00 59.55  ? 22  LYS A C   1 
ATOM   109  O  O   . LYS A 1 22  ? 2.337   2.853   -4.784  1.00 59.40  ? 22  LYS A O   1 
ATOM   110  C  CB  . LYS A 1 22  ? 2.440   3.204   -1.534  1.00 57.87  ? 22  LYS A CB  1 
ATOM   111  C  CG  . LYS A 1 22  ? 3.139   3.040   -0.190  1.00 55.69  ? 22  LYS A CG  1 
ATOM   112  C  CD  . LYS A 1 22  ? 2.147   2.653   0.895   1.00 53.06  ? 22  LYS A CD  1 
ATOM   113  C  CE  . LYS A 1 22  ? 1.170   3.782   1.222   1.00 50.74  ? 22  LYS A CE  1 
ATOM   114  N  NZ  . LYS A 1 22  ? 1.807   4.924   1.946   1.00 46.11  ? 22  LYS A NZ  1 
ATOM   115  N  N   . SER A 1 23  ? 2.090   4.989   -4.125  1.00 60.93  ? 23  SER A N   1 
ATOM   116  C  CA  . SER A 1 23  ? 1.276   5.365   -5.271  1.00 62.15  ? 23  SER A CA  1 
ATOM   117  C  C   . SER A 1 23  ? 2.024   5.283   -6.572  1.00 62.52  ? 23  SER A C   1 
ATOM   118  O  O   . SER A 1 23  ? 1.673   4.512   -7.457  1.00 62.51  ? 23  SER A O   1 
ATOM   119  C  CB  . SER A 1 23  ? 0.756   6.794   -5.123  1.00 63.48  ? 23  SER A CB  1 
ATOM   120  O  OG  . SER A 1 23  ? 0.162   7.227   -6.344  1.00 65.62  ? 23  SER A OG  1 
ATOM   121  N  N   . THR A 1 24  ? 3.055   6.109   -6.682  1.00 63.22  ? 24  THR A N   1 
ATOM   122  C  CA  . THR A 1 24  ? 3.852   6.167   -7.890  1.00 62.94  ? 24  THR A CA  1 
ATOM   123  C  C   . THR A 1 24  ? 4.312   4.800   -8.357  1.00 62.70  ? 24  THR A C   1 
ATOM   124  O  O   . THR A 1 24  ? 4.285   4.511   -9.549  1.00 62.26  ? 24  THR A O   1 
ATOM   125  C  CB  . THR A 1 24  ? 5.065   7.061   -7.687  1.00 63.44  ? 24  THR A CB  1 
ATOM   126  O  OG1 . THR A 1 24  ? 4.628   8.369   -7.284  1.00 62.32  ? 24  THR A OG1 1 
ATOM   127  C  CG2 . THR A 1 24  ? 5.863   7.161   -8.981  1.00 63.49  ? 24  THR A CG2 1 
ATOM   128  N  N   . ILE A 1 25  ? 4.725   3.957   -7.419  1.00 62.33  ? 25  ILE A N   1 
ATOM   129  C  CA  . ILE A 1 25  ? 5.187   2.622   -7.772  1.00 63.04  ? 25  ILE A CA  1 
ATOM   130  C  C   . ILE A 1 25  ? 4.026   1.733   -8.176  1.00 64.57  ? 25  ILE A C   1 
ATOM   131  O  O   . ILE A 1 25  ? 4.179   0.838   -9.003  1.00 65.71  ? 25  ILE A O   1 
ATOM   132  C  CB  . ILE A 1 25  ? 5.932   1.948   -6.604  1.00 61.99  ? 25  ILE A CB  1 
ATOM   133  C  CG1 . ILE A 1 25  ? 7.148   2.789   -6.216  1.00 61.83  ? 25  ILE A CG1 1 
ATOM   134  C  CG2 . ILE A 1 25  ? 6.363   0.543   -6.988  1.00 58.89  ? 25  ILE A CG2 1 
ATOM   135  C  CD1 . ILE A 1 25  ? 7.893   2.262   -5.040  1.00 60.53  ? 25  ILE A CD1 1 
ATOM   136  N  N   . ALA A 1 26  ? 2.857   1.972   -7.597  1.00 66.01  ? 26  ALA A N   1 
ATOM   137  C  CA  . ALA A 1 26  ? 1.698   1.156   -7.924  1.00 67.30  ? 26  ALA A CA  1 
ATOM   138  C  C   . ALA A 1 26  ? 1.090   1.566   -9.260  1.00 67.76  ? 26  ALA A C   1 
ATOM   139  O  O   . ALA A 1 26  ? 0.785   0.711   -10.081 1.00 68.69  ? 26  ALA A O   1 
ATOM   140  C  CB  . ALA A 1 26  ? 0.659   1.254   -6.808  1.00 67.54  ? 26  ALA A CB  1 
ATOM   141  N  N   . GLU A 1 27  ? 0.913   2.870   -9.472  1.00 68.45  ? 27  GLU A N   1 
ATOM   142  C  CA  . GLU A 1 27  ? 0.353   3.390   -10.720 1.00 68.42  ? 27  GLU A CA  1 
ATOM   143  C  C   . GLU A 1 27  ? 1.178   2.910   -11.899 1.00 67.17  ? 27  GLU A C   1 
ATOM   144  O  O   . GLU A 1 27  ? 0.665   2.270   -12.809 1.00 66.15  ? 27  GLU A O   1 
ATOM   145  C  CB  . GLU A 1 27  ? 0.373   4.912   -10.721 1.00 71.03  ? 27  GLU A CB  1 
ATOM   146  C  CG  . GLU A 1 27  ? -0.057  5.520   -12.045 1.00 74.51  ? 27  GLU A CG  1 
ATOM   147  C  CD  . GLU A 1 27  ? -1.565  5.695   -12.150 1.00 76.49  ? 27  GLU A CD  1 
ATOM   148  O  OE1 . GLU A 1 27  ? -2.296  4.763   -11.747 1.00 77.51  ? 27  GLU A OE1 1 
ATOM   149  O  OE2 . GLU A 1 27  ? -2.012  6.760   -12.640 1.00 76.42  ? 27  GLU A OE2 1 
ATOM   150  N  N   . ALA A 1 28  ? 2.465   3.230   -11.864 1.00 67.07  ? 28  ALA A N   1 
ATOM   151  C  CA  . ALA A 1 28  ? 3.388   2.846   -12.921 1.00 67.70  ? 28  ALA A CA  1 
ATOM   152  C  C   . ALA A 1 28  ? 3.433   1.331   -13.143 1.00 67.39  ? 28  ALA A C   1 
ATOM   153  O  O   . ALA A 1 28  ? 3.592   0.862   -14.267 1.00 67.34  ? 28  ALA A O   1 
ATOM   154  C  CB  . ALA A 1 28  ? 4.783   3.381   -12.610 1.00 66.56  ? 28  ALA A CB  1 
ATOM   155  N  N   . LEU A 1 29  ? 3.294   0.565   -12.072 1.00 67.98  ? 29  LEU A N   1 
ATOM   156  C  CA  . LEU A 1 29  ? 3.318   -0.889  -12.178 1.00 68.37  ? 29  LEU A CA  1 
ATOM   157  C  C   . LEU A 1 29  ? 1.987   -1.368  -12.756 1.00 69.31  ? 29  LEU A C   1 
ATOM   158  O  O   . LEU A 1 29  ? 1.908   -2.415  -13.399 1.00 68.90  ? 29  LEU A O   1 
ATOM   159  C  CB  . LEU A 1 29  ? 3.537   -1.498  -10.791 1.00 66.36  ? 29  LEU A CB  1 
ATOM   160  C  CG  . LEU A 1 29  ? 4.024   -2.934  -10.717 1.00 65.97  ? 29  LEU A CG  1 
ATOM   161  C  CD1 . LEU A 1 29  ? 5.373   -3.052  -11.391 1.00 66.13  ? 29  LEU A CD1 1 
ATOM   162  C  CD2 . LEU A 1 29  ? 4.131   -3.359  -9.269  1.00 66.51  ? 29  LEU A CD2 1 
ATOM   163  N  N   . ALA A 1 30  ? 0.946   -0.578  -12.515 1.00 70.87  ? 30  ALA A N   1 
ATOM   164  C  CA  . ALA A 1 30  ? -0.403  -0.883  -12.971 1.00 72.70  ? 30  ALA A CA  1 
ATOM   165  C  C   . ALA A 1 30  ? -0.554  -0.556  -14.444 1.00 73.82  ? 30  ALA A C   1 
ATOM   166  O  O   . ALA A 1 30  ? -1.326  -1.203  -15.156 1.00 74.87  ? 30  ALA A O   1 
ATOM   167  C  CB  . ALA A 1 30  ? -1.411  -0.087  -12.158 1.00 73.27  ? 30  ALA A CB  1 
ATOM   168  N  N   . ASN A 1 31  ? 0.179   0.467   -14.882 1.00 73.19  ? 31  ASN A N   1 
ATOM   169  C  CA  . ASN A 1 31  ? 0.176   0.900   -16.271 1.00 72.18  ? 31  ASN A CA  1 
ATOM   170  C  C   . ASN A 1 31  ? 1.083   -0.044  -17.064 1.00 73.52  ? 31  ASN A C   1 
ATOM   171  O  O   . ASN A 1 31  ? 1.275   0.129   -18.261 1.00 73.92  ? 31  ASN A O   1 
ATOM   172  C  CB  . ASN A 1 31  ? 0.694   2.341   -16.381 1.00 70.87  ? 31  ASN A CB  1 
ATOM   173  C  CG  . ASN A 1 31  ? -0.394  3.386   -16.154 1.00 70.27  ? 31  ASN A CG  1 
ATOM   174  O  OD1 . ASN A 1 31  ? -1.302  3.525   -16.956 1.00 70.82  ? 31  ASN A OD1 1 
ATOM   175  N  ND2 . ASN A 1 31  ? -0.295  4.125   -15.060 1.00 70.08  ? 31  ASN A ND2 1 
ATOM   176  N  N   . LEU A 1 32  ? 1.642   -1.045  -16.391 1.00 75.44  ? 32  LEU A N   1 
ATOM   177  C  CA  . LEU A 1 32  ? 2.519   -2.002  -17.054 1.00 77.02  ? 32  LEU A CA  1 
ATOM   178  C  C   . LEU A 1 32  ? 1.730   -2.880  -18.015 1.00 78.88  ? 32  LEU A C   1 
ATOM   179  O  O   . LEU A 1 32  ? 0.639   -3.346  -17.691 1.00 78.40  ? 32  LEU A O   1 
ATOM   180  C  CB  . LEU A 1 32  ? 3.221   -2.899  -16.035 1.00 76.15  ? 32  LEU A CB  1 
ATOM   181  C  CG  . LEU A 1 32  ? 4.750   -2.857  -16.056 1.00 75.51  ? 32  LEU A CG  1 
ATOM   182  C  CD1 . LEU A 1 32  ? 5.220   -1.542  -15.447 1.00 73.92  ? 32  LEU A CD1 1 
ATOM   183  C  CD2 . LEU A 1 32  ? 5.314   -4.048  -15.291 1.00 74.79  ? 32  LEU A CD2 1 
ATOM   184  N  N   . PRO A 1 33  ? 2.279   -3.118  -19.221 1.00 80.98  ? 33  PRO A N   1 
ATOM   185  C  CA  . PRO A 1 33  ? 1.597   -3.957  -20.216 1.00 80.97  ? 33  PRO A CA  1 
ATOM   186  C  C   . PRO A 1 33  ? 1.447   -5.412  -19.763 1.00 80.25  ? 33  PRO A C   1 
ATOM   187  O  O   . PRO A 1 33  ? 1.946   -5.799  -18.707 1.00 80.88  ? 33  PRO A O   1 
ATOM   188  C  CB  . PRO A 1 33  ? 2.484   -3.807  -21.452 1.00 81.99  ? 33  PRO A CB  1 
ATOM   189  C  CG  . PRO A 1 33  ? 3.853   -3.544  -20.867 1.00 81.67  ? 33  PRO A CG  1 
ATOM   190  C  CD  . PRO A 1 33  ? 3.539   -2.568  -19.768 1.00 81.24  ? 33  PRO A CD  1 
ATOM   191  N  N   . GLY A 1 34  ? 0.756   -6.206  -20.569 1.00 79.11  ? 34  GLY A N   1 
ATOM   192  C  CA  . GLY A 1 34  ? 0.535   -7.599  -20.234 1.00 77.83  ? 34  GLY A CA  1 
ATOM   193  C  C   . GLY A 1 34  ? -0.935  -7.847  -19.932 1.00 77.56  ? 34  GLY A C   1 
ATOM   194  O  O   . GLY A 1 34  ? -1.814  -7.586  -20.771 1.00 78.12  ? 34  GLY A O   1 
ATOM   195  N  N   . VAL A 1 35  ? -1.201  -8.351  -18.728 1.00 75.43  ? 35  VAL A N   1 
ATOM   196  C  CA  . VAL A 1 35  ? -2.563  -8.630  -18.279 1.00 72.08  ? 35  VAL A CA  1 
ATOM   197  C  C   . VAL A 1 35  ? -3.180  -7.377  -17.708 1.00 69.60  ? 35  VAL A C   1 
ATOM   198  O  O   . VAL A 1 35  ? -2.482  -6.491  -17.237 1.00 68.81  ? 35  VAL A O   1 
ATOM   199  C  CB  . VAL A 1 35  ? -2.594  -9.706  -17.192 1.00 72.36  ? 35  VAL A CB  1 
ATOM   200  C  CG1 . VAL A 1 35  ? -2.138  -11.031 -17.774 1.00 74.08  ? 35  VAL A CG1 1 
ATOM   201  C  CG2 . VAL A 1 35  ? -1.691  -9.301  -16.037 1.00 72.22  ? 35  VAL A CG2 1 
ATOM   202  N  N   . PRO A 1 36  ? -4.511  -7.295  -17.734 1.00 67.91  ? 36  PRO A N   1 
ATOM   203  C  CA  . PRO A 1 36  ? -5.190  -6.111  -17.202 1.00 65.46  ? 36  PRO A CA  1 
ATOM   204  C  C   . PRO A 1 36  ? -4.906  -5.884  -15.719 1.00 63.19  ? 36  PRO A C   1 
ATOM   205  O  O   . PRO A 1 36  ? -5.148  -6.744  -14.871 1.00 63.14  ? 36  PRO A O   1 
ATOM   206  C  CB  . PRO A 1 36  ? -6.663  -6.385  -17.515 1.00 66.02  ? 36  PRO A CB  1 
ATOM   207  C  CG  . PRO A 1 36  ? -6.745  -7.878  -17.502 1.00 66.68  ? 36  PRO A CG  1 
ATOM   208  C  CD  . PRO A 1 36  ? -5.470  -8.328  -18.165 1.00 66.99  ? 36  PRO A CD  1 
ATOM   209  N  N   . LYS A 1 37  ? -4.366  -4.715  -15.419 1.00 59.79  ? 37  LYS A N   1 
ATOM   210  C  CA  . LYS A 1 37  ? -4.028  -4.375  -14.056 1.00 56.88  ? 37  LYS A CA  1 
ATOM   211  C  C   . LYS A 1 37  ? -4.984  -3.323  -13.534 1.00 55.19  ? 37  LYS A C   1 
ATOM   212  O  O   . LYS A 1 37  ? -5.851  -2.852  -14.254 1.00 54.96  ? 37  LYS A O   1 
ATOM   213  C  CB  . LYS A 1 37  ? -2.590  -3.861  -14.005 1.00 56.82  ? 37  LYS A CB  1 
ATOM   214  C  CG  . LYS A 1 37  ? -1.586  -4.934  -14.337 1.00 57.59  ? 37  LYS A CG  1 
ATOM   215  C  CD  . LYS A 1 37  ? -0.248  -4.347  -14.707 1.00 59.51  ? 37  LYS A CD  1 
ATOM   216  C  CE  . LYS A 1 37  ? 0.772   -5.447  -15.047 1.00 62.29  ? 37  LYS A CE  1 
ATOM   217  N  NZ  . LYS A 1 37  ? 0.320   -6.457  -16.063 1.00 62.68  ? 37  LYS A NZ  1 
ATOM   218  N  N   . VAL A 1 38  ? -4.840  -2.982  -12.260 1.00 54.07  ? 38  VAL A N   1 
ATOM   219  C  CA  . VAL A 1 38  ? -5.670  -1.964  -11.628 1.00 51.44  ? 38  VAL A CA  1 
ATOM   220  C  C   . VAL A 1 38  ? -4.944  -1.393  -10.415 1.00 49.87  ? 38  VAL A C   1 
ATOM   221  O  O   . VAL A 1 38  ? -4.504  -2.112  -9.522  1.00 48.59  ? 38  VAL A O   1 
ATOM   222  C  CB  . VAL A 1 38  ? -7.072  -2.517  -11.194 1.00 51.12  ? 38  VAL A CB  1 
ATOM   223  C  CG1 . VAL A 1 38  ? -6.955  -3.923  -10.633 1.00 51.59  ? 38  VAL A CG1 1 
ATOM   224  C  CG2 . VAL A 1 38  ? -7.688  -1.584  -10.152 1.00 50.57  ? 38  VAL A CG2 1 
ATOM   225  N  N   . HIS A 1 39  ? -4.787  -0.083  -10.424 1.00 48.53  ? 39  HIS A N   1 
ATOM   226  C  CA  . HIS A 1 39  ? -4.142  0.604   -9.338  1.00 47.43  ? 39  HIS A CA  1 
ATOM   227  C  C   . HIS A 1 39  ? -5.290  1.066   -8.452  1.00 46.69  ? 39  HIS A C   1 
ATOM   228  O  O   . HIS A 1 39  ? -5.997  2.041   -8.740  1.00 45.28  ? 39  HIS A O   1 
ATOM   229  C  CB  . HIS A 1 39  ? -3.310  1.769   -9.889  1.00 49.71  ? 39  HIS A CB  1 
ATOM   230  C  CG  . HIS A 1 39  ? -2.875  2.753   -8.850  1.00 53.05  ? 39  HIS A CG  1 
ATOM   231  N  ND1 . HIS A 1 39  ? -2.253  2.371   -7.685  1.00 53.24  ? 39  HIS A ND1 1 
ATOM   232  C  CD2 . HIS A 1 39  ? -3.005  4.101   -8.787  1.00 54.92  ? 39  HIS A CD2 1 
ATOM   233  C  CE1 . HIS A 1 39  ? -2.025  3.441   -6.943  1.00 54.86  ? 39  HIS A CE1 1 
ATOM   234  N  NE2 . HIS A 1 39  ? -2.473  4.502   -7.587  1.00 55.56  ? 39  HIS A NE2 1 
ATOM   235  N  N   . PHE A 1 40  ? -5.481  0.313   -7.380  1.00 46.27  ? 40  PHE A N   1 
ATOM   236  C  CA  . PHE A 1 40  ? -6.538  0.569   -6.419  1.00 45.60  ? 40  PHE A CA  1 
ATOM   237  C  C   . PHE A 1 40  ? -6.048  1.458   -5.291  1.00 45.08  ? 40  PHE A C   1 
ATOM   238  O  O   . PHE A 1 40  ? -5.369  0.993   -4.392  1.00 45.92  ? 40  PHE A O   1 
ATOM   239  C  CB  . PHE A 1 40  ? -7.024  -0.760  -5.847  1.00 42.85  ? 40  PHE A CB  1 
ATOM   240  C  CG  . PHE A 1 40  ? -8.168  -0.624  -4.894  1.00 41.17  ? 40  PHE A CG  1 
ATOM   241  C  CD1 . PHE A 1 40  ? -8.923  0.554   -4.857  1.00 38.39  ? 40  PHE A CD1 1 
ATOM   242  C  CD2 . PHE A 1 40  ? -8.523  -1.691  -4.063  1.00 40.70  ? 40  PHE A CD2 1 
ATOM   243  C  CE1 . PHE A 1 40  ? -10.008 0.666   -4.012  1.00 38.49  ? 40  PHE A CE1 1 
ATOM   244  C  CE2 . PHE A 1 40  ? -9.608  -1.596  -3.211  1.00 40.04  ? 40  PHE A CE2 1 
ATOM   245  C  CZ  . PHE A 1 40  ? -10.361 -0.414  -3.182  1.00 40.47  ? 40  PHE A CZ  1 
ATOM   246  N  N   . HIS A 1 41  ? -6.397  2.733   -5.331  1.00 45.53  ? 41  HIS A N   1 
ATOM   247  C  CA  . HIS A 1 41  ? -5.972  3.646   -4.284  1.00 46.91  ? 41  HIS A CA  1 
ATOM   248  C  C   . HIS A 1 41  ? -6.978  3.498   -3.155  1.00 46.82  ? 41  HIS A C   1 
ATOM   249  O  O   . HIS A 1 41  ? -7.899  4.302   -3.004  1.00 44.91  ? 41  HIS A O   1 
ATOM   250  C  CB  . HIS A 1 41  ? -5.946  5.060   -4.838  1.00 48.73  ? 41  HIS A CB  1 
ATOM   251  C  CG  . HIS A 1 41  ? -5.226  6.050   -3.980  1.00 51.64  ? 41  HIS A CG  1 
ATOM   252  N  ND1 . HIS A 1 41  ? -5.871  6.821   -3.034  1.00 52.92  ? 41  HIS A ND1 1 
ATOM   253  C  CD2 . HIS A 1 41  ? -3.942  6.480   -4.002  1.00 51.63  ? 41  HIS A CD2 1 
ATOM   254  C  CE1 . HIS A 1 41  ? -5.018  7.691   -2.520  1.00 52.73  ? 41  HIS A CE1 1 
ATOM   255  N  NE2 . HIS A 1 41  ? -3.841  7.505   -3.093  1.00 54.23  ? 41  HIS A NE2 1 
ATOM   256  N  N   . SER A 1 42  ? -6.779  2.443   -2.366  1.00 48.63  ? 42  SER A N   1 
ATOM   257  C  CA  . SER A 1 42  ? -7.665  2.099   -1.258  1.00 49.27  ? 42  SER A CA  1 
ATOM   258  C  C   . SER A 1 42  ? -7.921  3.231   -0.278  1.00 50.57  ? 42  SER A C   1 
ATOM   259  O  O   . SER A 1 42  ? -8.927  3.225   0.429   1.00 51.17  ? 42  SER A O   1 
ATOM   260  C  CB  . SER A 1 42  ? -7.145  0.848   -0.531  1.00 46.99  ? 42  SER A CB  1 
ATOM   261  O  OG  . SER A 1 42  ? -5.878  1.052   0.063   1.00 47.30  ? 42  SER A OG  1 
ATOM   262  N  N   . ASP A 1 43  ? -7.032  4.215   -0.253  1.00 51.50  ? 43  ASP A N   1 
ATOM   263  C  CA  . ASP A 1 43  ? -7.200  5.350   0.645   1.00 52.97  ? 43  ASP A CA  1 
ATOM   264  C  C   . ASP A 1 43  ? -8.410  6.209   0.227   1.00 51.96  ? 43  ASP A C   1 
ATOM   265  O  O   . ASP A 1 43  ? -8.882  7.064   0.975   1.00 49.09  ? 43  ASP A O   1 
ATOM   266  C  CB  . ASP A 1 43  ? -5.922  6.193   0.643   1.00 57.42  ? 43  ASP A CB  1 
ATOM   267  C  CG  . ASP A 1 43  ? -5.546  6.695   2.031   1.00 60.98  ? 43  ASP A CG  1 
ATOM   268  O  OD1 . ASP A 1 43  ? -5.587  5.874   2.982   1.00 63.14  ? 43  ASP A OD1 1 
ATOM   269  O  OD2 . ASP A 1 43  ? -5.198  7.902   2.164   1.00 61.92  ? 43  ASP A OD2 1 
ATOM   270  N  N   . ASP A 1 44  ? -8.910  5.979   -0.977  1.00 52.73  ? 44  ASP A N   1 
ATOM   271  C  CA  . ASP A 1 44  ? -10.052 6.741   -1.443  1.00 53.91  ? 44  ASP A CA  1 
ATOM   272  C  C   . ASP A 1 44  ? -11.297 6.340   -0.665  1.00 54.31  ? 44  ASP A C   1 
ATOM   273  O  O   . ASP A 1 44  ? -12.326 7.018   -0.741  1.00 54.70  ? 44  ASP A O   1 
ATOM   274  C  CB  . ASP A 1 44  ? -10.287 6.519   -2.945  1.00 54.71  ? 44  ASP A CB  1 
ATOM   275  C  CG  . ASP A 1 44  ? -9.327  7.319   -3.819  1.00 56.29  ? 44  ASP A CG  1 
ATOM   276  O  OD1 . ASP A 1 44  ? -9.312  8.570   -3.716  1.00 56.21  ? 44  ASP A OD1 1 
ATOM   277  O  OD2 . ASP A 1 44  ? -8.593  6.699   -4.620  1.00 57.46  ? 44  ASP A OD2 1 
ATOM   278  N  N   . LEU A 1 45  ? -11.211 5.249   0.090   1.00 53.25  ? 45  LEU A N   1 
ATOM   279  C  CA  . LEU A 1 45  ? -12.362 4.776   0.849   1.00 52.55  ? 45  LEU A CA  1 
ATOM   280  C  C   . LEU A 1 45  ? -12.766 5.709   1.952   1.00 53.52  ? 45  LEU A C   1 
ATOM   281  O  O   . LEU A 1 45  ? -13.958 5.862   2.203   1.00 53.35  ? 45  LEU A O   1 
ATOM   282  C  CB  . LEU A 1 45  ? -12.099 3.399   1.441   1.00 52.38  ? 45  LEU A CB  1 
ATOM   283  C  CG  . LEU A 1 45  ? -12.501 2.204   0.586   1.00 50.35  ? 45  LEU A CG  1 
ATOM   284  C  CD1 . LEU A 1 45  ? -13.958 2.344   0.178   1.00 48.83  ? 45  LEU A CD1 1 
ATOM   285  C  CD2 . LEU A 1 45  ? -11.604 2.135   -0.625  1.00 49.78  ? 45  LEU A CD2 1 
ATOM   286  N  N   . TRP A 1 46  ? -11.789 6.308   2.642   1.00 55.91  ? 46  TRP A N   1 
ATOM   287  C  CA  . TRP A 1 46  ? -12.118 7.260   3.709   1.00 57.51  ? 46  TRP A CA  1 
ATOM   288  C  C   . TRP A 1 46  ? -12.189 8.643   3.070   1.00 55.48  ? 46  TRP A C   1 
ATOM   289  O  O   . TRP A 1 46  ? -12.901 9.518   3.550   1.00 54.26  ? 46  TRP A O   1 
ATOM   290  C  CB  . TRP A 1 46  ? -11.115 7.217   4.901   1.00 62.25  ? 46  TRP A CB  1 
ATOM   291  C  CG  . TRP A 1 46  ? -9.723  7.647   4.609   1.00 67.89  ? 46  TRP A CG  1 
ATOM   292  C  CD1 . TRP A 1 46  ? -8.719  6.876   4.091   1.00 70.40  ? 46  TRP A CD1 1 
ATOM   293  C  CD2 . TRP A 1 46  ? -9.216  8.989   4.659   1.00 71.27  ? 46  TRP A CD2 1 
ATOM   294  N  NE1 . TRP A 1 46  ? -7.622  7.658   3.793   1.00 72.63  ? 46  TRP A NE1 1 
ATOM   295  C  CE2 . TRP A 1 46  ? -7.898  8.960   4.126   1.00 72.61  ? 46  TRP A CE2 1 
ATOM   296  C  CE3 . TRP A 1 46  ? -9.751  10.216  5.090   1.00 71.25  ? 46  TRP A CE3 1 
ATOM   297  C  CZ2 . TRP A 1 46  ? -7.102  10.117  4.008   1.00 71.86  ? 46  TRP A CZ2 1 
ATOM   298  C  CZ3 . TRP A 1 46  ? -8.962  11.369  4.973   1.00 72.30  ? 46  TRP A CZ3 1 
ATOM   299  C  CH2 . TRP A 1 46  ? -7.648  11.306  4.430   1.00 72.03  ? 46  TRP A CH2 1 
ATOM   300  N  N   . GLY A 1 47  ? -11.483 8.821   1.956   1.00 54.60  ? 47  GLY A N   1 
ATOM   301  C  CA  . GLY A 1 47  ? -11.550 10.091  1.252   1.00 54.09  ? 47  GLY A CA  1 
ATOM   302  C  C   . GLY A 1 47  ? -12.982 10.360  0.782   1.00 54.01  ? 47  GLY A C   1 
ATOM   303  O  O   . GLY A 1 47  ? -13.346 11.517  0.582   1.00 54.70  ? 47  GLY A O   1 
ATOM   304  N  N   . TYR A 1 48  ? -13.780 9.293   0.614   1.00 53.16  ? 48  TYR A N   1 
ATOM   305  C  CA  . TYR A 1 48  ? -15.195 9.353   0.188   1.00 52.09  ? 48  TYR A CA  1 
ATOM   306  C  C   . TYR A 1 48  ? -16.116 9.853   1.302   1.00 51.35  ? 48  TYR A C   1 
ATOM   307  O  O   . TYR A 1 48  ? -17.157 10.448  1.060   1.00 49.83  ? 48  TYR A O   1 
ATOM   308  C  CB  . TYR A 1 48  ? -15.709 7.955   -0.280  1.00 51.17  ? 48  TYR A CB  1 
ATOM   309  C  CG  . TYR A 1 48  ? -15.202 7.470   -1.642  1.00 49.54  ? 48  TYR A CG  1 
ATOM   310  C  CD1 . TYR A 1 48  ? -15.280 6.129   -2.018  1.00 48.40  ? 48  TYR A CD1 1 
ATOM   311  C  CD2 . TYR A 1 48  ? -14.572 8.344   -2.518  1.00 50.09  ? 48  TYR A CD2 1 
ATOM   312  C  CE1 . TYR A 1 48  ? -14.719 5.686   -3.232  1.00 46.70  ? 48  TYR A CE1 1 
ATOM   313  C  CE2 . TYR A 1 48  ? -14.019 7.910   -3.721  1.00 47.10  ? 48  TYR A CE2 1 
ATOM   314  C  CZ  . TYR A 1 48  ? -14.086 6.592   -4.065  1.00 46.30  ? 48  TYR A CZ  1 
ATOM   315  O  OH  . TYR A 1 48  ? -13.453 6.204   -5.221  1.00 45.35  ? 48  TYR A OH  1 
ATOM   316  N  N   . ILE A 1 49  ? -15.743 9.591   2.537   1.00 53.34  ? 49  ILE A N   1 
ATOM   317  C  CA  . ILE A 1 49  ? -16.571 10.034  3.635   1.00 55.43  ? 49  ILE A CA  1 
ATOM   318  C  C   . ILE A 1 49  ? -16.258 11.499  3.951   1.00 57.90  ? 49  ILE A C   1 
ATOM   319  O  O   . ILE A 1 49  ? -15.093 11.905  3.928   1.00 58.87  ? 49  ILE A O   1 
ATOM   320  C  CB  . ILE A 1 49  ? -16.370 9.085   4.867   1.00 53.71  ? 49  ILE A CB  1 
ATOM   321  C  CG1 . ILE A 1 49  ? -16.552 9.850   6.153   1.00 52.79  ? 49  ILE A CG1 1 
ATOM   322  C  CG2 . ILE A 1 49  ? -15.036 8.387   4.788   1.00 51.58  ? 49  ILE A CG2 1 
ATOM   323  C  CD1 . ILE A 1 49  ? -17.941 10.334  6.323   1.00 53.55  ? 49  ILE A CD1 1 
ATOM   324  N  N   . LYS A 1 50  ? -17.308 12.288  4.198   1.00 60.18  ? 50  LYS A N   1 
ATOM   325  C  CA  . LYS A 1 50  ? -17.191 13.717  4.535   1.00 62.66  ? 50  LYS A CA  1 
ATOM   326  C  C   . LYS A 1 50  ? -18.184 14.041  5.639   1.00 65.45  ? 50  LYS A C   1 
ATOM   327  O  O   . LYS A 1 50  ? -19.329 13.626  5.584   1.00 67.00  ? 50  LYS A O   1 
ATOM   328  C  CB  . LYS A 1 50  ? -17.476 14.583  3.310   1.00 61.63  ? 50  LYS A CB  1 
ATOM   329  C  CG  . LYS A 1 50  ? -17.884 13.809  2.062   1.00 60.41  ? 50  LYS A CG  1 
ATOM   330  C  CD  . LYS A 1 50  ? -17.599 14.612  0.795   1.00 57.60  ? 50  LYS A CD  1 
ATOM   331  C  CE  . LYS A 1 50  ? -16.092 14.807  0.592   1.00 55.99  ? 50  LYS A CE  1 
ATOM   332  N  NZ  . LYS A 1 50  ? -15.372 13.525  0.367   1.00 52.30  ? 50  LYS A NZ  1 
ATOM   333  N  N   . HIS A 1 51  ? -17.757 14.799  6.634   1.00 69.33  ? 51  HIS A N   1 
ATOM   334  C  CA  . HIS A 1 51  ? -18.627 15.113  7.761   1.00 73.46  ? 51  HIS A CA  1 
ATOM   335  C  C   . HIS A 1 51  ? -18.746 13.846  8.589   1.00 75.09  ? 51  HIS A C   1 
ATOM   336  O  O   . HIS A 1 51  ? -19.577 12.978  8.313   1.00 74.01  ? 51  HIS A O   1 
ATOM   337  C  CB  . HIS A 1 51  ? -20.021 15.539  7.317   1.00 75.15  ? 51  HIS A CB  1 
ATOM   338  C  CG  . HIS A 1 51  ? -20.911 15.906  8.461   1.00 78.20  ? 51  HIS A CG  1 
ATOM   339  N  ND1 . HIS A 1 51  ? -20.562 16.863  9.389   1.00 79.17  ? 51  HIS A ND1 1 
ATOM   340  C  CD2 . HIS A 1 51  ? -22.122 15.436  8.841   1.00 79.77  ? 51  HIS A CD2 1 
ATOM   341  C  CE1 . HIS A 1 51  ? -21.520 16.968  10.294  1.00 80.11  ? 51  HIS A CE1 1 
ATOM   342  N  NE2 . HIS A 1 51  ? -22.479 16.113  9.984   1.00 80.71  ? 51  HIS A NE2 1 
ATOM   343  N  N   . GLY A 1 52  ? -17.907 13.766  9.616   1.00 77.42  ? 52  GLY A N   1 
ATOM   344  C  CA  . GLY A 1 52  ? -17.867 12.605  10.476  1.00 79.34  ? 52  GLY A CA  1 
ATOM   345  C  C   . GLY A 1 52  ? -16.658 11.848  9.989   1.00 81.45  ? 52  GLY A C   1 
ATOM   346  O  O   . GLY A 1 52  ? -16.516 10.656  10.236  1.00 82.60  ? 52  GLY A O   1 
ATOM   347  N  N   . ARG A 1 53  ? -15.782 12.569  9.292   1.00 82.80  ? 53  ARG A N   1 
ATOM   348  C  CA  . ARG A 1 53  ? -14.562 12.017  8.709   1.00 85.13  ? 53  ARG A CA  1 
ATOM   349  C  C   . ARG A 1 53  ? -13.679 11.194  9.654   1.00 87.19  ? 53  ARG A C   1 
ATOM   350  O  O   . ARG A 1 53  ? -13.455 10.006  9.415   1.00 87.50  ? 53  ARG A O   1 
ATOM   351  C  CB  . ARG A 1 53  ? -13.738 13.150  8.103   1.00 85.04  ? 53  ARG A CB  1 
ATOM   352  C  CG  . ARG A 1 53  ? -12.541 12.699  7.290   1.00 85.14  ? 53  ARG A CG  1 
ATOM   353  C  CD  . ARG A 1 53  ? -12.967 11.948  6.054   1.00 84.67  ? 53  ARG A CD  1 
ATOM   354  N  NE  . ARG A 1 53  ? -12.009 12.103  4.960   1.00 84.97  ? 53  ARG A NE  1 
ATOM   355  C  CZ  . ARG A 1 53  ? -11.821 13.229  4.277   1.00 84.50  ? 53  ARG A CZ  1 
ATOM   356  N  NH1 . ARG A 1 53  ? -10.927 13.265  3.298   1.00 83.87  ? 53  ARG A NH1 1 
ATOM   357  N  NH2 . ARG A 1 53  ? -12.527 14.317  4.567   1.00 85.09  ? 53  ARG A NH2 1 
ATOM   358  N  N   . ILE A 1 54  ? -13.170 11.833  10.709  1.00 89.26  ? 54  ILE A N   1 
ATOM   359  C  CA  . ILE A 1 54  ? -12.292 11.184  11.697  1.00 90.91  ? 54  ILE A CA  1 
ATOM   360  C  C   . ILE A 1 54  ? -10.986 10.695  11.068  1.00 92.49  ? 54  ILE A C   1 
ATOM   361  O  O   . ILE A 1 54  ? -10.948 9.633   10.451  1.00 92.17  ? 54  ILE A O   1 
ATOM   362  C  CB  . ILE A 1 54  ? -12.987 9.975   12.381  1.00 89.62  ? 54  ILE A CB  1 
ATOM   363  C  CG1 . ILE A 1 54  ? -14.251 10.439  13.099  1.00 89.42  ? 54  ILE A CG1 1 
ATOM   364  C  CG2 . ILE A 1 54  ? -12.045 9.331   13.382  1.00 89.13  ? 54  ILE A CG2 1 
ATOM   365  C  CD1 . ILE A 1 54  ? -15.054 9.324   13.719  1.00 89.07  ? 54  ILE A CD1 1 
ATOM   366  N  N   . ASP A 1 55  ? -9.914  11.463  11.234  1.00 95.37  ? 55  ASP A N   1 
ATOM   367  C  CA  . ASP A 1 55  ? -8.628  11.086  10.658  1.00 98.90  ? 55  ASP A CA  1 
ATOM   368  C  C   . ASP A 1 55  ? -8.199  9.673   11.026  1.00 101.42 ? 55  ASP A C   1 
ATOM   369  O  O   . ASP A 1 55  ? -8.361  9.237   12.168  1.00 101.25 ? 55  ASP A O   1 
ATOM   370  C  CB  . ASP A 1 55  ? -7.534  12.077  11.067  1.00 99.05  ? 55  ASP A CB  1 
ATOM   371  C  CG  . ASP A 1 55  ? -7.650  13.410  10.338  1.00 99.86  ? 55  ASP A CG  1 
ATOM   372  O  OD1 . ASP A 1 55  ? -7.644  13.414  9.080   1.00 99.22  ? 55  ASP A OD1 1 
ATOM   373  O  OD2 . ASP A 1 55  ? -7.745  14.453  11.022  1.00 100.18 ? 55  ASP A OD2 1 
ATOM   374  N  N   . PRO A 1 56  ? -7.642  8.935   10.046  1.00 104.20 ? 56  PRO A N   1 
ATOM   375  C  CA  . PRO A 1 56  ? -7.168  7.554   10.209  1.00 106.43 ? 56  PRO A CA  1 
ATOM   376  C  C   . PRO A 1 56  ? -5.936  7.431   11.093  1.00 108.54 ? 56  PRO A C   1 
ATOM   377  O  O   . PRO A 1 56  ? -5.405  6.331   11.269  1.00 108.89 ? 56  PRO A O   1 
ATOM   378  C  CB  . PRO A 1 56  ? -6.897  7.113   8.775   1.00 106.20 ? 56  PRO A CB  1 
ATOM   379  C  CG  . PRO A 1 56  ? -6.447  8.382   8.132   1.00 105.71 ? 56  PRO A CG  1 
ATOM   380  C  CD  . PRO A 1 56  ? -7.450  9.386   8.655   1.00 104.71 ? 56  PRO A CD  1 
ATOM   381  N  N   . TRP A 1 57  ? -5.490  8.564   11.642  1.00 110.84 ? 57  TRP A N   1 
ATOM   382  C  CA  . TRP A 1 57  ? -4.324  8.597   12.531  1.00 112.41 ? 57  TRP A CA  1 
ATOM   383  C  C   . TRP A 1 57  ? -4.710  7.917   13.836  1.00 113.46 ? 57  TRP A C   1 
ATOM   384  O  O   . TRP A 1 57  ? -4.077  6.948   14.247  1.00 114.44 ? 57  TRP A O   1 
ATOM   385  C  CB  . TRP A 1 57  ? -3.882  10.042  12.835  1.00 112.25 ? 57  TRP A CB  1 
ATOM   386  C  CG  . TRP A 1 57  ? -3.588  10.911  11.632  1.00 112.96 ? 57  TRP A CG  1 
ATOM   387  C  CD1 . TRP A 1 57  ? -3.530  12.283  11.612  1.00 113.02 ? 57  TRP A CD1 1 
ATOM   388  C  CD2 . TRP A 1 57  ? -3.414  10.484  10.273  1.00 113.36 ? 57  TRP A CD2 1 
ATOM   389  N  NE1 . TRP A 1 57  ? -3.351  12.733  10.325  1.00 113.05 ? 57  TRP A NE1 1 
ATOM   390  C  CE2 . TRP A 1 57  ? -3.279  11.654  9.483   1.00 113.54 ? 57  TRP A CE2 1 
ATOM   391  C  CE3 . TRP A 1 57  ? -3.372  9.230   9.641   1.00 113.14 ? 57  TRP A CE3 1 
ATOM   392  C  CZ2 . TRP A 1 57  ? -3.103  11.602  8.092   1.00 113.30 ? 57  TRP A CZ2 1 
ATOM   393  C  CZ3 . TRP A 1 57  ? -3.197  9.179   8.260   1.00 113.06 ? 57  TRP A CZ3 1 
ATOM   394  C  CH2 . TRP A 1 57  ? -3.068  10.359  7.500   1.00 113.20 ? 57  TRP A CH2 1 
ATOM   395  N  N   . LEU A 1 58  ? -5.761  8.424   14.474  1.00 114.02 ? 58  LEU A N   1 
ATOM   396  C  CA  . LEU A 1 58  ? -6.228  7.876   15.738  1.00 114.84 ? 58  LEU A CA  1 
ATOM   397  C  C   . LEU A 1 58  ? -7.142  8.948   16.311  1.00 115.38 ? 58  LEU A C   1 
ATOM   398  O  O   . LEU A 1 58  ? -7.087  10.096  15.877  1.00 115.66 ? 58  LEU A O   1 
ATOM   399  C  CB  . LEU A 1 58  ? -5.033  7.648   16.671  1.00 115.84 ? 58  LEU A CB  1 
ATOM   400  C  CG  . LEU A 1 58  ? -5.034  6.465   17.641  1.00 116.64 ? 58  LEU A CG  1 
ATOM   401  C  CD1 . LEU A 1 58  ? -5.318  5.176   16.886  1.00 117.24 ? 58  LEU A CD1 1 
ATOM   402  C  CD2 . LEU A 1 58  ? -3.681  6.390   18.346  1.00 116.79 ? 58  LEU A CD2 1 
ATOM   403  N  N   . PRO A 1 59  ? -8.001  8.594   17.282  1.00 115.85 ? 59  PRO A N   1 
ATOM   404  C  CA  . PRO A 1 59  ? -8.153  7.253   17.847  1.00 116.06 ? 59  PRO A CA  1 
ATOM   405  C  C   . PRO A 1 59  ? -9.467  6.589   17.416  1.00 116.05 ? 59  PRO A C   1 
ATOM   406  O  O   . PRO A 1 59  ? -9.534  5.369   17.297  1.00 116.94 ? 59  PRO A O   1 
ATOM   407  C  CB  . PRO A 1 59  ? -8.114  7.527   19.342  1.00 115.89 ? 59  PRO A CB  1 
ATOM   408  C  CG  . PRO A 1 59  ? -8.961  8.764   19.433  1.00 116.07 ? 59  PRO A CG  1 
ATOM   409  C  CD  . PRO A 1 59  ? -8.552  9.602   18.211  1.00 115.91 ? 59  PRO A CD  1 
ATOM   410  N  N   . GLN A 1 60  ? -10.503 7.397   17.180  1.00 114.94 ? 60  GLN A N   1 
ATOM   411  C  CA  . GLN A 1 60  ? -11.820 6.891   16.786  1.00 113.65 ? 60  GLN A CA  1 
ATOM   412  C  C   . GLN A 1 60  ? -11.831 6.132   15.458  1.00 111.54 ? 60  GLN A C   1 
ATOM   413  O  O   . GLN A 1 60  ? -12.892 5.767   14.948  1.00 110.97 ? 60  GLN A O   1 
ATOM   414  C  CB  . GLN A 1 60  ? -12.838 8.039   16.722  1.00 116.07 ? 60  GLN A CB  1 
ATOM   415  C  CG  . GLN A 1 60  ? -13.407 8.500   18.069  1.00 118.25 ? 60  GLN A CG  1 
ATOM   416  C  CD  . GLN A 1 60  ? -12.342 8.696   19.134  1.00 120.06 ? 60  GLN A CD  1 
ATOM   417  O  OE1 . GLN A 1 60  ? -11.852 7.727   19.718  1.00 121.07 ? 60  GLN A OE1 1 
ATOM   418  N  NE2 . GLN A 1 60  ? -11.972 9.951   19.389  1.00 120.97 ? 60  GLN A NE2 1 
ATOM   419  N  N   . SER A 1 61  ? -10.658 5.902   14.891  1.00 109.01 ? 61  SER A N   1 
ATOM   420  C  CA  . SER A 1 61  ? -10.583 5.164   13.648  1.00 106.86 ? 61  SER A CA  1 
ATOM   421  C  C   . SER A 1 61  ? -10.740 3.679   13.967  1.00 106.25 ? 61  SER A C   1 
ATOM   422  O  O   . SER A 1 61  ? -10.268 2.818   13.229  1.00 106.70 ? 61  SER A O   1 
ATOM   423  C  CB  . SER A 1 61  ? -9.241  5.416   12.956  1.00 106.16 ? 61  SER A CB  1 
ATOM   424  O  OG  . SER A 1 61  ? -9.087  6.787   12.643  1.00 104.44 ? 61  SER A OG  1 
ATOM   425  N  N   . HIS A 1 62  ? -11.397 3.374   15.079  1.00 105.24 ? 62  HIS A N   1 
ATOM   426  C  CA  . HIS A 1 62  ? -11.587 1.979   15.450  1.00 104.04 ? 62  HIS A CA  1 
ATOM   427  C  C   . HIS A 1 62  ? -12.499 1.289   14.443  1.00 101.70 ? 62  HIS A C   1 
ATOM   428  O  O   . HIS A 1 62  ? -12.027 0.537   13.594  1.00 101.46 ? 62  HIS A O   1 
ATOM   429  C  CB  . HIS A 1 62  ? -12.194 1.847   16.860  1.00 106.63 ? 62  HIS A CB  1 
ATOM   430  C  CG  . HIS A 1 62  ? -11.286 2.300   17.966  1.00 108.99 ? 62  HIS A CG  1 
ATOM   431  N  ND1 . HIS A 1 62  ? -9.961  1.923   18.051  1.00 109.77 ? 62  HIS A ND1 1 
ATOM   432  C  CD2 . HIS A 1 62  ? -11.525 3.076   19.053  1.00 109.46 ? 62  HIS A CD2 1 
ATOM   433  C  CE1 . HIS A 1 62  ? -9.425  2.446   19.140  1.00 109.51 ? 62  HIS A CE1 1 
ATOM   434  N  NE2 . HIS A 1 62  ? -10.352 3.148   19.767  1.00 109.49 ? 62  HIS A NE2 1 
ATOM   435  N  N   . GLN A 1 63  ? -13.802 1.555   14.532  1.00 98.96  ? 63  GLN A N   1 
ATOM   436  C  CA  . GLN A 1 63  ? -14.778 0.930   13.642  1.00 95.75  ? 63  GLN A CA  1 
ATOM   437  C  C   . GLN A 1 63  ? -14.748 1.489   12.223  1.00 91.82  ? 63  GLN A C   1 
ATOM   438  O  O   . GLN A 1 63  ? -15.192 0.834   11.276  1.00 91.08  ? 63  GLN A O   1 
ATOM   439  C  CB  . GLN A 1 63  ? -16.191 1.061   14.229  1.00 97.96  ? 63  GLN A CB  1 
ATOM   440  C  CG  . GLN A 1 63  ? -17.274 0.266   13.471  1.00 100.74 ? 63  GLN A CG  1 
ATOM   441  C  CD  . GLN A 1 63  ? -16.935 -1.225  13.302  1.00 101.81 ? 63  GLN A CD  1 
ATOM   442  O  OE1 . GLN A 1 63  ? -16.703 -1.939  14.284  1.00 102.41 ? 63  GLN A OE1 1 
ATOM   443  N  NE2 . GLN A 1 63  ? -16.915 -1.694  12.049  1.00 101.27 ? 63  GLN A NE2 1 
ATOM   444  N  N   . GLN A 1 64  ? -14.238 2.703   12.070  1.00 86.73  ? 64  GLN A N   1 
ATOM   445  C  CA  . GLN A 1 64  ? -14.155 3.285   10.742  1.00 80.93  ? 64  GLN A CA  1 
ATOM   446  C  C   . GLN A 1 64  ? -13.204 2.438   9.915   1.00 76.74  ? 64  GLN A C   1 
ATOM   447  O  O   . GLN A 1 64  ? -13.594 1.888   8.898   1.00 76.60  ? 64  GLN A O   1 
ATOM   448  C  CB  . GLN A 1 64  ? -13.651 4.721   10.811  1.00 80.82  ? 64  GLN A CB  1 
ATOM   449  C  CG  . GLN A 1 64  ? -13.246 5.270   9.470   1.00 81.13  ? 64  GLN A CG  1 
ATOM   450  C  CD  . GLN A 1 64  ? -13.108 6.778   9.470   1.00 81.50  ? 64  GLN A CD  1 
ATOM   451  O  OE1 . GLN A 1 64  ? -14.089 7.501   9.677   1.00 82.52  ? 64  GLN A OE1 1 
ATOM   452  N  NE2 . GLN A 1 64  ? -11.892 7.266   9.233   1.00 80.51  ? 64  GLN A NE2 1 
ATOM   453  N  N   . ASN A 1 65  ? -11.960 2.328   10.368  1.00 72.34  ? 65  ASN A N   1 
ATOM   454  C  CA  . ASN A 1 65  ? -10.951 1.543   9.665   1.00 68.92  ? 65  ASN A CA  1 
ATOM   455  C  C   . ASN A 1 65  ? -11.392 0.081   9.532   1.00 65.62  ? 65  ASN A C   1 
ATOM   456  O  O   . ASN A 1 65  ? -11.243 -0.533  8.481   1.00 64.48  ? 65  ASN A O   1 
ATOM   457  C  CB  . ASN A 1 65  ? -9.603  1.621   10.409  1.00 70.05  ? 65  ASN A CB  1 
ATOM   458  C  CG  . ASN A 1 65  ? -9.040  3.053   10.490  1.00 70.94  ? 65  ASN A CG  1 
ATOM   459  O  OD1 . ASN A 1 65  ? -9.726  4.029   10.156  1.00 71.29  ? 65  ASN A OD1 1 
ATOM   460  N  ND2 . ASN A 1 65  ? -7.789  3.178   10.948  1.00 70.41  ? 65  ASN A ND2 1 
ATOM   461  N  N   . ARG A 1 66  ? -11.942 -0.466  10.606  1.00 63.05  ? 66  ARG A N   1 
ATOM   462  C  CA  . ARG A 1 66  ? -12.402 -1.843  10.616  1.00 61.26  ? 66  ARG A CA  1 
ATOM   463  C  C   . ARG A 1 66  ? -13.241 -2.074  9.366   1.00 59.21  ? 66  ARG A C   1 
ATOM   464  O  O   . ARG A 1 66  ? -13.085 -3.063  8.660   1.00 56.30  ? 66  ARG A O   1 
ATOM   465  C  CB  . ARG A 1 66  ? -13.233 -2.085  11.884  1.00 63.66  ? 66  ARG A CB  1 
ATOM   466  C  CG  . ARG A 1 66  ? -13.201 -3.504  12.425  1.00 67.28  ? 66  ARG A CG  1 
ATOM   467  C  CD  . ARG A 1 66  ? -13.814 -4.473  11.432  1.00 71.56  ? 66  ARG A CD  1 
ATOM   468  N  NE  . ARG A 1 66  ? -15.110 -5.028  11.845  1.00 73.67  ? 66  ARG A NE  1 
ATOM   469  C  CZ  . ARG A 1 66  ? -15.291 -5.826  12.895  1.00 75.08  ? 66  ARG A CZ  1 
ATOM   470  N  NH1 . ARG A 1 66  ? -14.248 -6.156  13.661  1.00 75.73  ? 66  ARG A NH1 1 
ATOM   471  N  NH2 . ARG A 1 66  ? -16.502 -6.335  13.142  1.00 72.94  ? 66  ARG A NH2 1 
HETATM 472  N  N   . MSE A 1 67  ? -14.137 -1.132  9.101   1.00 60.33  ? 67  MSE A N   1 
HETATM 473  C  CA  . MSE A 1 67  ? -15.025 -1.195  7.938   1.00 59.98  ? 67  MSE A CA  1 
HETATM 474  C  C   . MSE A 1 67  ? -14.241 -0.958  6.644   1.00 56.66  ? 67  MSE A C   1 
HETATM 475  O  O   . MSE A 1 67  ? -14.157 -1.844  5.803   1.00 56.59  ? 67  MSE A O   1 
HETATM 476  C  CB  . MSE A 1 67  ? -16.140 -0.155  8.095   1.00 63.01  ? 67  MSE A CB  1 
HETATM 477  C  CG  . MSE A 1 67  ? -16.834 0.229   6.800   1.00 67.51  ? 67  MSE A CG  1 
HETATM 478  SE SE  . MSE A 1 67  ? -17.658 2.000   6.854   1.00 77.38  ? 67  MSE A SE  1 
HETATM 479  C  CE  . MSE A 1 67  ? -19.513 1.451   6.896   1.00 74.02  ? 67  MSE A CE  1 
ATOM   480  N  N   . ILE A 1 68  ? -13.666 0.232   6.498   1.00 53.16  ? 68  ILE A N   1 
ATOM   481  C  CA  . ILE A 1 68  ? -12.893 0.586   5.314   1.00 50.57  ? 68  ILE A CA  1 
ATOM   482  C  C   . ILE A 1 68  ? -11.953 -0.525  4.895   1.00 50.90  ? 68  ILE A C   1 
ATOM   483  O  O   . ILE A 1 68  ? -11.635 -0.684  3.714   1.00 50.82  ? 68  ILE A O   1 
ATOM   484  C  CB  . ILE A 1 68  ? -12.075 1.862   5.550   1.00 48.52  ? 68  ILE A CB  1 
ATOM   485  C  CG1 . ILE A 1 68  ? -13.011 3.058   5.600   1.00 48.62  ? 68  ILE A CG1 1 
ATOM   486  C  CG2 . ILE A 1 68  ? -11.063 2.068   4.450   1.00 48.03  ? 68  ILE A CG2 1 
ATOM   487  C  CD1 . ILE A 1 68  ? -12.303 4.351   5.729   1.00 46.62  ? 68  ILE A CD1 1 
HETATM 488  N  N   . MSE A 1 69  ? -11.507 -1.297  5.871   1.00 50.60  ? 69  MSE A N   1 
HETATM 489  C  CA  . MSE A 1 69  ? -10.621 -2.398  5.596   1.00 49.65  ? 69  MSE A CA  1 
HETATM 490  C  C   . MSE A 1 69  ? -11.410 -3.514  4.952   1.00 49.76  ? 69  MSE A C   1 
HETATM 491  O  O   . MSE A 1 69  ? -11.021 -4.039  3.922   1.00 49.60  ? 69  MSE A O   1 
HETATM 492  C  CB  . MSE A 1 69  ? -10.001 -2.895  6.876   1.00 49.39  ? 69  MSE A CB  1 
HETATM 493  C  CG  . MSE A 1 69  ? -8.691  -3.508  6.624   1.00 55.16  ? 69  MSE A CG  1 
HETATM 494  SE SE  . MSE A 1 69  ? -7.528  -2.156  5.924   1.00 63.21  ? 69  MSE A SE  1 
HETATM 495  C  CE  . MSE A 1 69  ? -6.051  -3.216  5.316   1.00 58.04  ? 69  MSE A CE  1 
ATOM   496  N  N   . GLN A 1 70  ? -12.531 -3.870  5.570   1.00 51.29  ? 70  GLN A N   1 
ATOM   497  C  CA  . GLN A 1 70  ? -13.403 -4.933  5.070   1.00 51.87  ? 70  GLN A CA  1 
ATOM   498  C  C   . GLN A 1 70  ? -13.782 -4.686  3.617   1.00 50.29  ? 70  GLN A C   1 
ATOM   499  O  O   . GLN A 1 70  ? -13.717 -5.603  2.799   1.00 50.63  ? 70  GLN A O   1 
ATOM   500  C  CB  . GLN A 1 70  ? -14.673 -5.009  5.909   1.00 54.72  ? 70  GLN A CB  1 
ATOM   501  C  CG  . GLN A 1 70  ? -14.482 -5.367  7.382   1.00 59.23  ? 70  GLN A CG  1 
ATOM   502  C  CD  . GLN A 1 70  ? -15.741 -5.051  8.211   1.00 63.02  ? 70  GLN A CD  1 
ATOM   503  O  OE1 . GLN A 1 70  ? -15.949 -5.607  9.299   1.00 63.91  ? 70  GLN A OE1 1 
ATOM   504  N  NE2 . GLN A 1 70  ? -16.579 -4.145  7.698   1.00 64.34  ? 70  GLN A NE2 1 
ATOM   505  N  N   . ILE A 1 71  ? -14.190 -3.448  3.316   1.00 47.18  ? 71  ILE A N   1 
ATOM   506  C  CA  . ILE A 1 71  ? -14.584 -3.044  1.959   1.00 43.47  ? 71  ILE A CA  1 
ATOM   507  C  C   . ILE A 1 71  ? -13.409 -3.313  1.043   1.00 42.94  ? 71  ILE A C   1 
ATOM   508  O  O   . ILE A 1 71  ? -13.442 -4.206  0.197   1.00 42.95  ? 71  ILE A O   1 
ATOM   509  C  CB  . ILE A 1 71  ? -14.924 -1.533  1.881   1.00 40.60  ? 71  ILE A CB  1 
ATOM   510  C  CG1 . ILE A 1 71  ? -16.119 -1.208  2.774   1.00 40.05  ? 71  ILE A CG1 1 
ATOM   511  C  CG2 . ILE A 1 71  ? -15.242 -1.137  0.458   1.00 39.98  ? 71  ILE A CG2 1 
ATOM   512  C  CD1 . ILE A 1 71  ? -16.511 0.257   2.779   1.00 37.91  ? 71  ILE A CD1 1 
ATOM   513  N  N   . ALA A 1 72  ? -12.361 -2.527  1.241   1.00 41.67  ? 72  ALA A N   1 
ATOM   514  C  CA  . ALA A 1 72  ? -11.148 -2.647  0.466   1.00 39.64  ? 72  ALA A CA  1 
ATOM   515  C  C   . ALA A 1 72  ? -10.778 -4.100  0.181   1.00 38.63  ? 72  ALA A C   1 
ATOM   516  O  O   . ALA A 1 72  ? -10.405 -4.429  -0.931  1.00 38.66  ? 72  ALA A O   1 
ATOM   517  C  CB  . ALA A 1 72  ? -10.024 -1.958  1.184   1.00 38.60  ? 72  ALA A CB  1 
ATOM   518  N  N   . ALA A 1 73  ? -10.884 -4.978  1.167   1.00 38.24  ? 73  ALA A N   1 
ATOM   519  C  CA  . ALA A 1 73  ? -10.512 -6.358  0.926   1.00 39.22  ? 73  ALA A CA  1 
ATOM   520  C  C   . ALA A 1 73  ? -11.531 -6.998  0.031   1.00 41.47  ? 73  ALA A C   1 
ATOM   521  O  O   . ALA A 1 73  ? -11.215 -7.861  -0.775  1.00 42.08  ? 73  ALA A O   1 
ATOM   522  C  CB  . ALA A 1 73  ? -10.410 -7.115  2.214   1.00 37.80  ? 73  ALA A CB  1 
ATOM   523  N  N   . ASP A 1 74  ? -12.773 -6.572  0.164   1.00 44.62  ? 74  ASP A N   1 
ATOM   524  C  CA  . ASP A 1 74  ? -13.810 -7.144  -0.659  1.00 46.35  ? 74  ASP A CA  1 
ATOM   525  C  C   . ASP A 1 74  ? -13.579 -6.720  -2.097  1.00 45.95  ? 74  ASP A C   1 
ATOM   526  O  O   . ASP A 1 74  ? -13.534 -7.562  -2.994  1.00 46.73  ? 74  ASP A O   1 
ATOM   527  C  CB  . ASP A 1 74  ? -15.164 -6.683  -0.172  1.00 50.30  ? 74  ASP A CB  1 
ATOM   528  C  CG  . ASP A 1 74  ? -16.269 -7.148  -1.064  1.00 57.53  ? 74  ASP A CG  1 
ATOM   529  O  OD1 . ASP A 1 74  ? -17.441 -6.801  -0.793  1.00 62.13  ? 74  ASP A OD1 1 
ATOM   530  O  OD2 . ASP A 1 74  ? -15.973 -7.864  -2.049  1.00 61.46  ? 74  ASP A OD2 1 
ATOM   531  N  N   . VAL A 1 75  ? -13.431 -5.413  -2.304  1.00 45.08  ? 75  VAL A N   1 
ATOM   532  C  CA  . VAL A 1 75  ? -13.189 -4.831  -3.629  1.00 44.14  ? 75  VAL A CA  1 
ATOM   533  C  C   . VAL A 1 75  ? -11.997 -5.490  -4.356  1.00 44.88  ? 75  VAL A C   1 
ATOM   534  O  O   . VAL A 1 75  ? -12.045 -5.696  -5.567  1.00 43.53  ? 75  VAL A O   1 
ATOM   535  C  CB  . VAL A 1 75  ? -12.926 -3.314  -3.514  1.00 42.09  ? 75  VAL A CB  1 
ATOM   536  C  CG1 . VAL A 1 75  ? -12.690 -2.726  -4.882  1.00 42.03  ? 75  VAL A CG1 1 
ATOM   537  C  CG2 . VAL A 1 75  ? -14.081 -2.642  -2.830  1.00 40.40  ? 75  VAL A CG2 1 
ATOM   538  N  N   . ALA A 1 76  ? -10.937 -5.817  -3.613  1.00 44.88  ? 76  ALA A N   1 
ATOM   539  C  CA  . ALA A 1 76  ? -9.765  -6.449  -4.200  1.00 45.49  ? 76  ALA A CA  1 
ATOM   540  C  C   . ALA A 1 76  ? -10.170 -7.789  -4.788  1.00 47.21  ? 76  ALA A C   1 
ATOM   541  O  O   . ALA A 1 76  ? -9.803  -8.114  -5.914  1.00 48.66  ? 76  ALA A O   1 
ATOM   542  C  CB  . ALA A 1 76  ? -8.688  -6.641  -3.167  1.00 43.56  ? 76  ALA A CB  1 
ATOM   543  N  N   . GLY A 1 77  ? -10.932 -8.566  -4.027  1.00 47.88  ? 77  GLY A N   1 
ATOM   544  C  CA  . GLY A 1 77  ? -11.387 -9.852  -4.522  1.00 49.24  ? 77  GLY A CA  1 
ATOM   545  C  C   . GLY A 1 77  ? -12.213 -9.716  -5.796  1.00 50.36  ? 77  GLY A C   1 
ATOM   546  O  O   . GLY A 1 77  ? -12.020 -10.483 -6.741  1.00 50.56  ? 77  GLY A O   1 
ATOM   547  N  N   . ARG A 1 78  ? -13.130 -8.748  -5.823  1.00 50.88  ? 78  ARG A N   1 
ATOM   548  C  CA  . ARG A 1 78  ? -13.995 -8.499  -6.986  1.00 52.47  ? 78  ARG A CA  1 
ATOM   549  C  C   . ARG A 1 78  ? -13.189 -8.466  -8.280  1.00 50.69  ? 78  ARG A C   1 
ATOM   550  O  O   . ARG A 1 78  ? -13.503 -9.154  -9.237  1.00 50.62  ? 78  ARG A O   1 
ATOM   551  C  CB  . ARG A 1 78  ? -14.725 -7.148  -6.847  1.00 56.11  ? 78  ARG A CB  1 
ATOM   552  C  CG  . ARG A 1 78  ? -15.807 -7.058  -5.760  1.00 58.47  ? 78  ARG A CG  1 
ATOM   553  C  CD  . ARG A 1 78  ? -17.122 -7.619  -6.240  1.00 59.34  ? 78  ARG A CD  1 
ATOM   554  N  NE  . ARG A 1 78  ? -18.105 -7.747  -5.171  1.00 61.78  ? 78  ARG A NE  1 
ATOM   555  C  CZ  . ARG A 1 78  ? -19.280 -8.351  -5.332  1.00 64.30  ? 78  ARG A CZ  1 
ATOM   556  N  NH1 . ARG A 1 78  ? -19.595 -8.867  -6.513  1.00 63.96  ? 78  ARG A NH1 1 
ATOM   557  N  NH2 . ARG A 1 78  ? -20.140 -8.454  -4.322  1.00 64.63  ? 78  ARG A NH2 1 
ATOM   558  N  N   . TYR A 1 79  ? -12.165 -7.629  -8.304  1.00 48.97  ? 79  TYR A N   1 
ATOM   559  C  CA  . TYR A 1 79  ? -11.322 -7.513  -9.467  1.00 46.79  ? 79  TYR A CA  1 
ATOM   560  C  C   . TYR A 1 79  ? -10.573 -8.807  -9.676  1.00 47.28  ? 79  TYR A C   1 
ATOM   561  O  O   . TYR A 1 79  ? -10.537 -9.325  -10.770 1.00 47.98  ? 79  TYR A O   1 
ATOM   562  C  CB  . TYR A 1 79  ? -10.328 -6.392  -9.272  1.00 43.87  ? 79  TYR A CB  1 
ATOM   563  C  CG  . TYR A 1 79  ? -10.911 -5.013  -9.357  1.00 40.04  ? 79  TYR A CG  1 
ATOM   564  C  CD1 . TYR A 1 79  ? -10.945 -4.183  -8.248  1.00 39.87  ? 79  TYR A CD1 1 
ATOM   565  C  CD2 . TYR A 1 79  ? -11.342 -4.501  -10.566 1.00 39.14  ? 79  TYR A CD2 1 
ATOM   566  C  CE1 . TYR A 1 79  ? -11.384 -2.876  -8.352  1.00 37.73  ? 79  TYR A CE1 1 
ATOM   567  C  CE2 . TYR A 1 79  ? -11.780 -3.200  -10.677 1.00 37.25  ? 79  TYR A CE2 1 
ATOM   568  C  CZ  . TYR A 1 79  ? -11.791 -2.399  -9.573  1.00 37.30  ? 79  TYR A CZ  1 
ATOM   569  O  OH  . TYR A 1 79  ? -12.162 -1.093  -9.703  1.00 42.11  ? 79  TYR A OH  1 
ATOM   570  N  N   . ALA A 1 80  ? -9.967  -9.326  -8.618  1.00 48.34  ? 80  ALA A N   1 
ATOM   571  C  CA  . ALA A 1 80  ? -9.213  -10.560 -8.716  1.00 50.65  ? 80  ALA A CA  1 
ATOM   572  C  C   . ALA A 1 80  ? -10.035 -11.684 -9.327  1.00 52.16  ? 80  ALA A C   1 
ATOM   573  O  O   . ALA A 1 80  ? -9.629  -12.264 -10.332 1.00 52.40  ? 80  ALA A O   1 
ATOM   574  C  CB  . ALA A 1 80  ? -8.701  -10.970 -7.346  1.00 50.16  ? 80  ALA A CB  1 
ATOM   575  N  N   . LYS A 1 81  ? -11.182 -11.995 -8.723  1.00 54.41  ? 81  LYS A N   1 
ATOM   576  C  CA  . LYS A 1 81  ? -12.056 -13.071 -9.211  1.00 57.04  ? 81  LYS A CA  1 
ATOM   577  C  C   . LYS A 1 81  ? -12.204 -13.036 -10.721 1.00 58.35  ? 81  LYS A C   1 
ATOM   578  O  O   . LYS A 1 81  ? -12.173 -14.069 -11.386 1.00 59.86  ? 81  LYS A O   1 
ATOM   579  C  CB  . LYS A 1 81  ? -13.447 -12.988 -8.560  1.00 57.96  ? 81  LYS A CB  1 
ATOM   580  C  CG  . LYS A 1 81  ? -14.573 -13.665 -9.367  1.00 59.60  ? 81  LYS A CG  1 
ATOM   581  C  CD  . LYS A 1 81  ? -15.302 -14.780 -8.599  1.00 61.83  ? 81  LYS A CD  1 
ATOM   582  C  CE  . LYS A 1 81  ? -16.101 -14.268 -7.396  1.00 62.13  ? 81  LYS A CE  1 
ATOM   583  N  NZ  . LYS A 1 81  ? -16.729 -15.383 -6.606  1.00 61.69  ? 81  LYS A NZ  1 
ATOM   584  N  N   . GLU A 1 82  ? -12.366 -11.838 -11.260 1.00 58.65  ? 82  GLU A N   1 
ATOM   585  C  CA  . GLU A 1 82  ? -12.520 -11.674 -12.687 1.00 59.31  ? 82  GLU A CA  1 
ATOM   586  C  C   . GLU A 1 82  ? -11.182 -11.497 -13.390 1.00 59.31  ? 82  GLU A C   1 
ATOM   587  O  O   . GLU A 1 82  ? -11.043 -10.638 -14.256 1.00 58.98  ? 82  GLU A O   1 
ATOM   588  C  CB  . GLU A 1 82  ? -13.430 -10.481 -12.962 1.00 60.23  ? 82  GLU A CB  1 
ATOM   589  C  CG  . GLU A 1 82  ? -14.906 -10.787 -12.816 1.00 62.52  ? 82  GLU A CG  1 
ATOM   590  C  CD  . GLU A 1 82  ? -15.382 -11.765 -13.878 1.00 64.26  ? 82  GLU A CD  1 
ATOM   591  O  OE1 . GLU A 1 82  ? -15.043 -12.975 -13.798 1.00 64.24  ? 82  GLU A OE1 1 
ATOM   592  O  OE2 . GLU A 1 82  ? -16.077 -11.312 -14.811 1.00 64.99  ? 82  GLU A OE2 1 
ATOM   593  N  N   . GLY A 1 83  ? -10.202 -12.319 -13.013 1.00 59.97  ? 83  GLY A N   1 
ATOM   594  C  CA  . GLY A 1 83  ? -8.871  -12.252 -13.617 1.00 60.60  ? 83  GLY A CA  1 
ATOM   595  C  C   . GLY A 1 83  ? -8.372  -10.832 -13.799 1.00 59.69  ? 83  GLY A C   1 
ATOM   596  O  O   . GLY A 1 83  ? -8.712  -10.161 -14.764 1.00 60.34  ? 83  GLY A O   1 
ATOM   597  N  N   . TYR A 1 84  ? -7.548  -10.382 -12.871 1.00 58.63  ? 84  TYR A N   1 
ATOM   598  C  CA  . TYR A 1 84  ? -7.019  -9.033  -12.895 1.00 58.36  ? 84  TYR A CA  1 
ATOM   599  C  C   . TYR A 1 84  ? -5.846  -9.125  -11.954 1.00 59.26  ? 84  TYR A C   1 
ATOM   600  O  O   . TYR A 1 84  ? -5.703  -10.115 -11.250 1.00 59.72  ? 84  TYR A O   1 
ATOM   601  C  CB  . TYR A 1 84  ? -8.031  -8.052  -12.291 1.00 58.20  ? 84  TYR A CB  1 
ATOM   602  C  CG  . TYR A 1 84  ? -8.854  -7.246  -13.267 1.00 58.66  ? 84  TYR A CG  1 
ATOM   603  C  CD1 . TYR A 1 84  ? -10.222 -7.480  -13.434 1.00 58.99  ? 84  TYR A CD1 1 
ATOM   604  C  CD2 . TYR A 1 84  ? -8.264  -6.247  -14.033 1.00 59.61  ? 84  TYR A CD2 1 
ATOM   605  C  CE1 . TYR A 1 84  ? -10.978 -6.730  -14.356 1.00 58.87  ? 84  TYR A CE1 1 
ATOM   606  C  CE2 . TYR A 1 84  ? -9.007  -5.498  -14.952 1.00 58.52  ? 84  TYR A CE2 1 
ATOM   607  C  CZ  . TYR A 1 84  ? -10.357 -5.742  -15.112 1.00 58.91  ? 84  TYR A CZ  1 
ATOM   608  O  OH  . TYR A 1 84  ? -11.065 -5.014  -16.045 1.00 58.89  ? 84  TYR A OH  1 
ATOM   609  N  N   . PHE A 1 85  ? -5.005  -8.105  -11.935 1.00 59.30  ? 85  PHE A N   1 
ATOM   610  C  CA  . PHE A 1 85  ? -3.885  -8.077  -11.008 1.00 57.82  ? 85  PHE A CA  1 
ATOM   611  C  C   . PHE A 1 85  ? -4.179  -6.805  -10.218 1.00 57.34  ? 85  PHE A C   1 
ATOM   612  O  O   . PHE A 1 85  ? -3.943  -5.693  -10.684 1.00 56.82  ? 85  PHE A O   1 
ATOM   613  C  CB  . PHE A 1 85  ? -2.564  -7.978  -11.757 1.00 57.79  ? 85  PHE A CB  1 
ATOM   614  C  CG  . PHE A 1 85  ? -1.370  -7.738  -10.874 1.00 58.94  ? 85  PHE A CG  1 
ATOM   615  C  CD1 . PHE A 1 85  ? -0.281  -7.019  -11.359 1.00 59.58  ? 85  PHE A CD1 1 
ATOM   616  C  CD2 . PHE A 1 85  ? -1.324  -8.214  -9.565  1.00 59.87  ? 85  PHE A CD2 1 
ATOM   617  C  CE1 . PHE A 1 85  ? 0.839   -6.770  -10.562 1.00 59.88  ? 85  PHE A CE1 1 
ATOM   618  C  CE2 . PHE A 1 85  ? -0.201  -7.971  -8.753  1.00 60.38  ? 85  PHE A CE2 1 
ATOM   619  C  CZ  . PHE A 1 85  ? 0.882   -7.242  -9.259  1.00 59.58  ? 85  PHE A CZ  1 
ATOM   620  N  N   . VAL A 1 86  ? -4.757  -6.979  -9.036  1.00 56.15  ? 86  VAL A N   1 
ATOM   621  C  CA  . VAL A 1 86  ? -5.102  -5.847  -8.199  1.00 54.85  ? 86  VAL A CA  1 
ATOM   622  C  C   . VAL A 1 86  ? -3.846  -5.360  -7.491  1.00 54.29  ? 86  VAL A C   1 
ATOM   623  O  O   . VAL A 1 86  ? -2.934  -6.137  -7.225  1.00 54.42  ? 86  VAL A O   1 
ATOM   624  C  CB  . VAL A 1 86  ? -6.163  -6.248  -7.159  1.00 54.67  ? 86  VAL A CB  1 
ATOM   625  C  CG1 . VAL A 1 86  ? -6.670  -5.025  -6.428  1.00 55.38  ? 86  VAL A CG1 1 
ATOM   626  C  CG2 . VAL A 1 86  ? -7.304  -6.982  -7.839  1.00 54.99  ? 86  VAL A CG2 1 
ATOM   627  N  N   . ILE A 1 87  ? -3.789  -4.066  -7.215  1.00 53.11  ? 87  ILE A N   1 
ATOM   628  C  CA  . ILE A 1 87  ? -2.652  -3.479  -6.528  1.00 52.95  ? 87  ILE A CA  1 
ATOM   629  C  C   . ILE A 1 87  ? -3.228  -2.374  -5.642  1.00 53.31  ? 87  ILE A C   1 
ATOM   630  O  O   . ILE A 1 87  ? -3.733  -1.361  -6.133  1.00 52.38  ? 87  ILE A O   1 
ATOM   631  C  CB  . ILE A 1 87  ? -1.597  -2.897  -7.541  1.00 52.54  ? 87  ILE A CB  1 
ATOM   632  C  CG1 . ILE A 1 87  ? -0.891  -4.046  -8.267  1.00 51.88  ? 87  ILE A CG1 1 
ATOM   633  C  CG2 . ILE A 1 87  ? -0.545  -2.051  -6.823  1.00 51.12  ? 87  ILE A CG2 1 
ATOM   634  C  CD1 . ILE A 1 87  ? -0.094  -3.622  -9.486  1.00 50.65  ? 87  ILE A CD1 1 
ATOM   635  N  N   . LEU A 1 88  ? -3.185  -2.602  -4.331  1.00 53.02  ? 88  LEU A N   1 
ATOM   636  C  CA  . LEU A 1 88  ? -3.694  -1.629  -3.396  1.00 52.79  ? 88  LEU A CA  1 
ATOM   637  C  C   . LEU A 1 88  ? -2.572  -0.739  -2.928  1.00 54.19  ? 88  LEU A C   1 
ATOM   638  O  O   . LEU A 1 88  ? -1.568  -1.205  -2.410  1.00 54.40  ? 88  LEU A O   1 
ATOM   639  C  CB  . LEU A 1 88  ? -4.359  -2.288  -2.194  1.00 51.17  ? 88  LEU A CB  1 
ATOM   640  C  CG  . LEU A 1 88  ? -5.689  -2.963  -2.486  1.00 49.73  ? 88  LEU A CG  1 
ATOM   641  C  CD1 . LEU A 1 88  ? -5.490  -4.460  -2.398  1.00 50.62  ? 88  LEU A CD1 1 
ATOM   642  C  CD2 . LEU A 1 88  ? -6.751  -2.499  -1.513  1.00 48.78  ? 88  LEU A CD2 1 
ATOM   643  N  N   . ASP A 1 89  ? -2.780  0.554   -3.154  1.00 56.86  ? 89  ASP A N   1 
ATOM   644  C  CA  . ASP A 1 89  ? -1.880  1.640   -2.797  1.00 58.57  ? 89  ASP A CA  1 
ATOM   645  C  C   . ASP A 1 89  ? -2.357  2.177   -1.470  1.00 59.44  ? 89  ASP A C   1 
ATOM   646  O  O   . ASP A 1 89  ? -3.087  3.188   -1.424  1.00 60.29  ? 89  ASP A O   1 
ATOM   647  C  CB  . ASP A 1 89  ? -1.975  2.758   -3.829  1.00 61.45  ? 89  ASP A CB  1 
ATOM   648  C  CG  . ASP A 1 89  ? -1.393  4.074   -3.332  1.00 65.47  ? 89  ASP A CG  1 
ATOM   649  O  OD1 . ASP A 1 89  ? -1.636  5.128   -3.988  1.00 67.18  ? 89  ASP A OD1 1 
ATOM   650  O  OD2 . ASP A 1 89  ? -0.687  4.057   -2.292  1.00 67.34  ? 89  ASP A OD2 1 
ATOM   651  N  N   . GLY A 1 90  ? -1.959  1.496   -0.397  1.00 58.78  ? 90  GLY A N   1 
ATOM   652  C  CA  . GLY A 1 90  ? -2.345  1.920   0.933   1.00 57.50  ? 90  GLY A CA  1 
ATOM   653  C  C   . GLY A 1 90  ? -1.678  1.136   2.041   1.00 57.11  ? 90  GLY A C   1 
ATOM   654  O  O   . GLY A 1 90  ? -1.164  0.035   1.817   1.00 56.58  ? 90  GLY A O   1 
ATOM   655  N  N   . VAL A 1 91  ? -1.692  1.729   3.235   1.00 55.92  ? 91  VAL A N   1 
ATOM   656  C  CA  . VAL A 1 91  ? -1.131  1.128   4.439   1.00 53.85  ? 91  VAL A CA  1 
ATOM   657  C  C   . VAL A 1 91  ? -2.007  -0.068  4.812   1.00 53.80  ? 91  VAL A C   1 
ATOM   658  O  O   . VAL A 1 91  ? -3.232  0.048   4.867   1.00 53.73  ? 91  VAL A O   1 
ATOM   659  C  CB  . VAL A 1 91  ? -1.135  2.134   5.643   1.00 52.71  ? 91  VAL A CB  1 
ATOM   660  C  CG1 . VAL A 1 91  ? -0.744  1.425   6.927   1.00 51.99  ? 91  VAL A CG1 1 
ATOM   661  C  CG2 . VAL A 1 91  ? -0.180  3.279   5.383   1.00 50.94  ? 91  VAL A CG2 1 
ATOM   662  N  N   . VAL A 1 92  ? -1.371  -1.213  5.037   1.00 52.61  ? 92  VAL A N   1 
ATOM   663  C  CA  . VAL A 1 92  ? -2.058  -2.433  5.440   1.00 52.41  ? 92  VAL A CA  1 
ATOM   664  C  C   . VAL A 1 92  ? -1.116  -3.166  6.369   1.00 54.83  ? 92  VAL A C   1 
ATOM   665  O  O   . VAL A 1 92  ? -0.261  -3.938  5.923   1.00 54.83  ? 92  VAL A O   1 
ATOM   666  C  CB  . VAL A 1 92  ? -2.378  -3.365  4.263   1.00 51.17  ? 92  VAL A CB  1 
ATOM   667  C  CG1 . VAL A 1 92  ? -2.970  -4.656  4.781   1.00 48.85  ? 92  VAL A CG1 1 
ATOM   668  C  CG2 . VAL A 1 92  ? -3.353  -2.702  3.319   1.00 50.61  ? 92  VAL A CG2 1 
ATOM   669  N  N   . ARG A 1 93  ? -1.270  -2.904  7.665   1.00 56.68  ? 93  ARG A N   1 
ATOM   670  C  CA  . ARG A 1 93  ? -0.431  -3.517  8.688   1.00 57.57  ? 93  ARG A CA  1 
ATOM   671  C  C   . ARG A 1 93  ? -0.763  -4.981  8.808   1.00 56.14  ? 93  ARG A C   1 
ATOM   672  O  O   . ARG A 1 93  ? -1.867  -5.402  8.485   1.00 56.63  ? 93  ARG A O   1 
ATOM   673  C  CB  . ARG A 1 93  ? -0.651  -2.837  10.039  1.00 61.05  ? 93  ARG A CB  1 
ATOM   674  C  CG  . ARG A 1 93  ? -0.658  -1.316  9.962   1.00 67.68  ? 93  ARG A CG  1 
ATOM   675  C  CD  . ARG A 1 93  ? -0.753  -0.631  11.328  1.00 73.25  ? 93  ARG A CD  1 
ATOM   676  N  NE  . ARG A 1 93  ? -1.715  -1.260  12.245  1.00 78.13  ? 93  ARG A NE  1 
ATOM   677  C  CZ  . ARG A 1 93  ? -3.014  -1.423  12.006  1.00 79.25  ? 93  ARG A CZ  1 
ATOM   678  N  NH1 . ARG A 1 93  ? -3.549  -1.009  10.860  1.00 78.84  ? 93  ARG A NH1 1 
ATOM   679  N  NH2 . ARG A 1 93  ? -3.771  -2.012  12.924  1.00 81.25  ? 93  ARG A NH2 1 
ATOM   680  N  N   . PRO A 1 94  ? 0.192   -5.784  9.283   1.00 55.90  ? 94  PRO A N   1 
ATOM   681  C  CA  . PRO A 1 94  ? -0.064  -7.215  9.428   1.00 54.40  ? 94  PRO A CA  1 
ATOM   682  C  C   . PRO A 1 94  ? -1.301  -7.571  10.270  1.00 53.66  ? 94  PRO A C   1 
ATOM   683  O  O   . PRO A 1 94  ? -1.728  -8.717  10.260  1.00 53.69  ? 94  PRO A O   1 
ATOM   684  C  CB  . PRO A 1 94  ? 1.241   -7.732  10.021  1.00 54.30  ? 94  PRO A CB  1 
ATOM   685  C  CG  . PRO A 1 94  ? 1.774   -6.539  10.760  1.00 55.87  ? 94  PRO A CG  1 
ATOM   686  C  CD  . PRO A 1 94  ? 1.532   -5.442  9.785   1.00 55.86  ? 94  PRO A CD  1 
ATOM   687  N  N   . ASP A 1 95  ? -1.867  -6.599  10.985  1.00 53.34  ? 95  ASP A N   1 
ATOM   688  C  CA  . ASP A 1 95  ? -3.062  -6.834  11.790  1.00 52.90  ? 95  ASP A CA  1 
ATOM   689  C  C   . ASP A 1 95  ? -4.205  -7.190  10.863  1.00 52.78  ? 95  ASP A C   1 
ATOM   690  O  O   . ASP A 1 95  ? -5.017  -8.064  11.167  1.00 54.31  ? 95  ASP A O   1 
ATOM   691  C  CB  . ASP A 1 95  ? -3.517  -5.582  12.545  1.00 55.43  ? 95  ASP A CB  1 
ATOM   692  C  CG  . ASP A 1 95  ? -2.428  -4.955  13.385  1.00 60.67  ? 95  ASP A CG  1 
ATOM   693  O  OD1 . ASP A 1 95  ? -2.767  -3.987  14.124  1.00 59.88  ? 95  ASP A OD1 1 
ATOM   694  O  OD2 . ASP A 1 95  ? -1.245  -5.410  13.310  1.00 64.45  ? 95  ASP A OD2 1 
ATOM   695  N  N   . TRP A 1 96  ? -4.291  -6.483  9.740   1.00 50.23  ? 96  TRP A N   1 
ATOM   696  C  CA  . TRP A 1 96  ? -5.368  -6.716  8.780   1.00 46.99  ? 96  TRP A CA  1 
ATOM   697  C  C   . TRP A 1 96  ? -5.059  -7.728  7.694   1.00 47.79  ? 96  TRP A C   1 
ATOM   698  O  O   . TRP A 1 96  ? -5.908  -8.002  6.843   1.00 47.76  ? 96  TRP A O   1 
ATOM   699  C  CB  . TRP A 1 96  ? -5.807  -5.403  8.127   1.00 41.43  ? 96  TRP A CB  1 
ATOM   700  C  CG  . TRP A 1 96  ? -6.592  -4.531  9.029   1.00 35.70  ? 96  TRP A CG  1 
ATOM   701  C  CD1 . TRP A 1 96  ? -6.163  -3.396  9.652   1.00 35.47  ? 96  TRP A CD1 1 
ATOM   702  C  CD2 . TRP A 1 96  ? -7.931  -4.750  9.473   1.00 33.38  ? 96  TRP A CD2 1 
ATOM   703  N  NE1 . TRP A 1 96  ? -7.152  -2.895  10.468  1.00 32.35  ? 96  TRP A NE1 1 
ATOM   704  C  CE2 . TRP A 1 96  ? -8.244  -3.713  10.381  1.00 33.47  ? 96  TRP A CE2 1 
ATOM   705  C  CE3 . TRP A 1 96  ? -8.896  -5.727  9.200   1.00 31.73  ? 96  TRP A CE3 1 
ATOM   706  C  CZ2 . TRP A 1 96  ? -9.493  -3.627  11.022  1.00 33.84  ? 96  TRP A CZ2 1 
ATOM   707  C  CZ3 . TRP A 1 96  ? -10.134 -5.645  9.833   1.00 30.71  ? 96  TRP A CZ3 1 
ATOM   708  C  CH2 . TRP A 1 96  ? -10.423 -4.603  10.739  1.00 31.48  ? 96  TRP A CH2 1 
ATOM   709  N  N   . LEU A 1 97  ? -3.853  -8.282  7.714   1.00 47.52  ? 97  LEU A N   1 
ATOM   710  C  CA  . LEU A 1 97  ? -3.490  -9.273  6.717   1.00 49.86  ? 97  LEU A CA  1 
ATOM   711  C  C   . LEU A 1 97  ? -4.561  -10.382 6.591   1.00 50.26  ? 97  LEU A C   1 
ATOM   712  O  O   . LEU A 1 97  ? -5.021  -10.694 5.495   1.00 49.03  ? 97  LEU A O   1 
ATOM   713  C  CB  . LEU A 1 97  ? -2.120  -9.881  7.058   1.00 52.03  ? 97  LEU A CB  1 
ATOM   714  C  CG  . LEU A 1 97  ? -0.933  -9.608  6.114   1.00 53.68  ? 97  LEU A CG  1 
ATOM   715  C  CD1 . LEU A 1 97  ? -1.358  -9.987  4.706   1.00 55.14  ? 97  LEU A CD1 1 
ATOM   716  C  CD2 . LEU A 1 97  ? -0.495  -8.157  6.157   1.00 53.60  ? 97  LEU A CD2 1 
ATOM   717  N  N   . PRO A 1 98  ? -4.993  -10.969 7.722   1.00 51.74  ? 98  PRO A N   1 
ATOM   718  C  CA  . PRO A 1 98  ? -6.010  -12.031 7.654   1.00 51.34  ? 98  PRO A CA  1 
ATOM   719  C  C   . PRO A 1 98  ? -7.326  -11.588 7.010   1.00 50.25  ? 98  PRO A C   1 
ATOM   720  O  O   . PRO A 1 98  ? -8.191  -12.397 6.711   1.00 50.14  ? 98  PRO A O   1 
ATOM   721  C  CB  . PRO A 1 98  ? -6.174  -12.440 9.120   1.00 51.11  ? 98  PRO A CB  1 
ATOM   722  C  CG  . PRO A 1 98  ? -5.901  -11.160 9.859   1.00 51.01  ? 98  PRO A CG  1 
ATOM   723  C  CD  . PRO A 1 98  ? -4.704  -10.611 9.127   1.00 51.57  ? 98  PRO A CD  1 
ATOM   724  N  N   . ALA A 1 99  ? -7.461  -10.289 6.793   1.00 50.05  ? 99  ALA A N   1 
ATOM   725  C  CA  . ALA A 1 99  ? -8.659  -9.736  6.178   1.00 49.96  ? 99  ALA A CA  1 
ATOM   726  C  C   . ALA A 1 99  ? -8.495  -9.785  4.659   1.00 50.20  ? 99  ALA A C   1 
ATOM   727  O  O   . ALA A 1 99  ? -9.407  -9.429  3.914   1.00 48.82  ? 99  ALA A O   1 
ATOM   728  C  CB  . ALA A 1 99  ? -8.859  -8.285  6.644   1.00 49.23  ? 99  ALA A CB  1 
ATOM   729  N  N   . PHE A 1 100 ? -7.312  -10.217 4.214   1.00 51.03  ? 100 PHE A N   1 
ATOM   730  C  CA  . PHE A 1 100 ? -6.983  -10.308 2.783   1.00 51.10  ? 100 PHE A CA  1 
ATOM   731  C  C   . PHE A 1 100 ? -6.688  -11.756 2.338   1.00 53.12  ? 100 PHE A C   1 
ATOM   732  O  O   . PHE A 1 100 ? -6.894  -12.139 1.176   1.00 53.58  ? 100 PHE A O   1 
ATOM   733  C  CB  . PHE A 1 100 ? -5.797  -9.387  2.473   1.00 45.74  ? 100 PHE A CB  1 
ATOM   734  C  CG  . PHE A 1 100 ? -6.186  -7.951  2.303   1.00 41.03  ? 100 PHE A CG  1 
ATOM   735  C  CD1 . PHE A 1 100 ? -6.699  -7.502  1.092   1.00 40.12  ? 100 PHE A CD1 1 
ATOM   736  C  CD2 . PHE A 1 100 ? -6.080  -7.057  3.360   1.00 39.20  ? 100 PHE A CD2 1 
ATOM   737  C  CE1 . PHE A 1 100 ? -7.101  -6.175  0.933   1.00 41.05  ? 100 PHE A CE1 1 
ATOM   738  C  CE2 . PHE A 1 100 ? -6.483  -5.719  3.222   1.00 40.13  ? 100 PHE A CE2 1 
ATOM   739  C  CZ  . PHE A 1 100 ? -6.996  -5.272  2.004   1.00 41.06  ? 100 PHE A CZ  1 
ATOM   740  N  N   . THR A 1 101 ? -6.206  -12.567 3.264   1.00 54.33  ? 101 THR A N   1 
ATOM   741  C  CA  . THR A 1 101 ? -5.945  -13.953 2.931   1.00 55.71  ? 101 THR A CA  1 
ATOM   742  C  C   . THR A 1 101 ? -7.306  -14.647 2.761   1.00 56.34  ? 101 THR A C   1 
ATOM   743  O  O   . THR A 1 101 ? -7.463  -15.550 1.928   1.00 58.44  ? 101 THR A O   1 
ATOM   744  C  CB  . THR A 1 101 ? -5.185  -14.630 4.049   1.00 53.49  ? 101 THR A CB  1 
ATOM   745  O  OG1 . THR A 1 101 ? -5.724  -14.186 5.303   1.00 56.37  ? 101 THR A OG1 1 
ATOM   746  C  CG2 . THR A 1 101 ? -3.711  -14.295 3.962   1.00 54.80  ? 101 THR A CG2 1 
ATOM   747  N  N   . ALA A 1 102 ? -8.296  -14.199 3.534   1.00 55.24  ? 102 ALA A N   1 
ATOM   748  C  CA  . ALA A 1 102 ? -9.626  -14.790 3.470   1.00 54.61  ? 102 ALA A CA  1 
ATOM   749  C  C   . ALA A 1 102 ? -10.224 -14.767 2.073   1.00 54.32  ? 102 ALA A C   1 
ATOM   750  O  O   . ALA A 1 102 ? -11.280 -15.355 1.834   1.00 54.83  ? 102 ALA A O   1 
ATOM   751  C  CB  . ALA A 1 102 ? -10.547 -14.085 4.429   1.00 54.54  ? 102 ALA A CB  1 
ATOM   752  N  N   . LEU A 1 103 ? -9.545  -14.086 1.156   1.00 55.20  ? 103 LEU A N   1 
ATOM   753  C  CA  . LEU A 1 103 ? -9.989  -13.971 -0.234  1.00 54.94  ? 103 LEU A CA  1 
ATOM   754  C  C   . LEU A 1 103 ? -9.601  -15.177 -1.054  1.00 54.86  ? 103 LEU A C   1 
ATOM   755  O  O   . LEU A 1 103 ? -9.711  -15.148 -2.281  1.00 54.12  ? 103 LEU A O   1 
ATOM   756  C  CB  . LEU A 1 103 ? -9.359  -12.759 -0.890  1.00 53.13  ? 103 LEU A CB  1 
ATOM   757  C  CG  . LEU A 1 103 ? -9.896  -11.403 -0.532  1.00 50.71  ? 103 LEU A CG  1 
ATOM   758  C  CD1 . LEU A 1 103 ? -9.051  -10.346 -1.218  1.00 49.91  ? 103 LEU A CD1 1 
ATOM   759  C  CD2 . LEU A 1 103 ? -11.328 -11.323 -0.981  1.00 50.74  ? 103 LEU A CD2 1 
ATOM   760  N  N   . ALA A 1 104 ? -9.117  -16.217 -0.380  1.00 56.54  ? 104 ALA A N   1 
ATOM   761  C  CA  . ALA A 1 104 ? -8.700  -17.446 -1.049  1.00 59.68  ? 104 ALA A CA  1 
ATOM   762  C  C   . ALA A 1 104 ? -8.042  -17.211 -2.418  1.00 61.69  ? 104 ALA A C   1 
ATOM   763  O  O   . ALA A 1 104 ? -8.235  -17.995 -3.349  1.00 62.25  ? 104 ALA A O   1 
ATOM   764  C  CB  . ALA A 1 104 ? -9.893  -18.373 -1.199  1.00 59.47  ? 104 ALA A CB  1 
ATOM   765  N  N   . ARG A 1 105 ? -7.274  -16.130 -2.530  1.00 63.58  ? 105 ARG A N   1 
ATOM   766  C  CA  . ARG A 1 105 ? -6.583  -15.771 -3.767  1.00 64.51  ? 105 ARG A CA  1 
ATOM   767  C  C   . ARG A 1 105 ? -5.127  -15.439 -3.403  1.00 64.87  ? 105 ARG A C   1 
ATOM   768  O  O   . ARG A 1 105 ? -4.853  -15.000 -2.279  1.00 65.93  ? 105 ARG A O   1 
ATOM   769  C  CB  . ARG A 1 105 ? -7.259  -14.546 -4.386  1.00 66.38  ? 105 ARG A CB  1 
ATOM   770  C  CG  . ARG A 1 105 ? -7.385  -14.576 -5.894  1.00 69.75  ? 105 ARG A CG  1 
ATOM   771  C  CD  . ARG A 1 105 ? -8.739  -15.108 -6.349  1.00 71.15  ? 105 ARG A CD  1 
ATOM   772  N  NE  . ARG A 1 105 ? -9.839  -14.267 -5.880  1.00 72.47  ? 105 ARG A NE  1 
ATOM   773  C  CZ  . ARG A 1 105 ? -11.122 -14.487 -6.159  1.00 74.06  ? 105 ARG A CZ  1 
ATOM   774  N  NH1 . ARG A 1 105 ? -11.464 -15.526 -6.912  1.00 73.40  ? 105 ARG A NH1 1 
ATOM   775  N  NH2 . ARG A 1 105 ? -12.067 -13.676 -5.675  1.00 73.36  ? 105 ARG A NH2 1 
ATOM   776  N  N   . PRO A 1 106 ? -4.175  -15.647 -4.334  1.00 64.28  ? 106 PRO A N   1 
ATOM   777  C  CA  . PRO A 1 106 ? -2.755  -15.360 -4.083  1.00 62.76  ? 106 PRO A CA  1 
ATOM   778  C  C   . PRO A 1 106 ? -2.416  -13.864 -3.975  1.00 61.89  ? 106 PRO A C   1 
ATOM   779  O  O   . PRO A 1 106 ? -2.557  -13.121 -4.952  1.00 60.16  ? 106 PRO A O   1 
ATOM   780  C  CB  . PRO A 1 106 ? -2.060  -16.015 -5.276  1.00 62.45  ? 106 PRO A CB  1 
ATOM   781  C  CG  . PRO A 1 106 ? -3.052  -15.844 -6.368  1.00 62.44  ? 106 PRO A CG  1 
ATOM   782  C  CD  . PRO A 1 106 ? -4.352  -16.224 -5.677  1.00 64.12  ? 106 PRO A CD  1 
ATOM   783  N  N   . LEU A 1 107 ? -1.967  -13.421 -2.798  1.00 60.61  ? 107 LEU A N   1 
ATOM   784  C  CA  . LEU A 1 107 ? -1.614  -12.009 -2.634  1.00 59.72  ? 107 LEU A CA  1 
ATOM   785  C  C   . LEU A 1 107 ? -0.171  -11.835 -2.220  1.00 58.47  ? 107 LEU A C   1 
ATOM   786  O  O   . LEU A 1 107 ? 0.316   -12.553 -1.374  1.00 56.97  ? 107 LEU A O   1 
ATOM   787  C  CB  . LEU A 1 107 ? -2.492  -11.309 -1.590  1.00 59.54  ? 107 LEU A CB  1 
ATOM   788  C  CG  . LEU A 1 107 ? -2.270  -11.789 -0.160  1.00 59.22  ? 107 LEU A CG  1 
ATOM   789  C  CD1 . LEU A 1 107 ? -2.927  -10.856 0.817   1.00 59.00  ? 107 LEU A CD1 1 
ATOM   790  C  CD2 . LEU A 1 107 ? -2.827  -13.185 -0.018  1.00 59.90  ? 107 LEU A CD2 1 
ATOM   791  N  N   . HIS A 1 108 ? 0.497   -10.870 -2.839  1.00 58.73  ? 108 HIS A N   1 
ATOM   792  C  CA  . HIS A 1 108 ? 1.887   -10.556 -2.557  1.00 58.58  ? 108 HIS A CA  1 
ATOM   793  C  C   . HIS A 1 108 ? 1.935   -9.344  -1.616  1.00 59.03  ? 108 HIS A C   1 
ATOM   794  O  O   . HIS A 1 108 ? 1.282   -8.314  -1.877  1.00 60.38  ? 108 HIS A O   1 
ATOM   795  C  CB  . HIS A 1 108 ? 2.622   -10.214 -3.862  1.00 58.62  ? 108 HIS A CB  1 
ATOM   796  C  CG  . HIS A 1 108 ? 2.729   -11.358 -4.826  1.00 58.68  ? 108 HIS A CG  1 
ATOM   797  N  ND1 . HIS A 1 108 ? 1.636   -11.903 -5.466  1.00 59.50  ? 108 HIS A ND1 1 
ATOM   798  C  CD2 . HIS A 1 108 ? 3.800   -12.072 -5.244  1.00 58.81  ? 108 HIS A CD2 1 
ATOM   799  C  CE1 . HIS A 1 108 ? 2.027   -12.904 -6.235  1.00 59.15  ? 108 HIS A CE1 1 
ATOM   800  N  NE2 . HIS A 1 108 ? 3.337   -13.027 -6.116  1.00 59.68  ? 108 HIS A NE2 1 
ATOM   801  N  N   . TYR A 1 109 ? 2.699   -9.449  -0.526  1.00 57.25  ? 109 TYR A N   1 
ATOM   802  C  CA  . TYR A 1 109 ? 2.810   -8.333  0.428   1.00 55.11  ? 109 TYR A CA  1 
ATOM   803  C  C   . TYR A 1 109 ? 4.196   -7.660  0.322   1.00 53.77  ? 109 TYR A C   1 
ATOM   804  O  O   . TYR A 1 109 ? 5.226   -8.322  0.448   1.00 53.83  ? 109 TYR A O   1 
ATOM   805  C  CB  . TYR A 1 109 ? 2.542   -8.838  1.868   1.00 53.13  ? 109 TYR A CB  1 
ATOM   806  C  CG  . TYR A 1 109 ? 2.428   -7.749  2.922   1.00 50.30  ? 109 TYR A CG  1 
ATOM   807  C  CD1 . TYR A 1 109 ? 2.953   -7.926  4.192   1.00 48.99  ? 109 TYR A CD1 1 
ATOM   808  C  CD2 . TYR A 1 109 ? 1.807   -6.544  2.644   1.00 50.38  ? 109 TYR A CD2 1 
ATOM   809  C  CE1 . TYR A 1 109 ? 2.874   -6.936  5.153   1.00 47.96  ? 109 TYR A CE1 1 
ATOM   810  C  CE2 . TYR A 1 109 ? 1.718   -5.542  3.599   1.00 50.59  ? 109 TYR A CE2 1 
ATOM   811  C  CZ  . TYR A 1 109 ? 2.258   -5.741  4.854   1.00 50.02  ? 109 TYR A CZ  1 
ATOM   812  O  OH  . TYR A 1 109 ? 2.196   -4.719  5.785   1.00 50.86  ? 109 TYR A OH  1 
ATOM   813  N  N   . ILE A 1 110 ? 4.201   -6.349  0.073   1.00 52.02  ? 110 ILE A N   1 
ATOM   814  C  CA  . ILE A 1 110 ? 5.429   -5.546  -0.062  1.00 50.06  ? 110 ILE A CA  1 
ATOM   815  C  C   . ILE A 1 110 ? 5.299   -4.193  0.652   1.00 49.06  ? 110 ILE A C   1 
ATOM   816  O  O   . ILE A 1 110 ? 4.451   -3.365  0.299   1.00 47.28  ? 110 ILE A O   1 
ATOM   817  C  CB  . ILE A 1 110 ? 5.763   -5.291  -1.557  1.00 48.21  ? 110 ILE A CB  1 
ATOM   818  C  CG1 . ILE A 1 110 ? 5.993   -6.618  -2.256  1.00 46.82  ? 110 ILE A CG1 1 
ATOM   819  C  CG2 . ILE A 1 110 ? 7.005   -4.447  -1.707  1.00 44.02  ? 110 ILE A CG2 1 
ATOM   820  C  CD1 . ILE A 1 110 ? 6.224   -6.469  -3.716  1.00 47.79  ? 110 ILE A CD1 1 
ATOM   821  N  N   . VAL A 1 111 ? 6.146   -3.982  1.657   1.00 49.64  ? 111 VAL A N   1 
ATOM   822  C  CA  . VAL A 1 111 ? 6.149   -2.743  2.449   1.00 49.40  ? 111 VAL A CA  1 
ATOM   823  C  C   . VAL A 1 111 ? 7.293   -1.830  1.984   1.00 48.75  ? 111 VAL A C   1 
ATOM   824  O  O   . VAL A 1 111 ? 8.440   -2.243  1.950   1.00 49.42  ? 111 VAL A O   1 
ATOM   825  C  CB  . VAL A 1 111 ? 6.319   -3.074  3.968   1.00 47.25  ? 111 VAL A CB  1 
ATOM   826  C  CG1 . VAL A 1 111 ? 6.276   -1.808  4.780   1.00 47.32  ? 111 VAL A CG1 1 
ATOM   827  C  CG2 . VAL A 1 111 ? 5.225   -4.019  4.433   1.00 45.00  ? 111 VAL A CG2 1 
ATOM   828  N  N   . LEU A 1 112 ? 7.003   -0.595  1.612   1.00 48.56  ? 112 LEU A N   1 
ATOM   829  C  CA  . LEU A 1 112 ? 8.090   0.266   1.173   1.00 50.43  ? 112 LEU A CA  1 
ATOM   830  C  C   . LEU A 1 112 ? 8.602   1.060   2.353   1.00 53.01  ? 112 LEU A C   1 
ATOM   831  O  O   . LEU A 1 112 ? 7.823   1.485   3.205   1.00 54.59  ? 112 LEU A O   1 
ATOM   832  C  CB  . LEU A 1 112 ? 7.624   1.237   0.081   1.00 47.57  ? 112 LEU A CB  1 
ATOM   833  C  CG  . LEU A 1 112 ? 7.108   0.628   -1.223  1.00 45.63  ? 112 LEU A CG  1 
ATOM   834  C  CD1 . LEU A 1 112 ? 6.382   1.693   -1.995  1.00 45.24  ? 112 LEU A CD1 1 
ATOM   835  C  CD2 . LEU A 1 112 ? 8.241   0.015   -2.019  1.00 41.78  ? 112 LEU A CD2 1 
ATOM   836  N  N   . ARG A 1 113 ? 9.912   1.253   2.424   1.00 55.28  ? 113 ARG A N   1 
ATOM   837  C  CA  . ARG A 1 113 ? 10.465  2.030   3.524   1.00 57.33  ? 113 ARG A CA  1 
ATOM   838  C  C   . ARG A 1 113 ? 11.540  2.926   2.936   1.00 57.28  ? 113 ARG A C   1 
ATOM   839  O  O   . ARG A 1 113 ? 12.249  2.531   2.009   1.00 57.55  ? 113 ARG A O   1 
ATOM   840  C  CB  . ARG A 1 113 ? 11.068  1.114   4.624   1.00 58.71  ? 113 ARG A CB  1 
ATOM   841  C  CG  . ARG A 1 113 ? 11.130  1.743   6.047   1.00 58.40  ? 113 ARG A CG  1 
ATOM   842  C  CD  . ARG A 1 113 ? 12.197  1.130   6.939   1.00 58.69  ? 113 ARG A CD  1 
ATOM   843  N  NE  . ARG A 1 113 ? 12.101  -0.329  7.152   1.00 61.84  ? 113 ARG A NE  1 
ATOM   844  C  CZ  . ARG A 1 113 ? 11.205  -0.950  7.929   1.00 62.22  ? 113 ARG A CZ  1 
ATOM   845  N  NH1 . ARG A 1 113 ? 10.287  -0.252  8.584   1.00 62.15  ? 113 ARG A NH1 1 
ATOM   846  N  NH2 . ARG A 1 113 ? 11.243  -2.271  8.075   1.00 58.94  ? 113 ARG A NH2 1 
ATOM   847  N  N   . THR A 1 114 ? 11.627  4.145   3.459   1.00 56.85  ? 114 THR A N   1 
ATOM   848  C  CA  . THR A 1 114 ? 12.616  5.112   3.013   1.00 57.60  ? 114 THR A CA  1 
ATOM   849  C  C   . THR A 1 114 ? 12.973  6.073   4.140   1.00 57.97  ? 114 THR A C   1 
ATOM   850  O  O   . THR A 1 114 ? 12.294  6.147   5.160   1.00 59.24  ? 114 THR A O   1 
ATOM   851  C  CB  . THR A 1 114 ? 12.114  5.959   1.799   1.00 57.40  ? 114 THR A CB  1 
ATOM   852  O  OG1 . THR A 1 114 ? 11.358  7.087   2.261   1.00 56.02  ? 114 THR A OG1 1 
ATOM   853  C  CG2 . THR A 1 114 ? 11.242  5.112   0.888   1.00 57.39  ? 114 THR A CG2 1 
ATOM   854  N  N   . THR A 1 115 ? 14.062  6.800   3.946   1.00 58.09  ? 115 THR A N   1 
ATOM   855  C  CA  . THR A 1 115 ? 14.529  7.782   4.907   1.00 56.22  ? 115 THR A CA  1 
ATOM   856  C  C   . THR A 1 115 ? 13.359  8.646   5.333   1.00 55.60  ? 115 THR A C   1 
ATOM   857  O  O   . THR A 1 115 ? 12.458  8.907   4.542   1.00 54.76  ? 115 THR A O   1 
ATOM   858  C  CB  . THR A 1 115 ? 15.576  8.678   4.249   1.00 56.09  ? 115 THR A CB  1 
ATOM   859  O  OG1 . THR A 1 115 ? 16.656  7.860   3.782   1.00 55.75  ? 115 THR A OG1 1 
ATOM   860  C  CG2 . THR A 1 115 ? 16.085  9.739   5.221   1.00 55.83  ? 115 THR A CG2 1 
ATOM   861  N  N   . ALA A 1 116 ? 13.377  9.083   6.583   1.00 55.89  ? 116 ALA A N   1 
ATOM   862  C  CA  . ALA A 1 116 ? 12.334  9.940   7.103   1.00 57.03  ? 116 ALA A CA  1 
ATOM   863  C  C   . ALA A 1 116 ? 12.383  11.295  6.408   1.00 58.64  ? 116 ALA A C   1 
ATOM   864  O  O   . ALA A 1 116 ? 11.365  11.971  6.289   1.00 59.19  ? 116 ALA A O   1 
ATOM   865  C  CB  . ALA A 1 116 ? 12.511  10.116  8.587   1.00 56.91  ? 116 ALA A CB  1 
ATOM   866  N  N   . ALA A 1 117 ? 13.574  11.685  5.953   1.00 61.02  ? 117 ALA A N   1 
ATOM   867  C  CA  . ALA A 1 117 ? 13.789  12.960  5.252   1.00 62.37  ? 117 ALA A CA  1 
ATOM   868  C  C   . ALA A 1 117 ? 13.228  12.872  3.837   1.00 63.28  ? 117 ALA A C   1 
ATOM   869  O  O   . ALA A 1 117 ? 12.759  13.871  3.285   1.00 64.38  ? 117 ALA A O   1 
ATOM   870  C  CB  . ALA A 1 117 ? 15.285  13.286  5.198   1.00 63.14  ? 117 ALA A CB  1 
ATOM   871  N  N   . GLU A 1 118 ? 13.309  11.666  3.265   1.00 62.20  ? 118 GLU A N   1 
ATOM   872  C  CA  . GLU A 1 118 ? 12.805  11.371  1.932   1.00 60.65  ? 118 GLU A CA  1 
ATOM   873  C  C   . GLU A 1 118 ? 11.275  11.320  2.009   1.00 61.31  ? 118 GLU A C   1 
ATOM   874  O  O   . GLU A 1 118 ? 10.570  11.795  1.117   1.00 60.81  ? 118 GLU A O   1 
ATOM   875  C  CB  . GLU A 1 118 ? 13.356  10.024  1.442   1.00 58.46  ? 118 GLU A CB  1 
ATOM   876  C  CG  . GLU A 1 118 ? 14.873  9.987   1.289   1.00 59.15  ? 118 GLU A CG  1 
ATOM   877  C  CD  . GLU A 1 118 ? 15.427  8.650   0.747   1.00 59.11  ? 118 GLU A CD  1 
ATOM   878  O  OE1 . GLU A 1 118 ? 15.266  7.601   1.400   1.00 58.27  ? 118 GLU A OE1 1 
ATOM   879  O  OE2 . GLU A 1 118 ? 16.041  8.646   -0.341  1.00 58.62  ? 118 GLU A OE2 1 
ATOM   880  N  N   . ALA A 1 119 ? 10.761  10.752  3.095   1.00 61.90  ? 119 ALA A N   1 
ATOM   881  C  CA  . ALA A 1 119 ? 9.325   10.642  3.269   1.00 62.16  ? 119 ALA A CA  1 
ATOM   882  C  C   . ALA A 1 119 ? 8.738   12.005  3.546   1.00 62.39  ? 119 ALA A C   1 
ATOM   883  O  O   . ALA A 1 119 ? 7.693   12.346  3.015   1.00 63.25  ? 119 ALA A O   1 
ATOM   884  C  CB  . ALA A 1 119 ? 8.997   9.695   4.403   1.00 62.03  ? 119 ALA A CB  1 
ATOM   885  N  N   . ILE A 1 120 ? 9.404   12.795  4.371   1.00 62.15  ? 120 ILE A N   1 
ATOM   886  C  CA  . ILE A 1 120 ? 8.880   14.116  4.664   1.00 63.84  ? 120 ILE A CA  1 
ATOM   887  C  C   . ILE A 1 120 ? 8.891   14.974  3.405   1.00 65.47  ? 120 ILE A C   1 
ATOM   888  O  O   . ILE A 1 120 ? 7.996   15.787  3.182   1.00 63.79  ? 120 ILE A O   1 
ATOM   889  C  CB  . ILE A 1 120 ? 9.704   14.814  5.744   1.00 63.39  ? 120 ILE A CB  1 
ATOM   890  C  CG1 . ILE A 1 120 ? 9.650   14.012  7.044   1.00 63.90  ? 120 ILE A CG1 1 
ATOM   891  C  CG2 . ILE A 1 120 ? 9.166   16.211  5.967   1.00 63.33  ? 120 ILE A CG2 1 
ATOM   892  C  CD1 . ILE A 1 120 ? 10.502  14.579  8.157   1.00 61.16  ? 120 ILE A CD1 1 
ATOM   893  N  N   . GLU A 1 121 ? 9.922   14.774  2.591   1.00 68.99  ? 121 GLU A N   1 
ATOM   894  C  CA  . GLU A 1 121 ? 10.117  15.500  1.335   1.00 71.73  ? 121 GLU A CA  1 
ATOM   895  C  C   . GLU A 1 121 ? 9.001   15.236  0.322   1.00 71.28  ? 121 GLU A C   1 
ATOM   896  O  O   . GLU A 1 121 ? 8.292   16.155  -0.089  1.00 70.53  ? 121 GLU A O   1 
ATOM   897  C  CB  . GLU A 1 121 ? 11.476  15.103  0.736   1.00 73.59  ? 121 GLU A CB  1 
ATOM   898  C  CG  . GLU A 1 121 ? 11.623  15.347  -0.765  1.00 78.60  ? 121 GLU A CG  1 
ATOM   899  C  CD  . GLU A 1 121 ? 12.830  14.621  -1.373  1.00 81.61  ? 121 GLU A CD  1 
ATOM   900  O  OE1 . GLU A 1 121 ? 12.960  13.381  -1.188  1.00 81.59  ? 121 GLU A OE1 1 
ATOM   901  O  OE2 . GLU A 1 121 ? 13.645  15.295  -2.052  1.00 83.72  ? 121 GLU A OE2 1 
ATOM   902  N  N   . ARG A 1 122 ? 8.865   13.974  -0.075  1.00 72.03  ? 122 ARG A N   1 
ATOM   903  C  CA  . ARG A 1 122 ? 7.861   13.565  -1.046  1.00 72.68  ? 122 ARG A CA  1 
ATOM   904  C  C   . ARG A 1 122 ? 6.481   14.118  -0.657  1.00 72.63  ? 122 ARG A C   1 
ATOM   905  O  O   . ARG A 1 122 ? 5.781   14.701  -1.486  1.00 73.81  ? 122 ARG A O   1 
ATOM   906  C  CB  . ARG A 1 122 ? 7.821   12.024  -1.159  1.00 72.42  ? 122 ARG A CB  1 
ATOM   907  C  CG  . ARG A 1 122 ? 7.696   11.445  -2.601  1.00 71.91  ? 122 ARG A CG  1 
ATOM   908  C  CD  . ARG A 1 122 ? 6.434   11.976  -3.355  1.00 73.02  ? 122 ARG A CD  1 
ATOM   909  N  NE  . ARG A 1 122 ? 6.201   11.353  -4.679  1.00 69.93  ? 122 ARG A NE  1 
ATOM   910  C  CZ  . ARG A 1 122 ? 5.146   11.587  -5.465  1.00 65.94  ? 122 ARG A CZ  1 
ATOM   911  N  NH1 . ARG A 1 122 ? 4.189   12.435  -5.102  1.00 61.88  ? 122 ARG A NH1 1 
ATOM   912  N  NH2 . ARG A 1 122 ? 5.041   10.953  -6.616  1.00 63.83  ? 122 ARG A NH2 1 
ATOM   913  N  N   . CYS A 1 123 ? 6.108   13.980  0.610   1.00 71.68  ? 123 CYS A N   1 
ATOM   914  C  CA  . CYS A 1 123 ? 4.806   14.453  1.069   1.00 71.17  ? 123 CYS A CA  1 
ATOM   915  C  C   . CYS A 1 123 ? 4.716   15.948  1.333   1.00 73.37  ? 123 CYS A C   1 
ATOM   916  O  O   . CYS A 1 123 ? 3.630   16.508  1.362   1.00 72.31  ? 123 CYS A O   1 
ATOM   917  C  CB  . CYS A 1 123 ? 4.404   13.705  2.338   1.00 68.56  ? 123 CYS A CB  1 
ATOM   918  S  SG  . CYS A 1 123 ? 4.528   11.926  2.181   1.00 63.50  ? 123 CYS A SG  1 
ATOM   919  N  N   . LEU A 1 124 ? 5.853   16.598  1.535   1.00 78.21  ? 124 LEU A N   1 
ATOM   920  C  CA  . LEU A 1 124 ? 5.851   18.028  1.831   1.00 82.31  ? 124 LEU A CA  1 
ATOM   921  C  C   . LEU A 1 124 ? 4.952   18.771  0.857   1.00 84.44  ? 124 LEU A C   1 
ATOM   922  O  O   . LEU A 1 124 ? 3.906   19.299  1.237   1.00 84.26  ? 124 LEU A O   1 
ATOM   923  C  CB  . LEU A 1 124 ? 7.281   18.581  1.759   1.00 83.88  ? 124 LEU A CB  1 
ATOM   924  C  CG  . LEU A 1 124 ? 7.652   19.865  2.521   1.00 84.87  ? 124 LEU A CG  1 
ATOM   925  C  CD1 . LEU A 1 124 ? 6.897   21.060  1.961   1.00 85.43  ? 124 LEU A CD1 1 
ATOM   926  C  CD2 . LEU A 1 124 ? 7.345   19.695  4.002   1.00 85.45  ? 124 LEU A CD2 1 
ATOM   927  N  N   . ASP A 1 125 ? 5.377   18.788  -0.400  1.00 87.74  ? 125 ASP A N   1 
ATOM   928  C  CA  . ASP A 1 125 ? 4.661   19.458  -1.470  1.00 90.45  ? 125 ASP A CA  1 
ATOM   929  C  C   . ASP A 1 125 ? 3.589   18.507  -2.013  1.00 91.74  ? 125 ASP A C   1 
ATOM   930  O  O   . ASP A 1 125 ? 3.715   17.990  -3.126  1.00 92.65  ? 125 ASP A O   1 
ATOM   931  C  CB  . ASP A 1 125 ? 5.649   19.844  -2.586  1.00 92.66  ? 125 ASP A CB  1 
ATOM   932  C  CG  . ASP A 1 125 ? 6.908   20.565  -2.060  1.00 95.16  ? 125 ASP A CG  1 
ATOM   933  O  OD1 . ASP A 1 125 ? 6.770   21.637  -1.423  1.00 95.86  ? 125 ASP A OD1 1 
ATOM   934  O  OD2 . ASP A 1 125 ? 8.037   20.062  -2.297  1.00 95.56  ? 125 ASP A OD2 1 
ATOM   935  N  N   . ARG A 1 126 ? 2.547   18.261  -1.219  1.00 92.60  ? 126 ARG A N   1 
ATOM   936  C  CA  . ARG A 1 126 ? 1.454   17.370  -1.631  1.00 93.16  ? 126 ARG A CA  1 
ATOM   937  C  C   . ARG A 1 126 ? 0.153   18.118  -1.463  1.00 95.72  ? 126 ARG A C   1 
ATOM   938  O  O   . ARG A 1 126 ? -0.744  18.028  -2.306  1.00 96.48  ? 126 ARG A O   1 
ATOM   939  C  CB  . ARG A 1 126 ? 1.386   16.117  -0.749  1.00 89.91  ? 126 ARG A CB  1 
ATOM   940  C  CG  . ARG A 1 126 ? 1.221   14.791  -1.486  1.00 84.11  ? 126 ARG A CG  1 
ATOM   941  C  CD  . ARG A 1 126 ? 2.573   14.338  -1.978  1.00 80.94  ? 126 ARG A CD  1 
ATOM   942  N  NE  . ARG A 1 126 ? 2.779   12.886  -1.992  1.00 77.28  ? 126 ARG A NE  1 
ATOM   943  C  CZ  . ARG A 1 126 ? 2.389   12.040  -1.041  1.00 74.07  ? 126 ARG A CZ  1 
ATOM   944  N  NH1 . ARG A 1 126 ? 2.658   10.744  -1.163  1.00 70.56  ? 126 ARG A NH1 1 
ATOM   945  N  NH2 . ARG A 1 126 ? 1.701   12.480  0.007   1.00 72.67  ? 126 ARG A NH2 1 
ATOM   946  N  N   . GLY A 1 127 ? 0.057   18.846  -0.355  1.00 97.88  ? 127 GLY A N   1 
ATOM   947  C  CA  . GLY A 1 127 ? -1.151  19.593  -0.077  1.00 101.36 ? 127 GLY A CA  1 
ATOM   948  C  C   . GLY A 1 127 ? -2.353  18.695  -0.296  1.00 103.77 ? 127 GLY A C   1 
ATOM   949  O  O   . GLY A 1 127 ? -2.493  17.666  0.372   1.00 104.04 ? 127 GLY A O   1 
ATOM   950  N  N   . GLY A 1 128 ? -3.210  19.074  -1.243  1.00 105.00 ? 128 GLY A N   1 
ATOM   951  C  CA  . GLY A 1 128 ? -4.399  18.292  -1.533  1.00 106.48 ? 128 GLY A CA  1 
ATOM   952  C  C   . GLY A 1 128 ? -5.190  17.952  -0.281  1.00 107.28 ? 128 GLY A C   1 
ATOM   953  O  O   . GLY A 1 128 ? -5.828  18.816  0.333   1.00 107.32 ? 128 GLY A O   1 
ATOM   954  N  N   . ASP A 1 129 ? -5.144  16.684  0.104   1.00 107.34 ? 129 ASP A N   1 
ATOM   955  C  CA  . ASP A 1 129 ? -5.857  16.235  1.284   1.00 107.38 ? 129 ASP A CA  1 
ATOM   956  C  C   . ASP A 1 129 ? -5.058  15.147  2.006   1.00 107.11 ? 129 ASP A C   1 
ATOM   957  O  O   . ASP A 1 129 ? -5.472  14.643  3.054   1.00 107.56 ? 129 ASP A O   1 
ATOM   958  C  CB  . ASP A 1 129 ? -7.231  15.715  0.874   1.00 107.92 ? 129 ASP A CB  1 
ATOM   959  C  CG  . ASP A 1 129 ? -8.160  15.553  2.048   1.00 108.79 ? 129 ASP A CG  1 
ATOM   960  O  OD1 . ASP A 1 129 ? -8.353  16.544  2.784   1.00 109.02 ? 129 ASP A OD1 1 
ATOM   961  O  OD2 . ASP A 1 129 ? -8.701  14.440  2.228   1.00 109.33 ? 129 ASP A OD2 1 
ATOM   962  N  N   . SER A 1 130 ? -3.902  14.806  1.439   1.00 105.66 ? 130 SER A N   1 
ATOM   963  C  CA  . SER A 1 130 ? -3.026  13.785  2.000   1.00 104.00 ? 130 SER A CA  1 
ATOM   964  C  C   . SER A 1 130 ? -2.132  14.321  3.121   1.00 103.27 ? 130 SER A C   1 
ATOM   965  O  O   . SER A 1 130 ? -2.452  15.321  3.766   1.00 103.77 ? 130 SER A O   1 
ATOM   966  C  CB  . SER A 1 130 ? -2.161  13.178  0.893   1.00 104.04 ? 130 SER A CB  1 
ATOM   967  O  OG  . SER A 1 130 ? -2.969  12.542  -0.082  1.00 103.46 ? 130 SER A OG  1 
ATOM   968  N  N   . LEU A 1 131 ? -1.005  13.650  3.346   1.00 101.20 ? 131 LEU A N   1 
ATOM   969  C  CA  . LEU A 1 131 ? -0.071  14.047  4.393   1.00 98.16  ? 131 LEU A CA  1 
ATOM   970  C  C   . LEU A 1 131 ? 0.732   15.300  4.056   1.00 95.60  ? 131 LEU A C   1 
ATOM   971  O  O   . LEU A 1 131 ? 1.452   15.330  3.064   1.00 95.54  ? 131 LEU A O   1 
ATOM   972  C  CB  . LEU A 1 131 ? 0.893   12.896  4.685   1.00 99.53  ? 131 LEU A CB  1 
ATOM   973  C  CG  . LEU A 1 131 ? 0.364   11.715  5.507   1.00 100.41 ? 131 LEU A CG  1 
ATOM   974  C  CD1 . LEU A 1 131 ? -0.037  12.223  6.881   1.00 100.39 ? 131 LEU A CD1 1 
ATOM   975  C  CD2 . LEU A 1 131 ? -0.812  11.048  4.806   1.00 99.86  ? 131 LEU A CD2 1 
ATOM   976  N  N   . SER A 1 132 ? 0.616   16.333  4.885   1.00 92.32  ? 132 SER A N   1 
ATOM   977  C  CA  . SER A 1 132 ? 1.362   17.563  4.648   1.00 89.17  ? 132 SER A CA  1 
ATOM   978  C  C   . SER A 1 132 ? 2.357   17.830  5.779   1.00 86.81  ? 132 SER A C   1 
ATOM   979  O  O   . SER A 1 132 ? 3.568   17.778  5.569   1.00 86.55  ? 132 SER A O   1 
ATOM   980  C  CB  . SER A 1 132 ? 0.402   18.743  4.514   1.00 89.52  ? 132 SER A CB  1 
ATOM   981  O  OG  . SER A 1 132 ? -0.567  18.485  3.515   1.00 91.29  ? 132 SER A OG  1 
ATOM   982  N  N   . ASP A 1 133 ? 1.837   18.109  6.973   1.00 83.63  ? 133 ASP A N   1 
ATOM   983  C  CA  . ASP A 1 133 ? 2.653   18.390  8.155   1.00 79.71  ? 133 ASP A CA  1 
ATOM   984  C  C   . ASP A 1 133 ? 3.732   17.312  8.324   1.00 76.62  ? 133 ASP A C   1 
ATOM   985  O  O   . ASP A 1 133 ? 3.414   16.132  8.493   1.00 76.50  ? 133 ASP A O   1 
ATOM   986  C  CB  . ASP A 1 133 ? 1.750   18.439  9.394   1.00 80.38  ? 133 ASP A CB  1 
ATOM   987  C  CG  . ASP A 1 133 ? 2.449   18.995  10.627  1.00 82.13  ? 133 ASP A CG  1 
ATOM   988  O  OD1 . ASP A 1 133 ? 1.822   18.963  11.711  1.00 82.68  ? 133 ASP A OD1 1 
ATOM   989  O  OD2 . ASP A 1 133 ? 3.608   19.465  10.529  1.00 83.01  ? 133 ASP A OD2 1 
ATOM   990  N  N   . PRO A 1 134 ? 5.025   17.708  8.275   1.00 73.21  ? 134 PRO A N   1 
ATOM   991  C  CA  . PRO A 1 134 ? 6.157   16.785  8.417   1.00 68.85  ? 134 PRO A CA  1 
ATOM   992  C  C   . PRO A 1 134 ? 6.223   16.053  9.762   1.00 65.92  ? 134 PRO A C   1 
ATOM   993  O  O   . PRO A 1 134 ? 6.879   15.017  9.877   1.00 64.59  ? 134 PRO A O   1 
ATOM   994  C  CB  . PRO A 1 134 ? 7.363   17.685  8.151   1.00 68.54  ? 134 PRO A CB  1 
ATOM   995  C  CG  . PRO A 1 134 ? 6.904   19.012  8.612   1.00 70.20  ? 134 PRO A CG  1 
ATOM   996  C  CD  . PRO A 1 134 ? 5.507   19.091  8.087   1.00 71.82  ? 134 PRO A CD  1 
ATOM   997  N  N   . LEU A 1 135 ? 5.540   16.590  10.774  1.00 63.35  ? 135 LEU A N   1 
ATOM   998  C  CA  . LEU A 1 135 ? 5.507   15.969  12.108  1.00 59.66  ? 135 LEU A CA  1 
ATOM   999  C  C   . LEU A 1 135 ? 4.741   14.650  12.050  1.00 57.74  ? 135 LEU A C   1 
ATOM   1000 O  O   . LEU A 1 135 ? 5.197   13.631  12.572  1.00 56.49  ? 135 LEU A O   1 
ATOM   1001 C  CB  . LEU A 1 135 ? 4.834   16.905  13.123  1.00 57.85  ? 135 LEU A CB  1 
ATOM   1002 C  CG  . LEU A 1 135 ? 4.553   16.349  14.522  1.00 55.42  ? 135 LEU A CG  1 
ATOM   1003 C  CD1 . LEU A 1 135 ? 5.818   15.778  15.122  1.00 55.28  ? 135 LEU A CD1 1 
ATOM   1004 C  CD2 . LEU A 1 135 ? 4.007   17.443  15.414  1.00 54.30  ? 135 LEU A CD2 1 
ATOM   1005 N  N   . VAL A 1 136 ? 3.571   14.702  11.409  1.00 56.14  ? 136 VAL A N   1 
ATOM   1006 C  CA  . VAL A 1 136 ? 2.680   13.556  11.225  1.00 54.20  ? 136 VAL A CA  1 
ATOM   1007 C  C   . VAL A 1 136 ? 3.358   12.510  10.346  1.00 53.51  ? 136 VAL A C   1 
ATOM   1008 O  O   . VAL A 1 136 ? 3.445   11.331  10.697  1.00 51.83  ? 136 VAL A O   1 
ATOM   1009 C  CB  . VAL A 1 136 ? 1.351   14.011  10.551  1.00 53.64  ? 136 VAL A CB  1 
ATOM   1010 C  CG1 . VAL A 1 136 ? 0.468   12.815  10.203  1.00 52.83  ? 136 VAL A CG1 1 
ATOM   1011 C  CG2 . VAL A 1 136 ? 0.620   14.965  11.473  1.00 51.94  ? 136 VAL A CG2 1 
ATOM   1012 N  N   . VAL A 1 137 ? 3.848   12.955  9.198   1.00 53.80  ? 137 VAL A N   1 
ATOM   1013 C  CA  . VAL A 1 137 ? 4.512   12.051  8.283   1.00 54.90  ? 137 VAL A CA  1 
ATOM   1014 C  C   . VAL A 1 137 ? 5.687   11.351  8.949   1.00 56.38  ? 137 VAL A C   1 
ATOM   1015 O  O   . VAL A 1 137 ? 5.952   10.176  8.694   1.00 57.01  ? 137 VAL A O   1 
ATOM   1016 C  CB  . VAL A 1 137 ? 5.063   12.781  7.080   1.00 53.90  ? 137 VAL A CB  1 
ATOM   1017 C  CG1 . VAL A 1 137 ? 5.529   11.758  6.055   1.00 54.84  ? 137 VAL A CG1 1 
ATOM   1018 C  CG2 . VAL A 1 137 ? 4.028   13.717  6.519   1.00 51.94  ? 137 VAL A CG2 1 
ATOM   1019 N  N   . ALA A 1 138 ? 6.398   12.098  9.788   1.00 57.94  ? 138 ALA A N   1 
ATOM   1020 C  CA  . ALA A 1 138 ? 7.560   11.594  10.506  1.00 58.52  ? 138 ALA A CA  1 
ATOM   1021 C  C   . ALA A 1 138 ? 7.142   10.651  11.614  1.00 59.21  ? 138 ALA A C   1 
ATOM   1022 O  O   . ALA A 1 138 ? 7.721   9.578   11.764  1.00 59.41  ? 138 ALA A O   1 
ATOM   1023 C  CB  . ALA A 1 138 ? 8.347   12.754  11.085  1.00 59.55  ? 138 ALA A CB  1 
ATOM   1024 N  N   . ASP A 1 139 ? 6.145   11.061  12.394  1.00 59.74  ? 139 ASP A N   1 
ATOM   1025 C  CA  . ASP A 1 139 ? 5.648   10.232  13.479  1.00 60.55  ? 139 ASP A CA  1 
ATOM   1026 C  C   . ASP A 1 139 ? 5.139   8.921   12.883  1.00 60.34  ? 139 ASP A C   1 
ATOM   1027 O  O   . ASP A 1 139 ? 5.556   7.848   13.308  1.00 60.16  ? 139 ASP A O   1 
ATOM   1028 C  CB  . ASP A 1 139 ? 4.533   10.965  14.245  1.00 62.93  ? 139 ASP A CB  1 
ATOM   1029 C  CG  . ASP A 1 139 ? 3.849   10.086  15.303  1.00 66.10  ? 139 ASP A CG  1 
ATOM   1030 O  OD1 . ASP A 1 139 ? 4.536   9.481   16.160  1.00 67.38  ? 139 ASP A OD1 1 
ATOM   1031 O  OD2 . ASP A 1 139 ? 2.601   10.008  15.284  1.00 69.32  ? 139 ASP A OD2 1 
ATOM   1032 N  N   . LEU A 1 140 ? 4.272   8.998   11.876  1.00 60.07  ? 140 LEU A N   1 
ATOM   1033 C  CA  . LEU A 1 140 ? 3.734   7.785   11.264  1.00 61.21  ? 140 LEU A CA  1 
ATOM   1034 C  C   . LEU A 1 140 ? 4.846   6.871   10.717  1.00 61.85  ? 140 LEU A C   1 
ATOM   1035 O  O   . LEU A 1 140 ? 4.741   5.634   10.763  1.00 61.99  ? 140 LEU A O   1 
ATOM   1036 C  CB  . LEU A 1 140 ? 2.718   8.159   10.171  1.00 60.80  ? 140 LEU A CB  1 
ATOM   1037 C  CG  . LEU A 1 140 ? 1.528   9.018   10.659  1.00 61.80  ? 140 LEU A CG  1 
ATOM   1038 C  CD1 . LEU A 1 140 ? 0.675   9.463   9.481   1.00 61.18  ? 140 LEU A CD1 1 
ATOM   1039 C  CD2 . LEU A 1 140 ? 0.679   8.242   11.666  1.00 61.52  ? 140 LEU A CD2 1 
ATOM   1040 N  N   . HIS A 1 141 ? 5.916   7.491   10.225  1.00 62.88  ? 141 HIS A N   1 
ATOM   1041 C  CA  . HIS A 1 141 ? 7.085   6.790   9.685   1.00 63.02  ? 141 HIS A CA  1 
ATOM   1042 C  C   . HIS A 1 141 ? 7.791   5.972   10.792  1.00 64.31  ? 141 HIS A C   1 
ATOM   1043 O  O   . HIS A 1 141 ? 8.083   4.783   10.598  1.00 63.45  ? 141 HIS A O   1 
ATOM   1044 C  CB  . HIS A 1 141 ? 8.044   7.825   9.055   1.00 60.39  ? 141 HIS A CB  1 
ATOM   1045 C  CG  . HIS A 1 141 ? 9.386   7.274   8.672   1.00 59.37  ? 141 HIS A CG  1 
ATOM   1046 N  ND1 . HIS A 1 141 ? 9.545   6.227   7.786   1.00 58.19  ? 141 HIS A ND1 1 
ATOM   1047 C  CD2 . HIS A 1 141 ? 10.635  7.616   9.069   1.00 57.21  ? 141 HIS A CD2 1 
ATOM   1048 C  CE1 . HIS A 1 141 ? 10.828  5.952   7.659   1.00 56.03  ? 141 HIS A CE1 1 
ATOM   1049 N  NE2 . HIS A 1 141 ? 11.512  6.781   8.427   1.00 54.32  ? 141 HIS A NE2 1 
ATOM   1050 N  N   . SER A 1 142 ? 8.045   6.606   11.944  1.00 65.33  ? 142 SER A N   1 
ATOM   1051 C  CA  . SER A 1 142 ? 8.704   5.940   13.082  1.00 66.91  ? 142 SER A CA  1 
ATOM   1052 C  C   . SER A 1 142 ? 7.945   4.681   13.484  1.00 66.59  ? 142 SER A C   1 
ATOM   1053 O  O   . SER A 1 142 ? 8.539   3.634   13.738  1.00 65.44  ? 142 SER A O   1 
ATOM   1054 C  CB  . SER A 1 142 ? 8.782   6.869   14.306  1.00 68.73  ? 142 SER A CB  1 
ATOM   1055 O  OG  . SER A 1 142 ? 7.559   6.888   15.035  1.00 70.19  ? 142 SER A OG  1 
ATOM   1056 N  N   . GLN A 1 143 ? 6.627   4.810   13.560  1.00 66.78  ? 143 GLN A N   1 
ATOM   1057 C  CA  . GLN A 1 143 ? 5.770   3.700   13.909  1.00 67.61  ? 143 GLN A CA  1 
ATOM   1058 C  C   . GLN A 1 143 ? 5.930   2.558   12.918  1.00 68.11  ? 143 GLN A C   1 
ATOM   1059 O  O   . GLN A 1 143 ? 6.100   1.407   13.319  1.00 68.43  ? 143 GLN A O   1 
ATOM   1060 C  CB  . GLN A 1 143 ? 4.327   4.169   13.953  1.00 68.51  ? 143 GLN A CB  1 
ATOM   1061 C  CG  . GLN A 1 143 ? 4.035   5.046   15.153  1.00 70.33  ? 143 GLN A CG  1 
ATOM   1062 C  CD  . GLN A 1 143 ? 2.783   5.875   14.968  1.00 71.20  ? 143 GLN A CD  1 
ATOM   1063 O  OE1 . GLN A 1 143 ? 1.882   5.491   14.218  1.00 72.61  ? 143 GLN A OE1 1 
ATOM   1064 N  NE2 . GLN A 1 143 ? 2.712   7.018   15.656  1.00 70.13  ? 143 GLN A NE2 1 
ATOM   1065 N  N   . PHE A 1 144 ? 5.900   2.874   11.627  1.00 68.66  ? 144 PHE A N   1 
ATOM   1066 C  CA  . PHE A 1 144 ? 6.047   1.861   10.584  1.00 69.51  ? 144 PHE A CA  1 
ATOM   1067 C  C   . PHE A 1 144 ? 7.427   1.166   10.577  1.00 69.52  ? 144 PHE A C   1 
ATOM   1068 O  O   . PHE A 1 144 ? 7.753   0.445   9.632   1.00 69.20  ? 144 PHE A O   1 
ATOM   1069 C  CB  . PHE A 1 144 ? 5.779   2.493   9.205   1.00 71.04  ? 144 PHE A CB  1 
ATOM   1070 C  CG  . PHE A 1 144 ? 4.703   1.784   8.399   1.00 72.98  ? 144 PHE A CG  1 
ATOM   1071 C  CD1 . PHE A 1 144 ? 3.353   2.114   8.558   1.00 72.71  ? 144 PHE A CD1 1 
ATOM   1072 C  CD2 . PHE A 1 144 ? 5.040   0.759   7.503   1.00 72.39  ? 144 PHE A CD2 1 
ATOM   1073 C  CE1 . PHE A 1 144 ? 2.365   1.434   7.841   1.00 72.84  ? 144 PHE A CE1 1 
ATOM   1074 C  CE2 . PHE A 1 144 ? 4.057   0.075   6.783   1.00 71.58  ? 144 PHE A CE2 1 
ATOM   1075 C  CZ  . PHE A 1 144 ? 2.719   0.410   6.952   1.00 72.05  ? 144 PHE A CZ  1 
ATOM   1076 N  N   . ALA A 1 145 ? 8.223   1.359   11.632  1.00 70.23  ? 145 ALA A N   1 
ATOM   1077 C  CA  . ALA A 1 145 ? 9.572   0.775   11.719  1.00 69.02  ? 145 ALA A CA  1 
ATOM   1078 C  C   . ALA A 1 145 ? 9.657   -0.677  12.175  1.00 69.08  ? 145 ALA A C   1 
ATOM   1079 O  O   . ALA A 1 145 ? 10.576  -1.389  11.778  1.00 68.43  ? 145 ALA A O   1 
ATOM   1080 C  CB  . ALA A 1 145 ? 10.449  1.637   12.611  1.00 67.76  ? 145 ALA A CB  1 
ATOM   1081 N  N   . ASP A 1 146 ? 8.718   -1.112  13.010  1.00 69.63  ? 146 ASP A N   1 
ATOM   1082 C  CA  . ASP A 1 146 ? 8.725   -2.491  13.498  1.00 69.97  ? 146 ASP A CA  1 
ATOM   1083 C  C   . ASP A 1 146 ? 7.633   -3.334  12.833  1.00 67.94  ? 146 ASP A C   1 
ATOM   1084 O  O   . ASP A 1 146 ? 6.460   -3.254  13.204  1.00 67.91  ? 146 ASP A O   1 
ATOM   1085 C  CB  . ASP A 1 146 ? 8.540   -2.516  15.025  1.00 73.47  ? 146 ASP A CB  1 
ATOM   1086 C  CG  . ASP A 1 146 ? 8.642   -3.930  15.614  1.00 76.49  ? 146 ASP A CG  1 
ATOM   1087 O  OD1 . ASP A 1 146 ? 8.503   -4.082  16.854  1.00 77.42  ? 146 ASP A OD1 1 
ATOM   1088 O  OD2 . ASP A 1 146 ? 8.865   -4.889  14.839  1.00 78.54  ? 146 ASP A OD2 1 
ATOM   1089 N  N   . LEU A 1 147 ? 8.022   -4.147  11.859  1.00 64.97  ? 147 LEU A N   1 
ATOM   1090 C  CA  . LEU A 1 147 ? 7.064   -4.989  11.171  1.00 64.05  ? 147 LEU A CA  1 
ATOM   1091 C  C   . LEU A 1 147 ? 7.002   -6.386  11.754  1.00 63.63  ? 147 LEU A C   1 
ATOM   1092 O  O   . LEU A 1 147 ? 6.551   -7.326  11.094  1.00 62.57  ? 147 LEU A O   1 
ATOM   1093 C  CB  . LEU A 1 147 ? 7.388   -5.067  9.677   1.00 64.68  ? 147 LEU A CB  1 
ATOM   1094 C  CG  . LEU A 1 147 ? 6.775   -4.015  8.729   1.00 64.28  ? 147 LEU A CG  1 
ATOM   1095 C  CD1 . LEU A 1 147 ? 5.293   -4.298  8.559   1.00 65.17  ? 147 LEU A CD1 1 
ATOM   1096 C  CD2 . LEU A 1 147 ? 6.999   -2.601  9.261   1.00 62.81  ? 147 LEU A CD2 1 
ATOM   1097 N  N   . GLY A 1 148 ? 7.447   -6.508  13.003  1.00 63.96  ? 148 GLY A N   1 
ATOM   1098 C  CA  . GLY A 1 148 ? 7.447   -7.790  13.691  1.00 63.52  ? 148 GLY A CA  1 
ATOM   1099 C  C   . GLY A 1 148 ? 8.182   -8.879  12.933  1.00 63.03  ? 148 GLY A C   1 
ATOM   1100 O  O   . GLY A 1 148 ? 9.369   -8.753  12.621  1.00 62.88  ? 148 GLY A O   1 
ATOM   1101 N  N   . ALA A 1 149 ? 7.476   -9.958  12.635  1.00 62.38  ? 149 ALA A N   1 
ATOM   1102 C  CA  . ALA A 1 149 ? 8.078   -11.051 11.906  1.00 62.74  ? 149 ALA A CA  1 
ATOM   1103 C  C   . ALA A 1 149 ? 7.766   -10.903 10.426  1.00 63.38  ? 149 ALA A C   1 
ATOM   1104 O  O   . ALA A 1 149 ? 7.862   -11.857 9.663   1.00 64.75  ? 149 ALA A O   1 
ATOM   1105 C  CB  . ALA A 1 149 ? 7.543   -12.364 12.412  1.00 63.53  ? 149 ALA A CB  1 
ATOM   1106 N  N   . PHE A 1 150 ? 7.372   -9.707  10.021  1.00 63.13  ? 150 PHE A N   1 
ATOM   1107 C  CA  . PHE A 1 150 ? 7.074   -9.464  8.622   1.00 62.64  ? 150 PHE A CA  1 
ATOM   1108 C  C   . PHE A 1 150 ? 8.154   -8.632  7.945   1.00 63.54  ? 150 PHE A C   1 
ATOM   1109 O  O   . PHE A 1 150 ? 7.970   -8.177  6.817   1.00 64.85  ? 150 PHE A O   1 
ATOM   1110 C  CB  . PHE A 1 150 ? 5.733   -8.745  8.463   1.00 60.21  ? 150 PHE A CB  1 
ATOM   1111 C  CG  . PHE A 1 150 ? 4.552   -9.631  8.642   1.00 56.36  ? 150 PHE A CG  1 
ATOM   1112 C  CD1 . PHE A 1 150 ? 3.958   -9.774  9.883   1.00 56.29  ? 150 PHE A CD1 1 
ATOM   1113 C  CD2 . PHE A 1 150 ? 4.037   -10.335 7.570   1.00 54.64  ? 150 PHE A CD2 1 
ATOM   1114 C  CE1 . PHE A 1 150 ? 2.857   -10.611 10.056  1.00 55.54  ? 150 PHE A CE1 1 
ATOM   1115 C  CE2 . PHE A 1 150 ? 2.937   -11.176 7.730   1.00 55.22  ? 150 PHE A CE2 1 
ATOM   1116 C  CZ  . PHE A 1 150 ? 2.346   -11.312 8.978   1.00 55.23  ? 150 PHE A CZ  1 
ATOM   1117 N  N   . GLU A 1 151 ? 9.281   -8.428  8.619   1.00 62.99  ? 151 GLU A N   1 
ATOM   1118 C  CA  . GLU A 1 151 ? 10.350  -7.615  8.042   1.00 61.47  ? 151 GLU A CA  1 
ATOM   1119 C  C   . GLU A 1 151 ? 10.847  -8.107  6.695   1.00 59.97  ? 151 GLU A C   1 
ATOM   1120 O  O   . GLU A 1 151 ? 11.137  -7.305  5.812   1.00 58.00  ? 151 GLU A O   1 
ATOM   1121 C  CB  . GLU A 1 151 ? 11.516  -7.514  9.016   1.00 63.29  ? 151 GLU A CB  1 
ATOM   1122 C  CG  . GLU A 1 151 ? 11.215  -6.594  10.174  1.00 65.81  ? 151 GLU A CG  1 
ATOM   1123 C  CD  . GLU A 1 151 ? 11.251  -5.138  9.763   1.00 66.08  ? 151 GLU A CD  1 
ATOM   1124 O  OE1 . GLU A 1 151 ? 10.654  -4.295  10.476  1.00 66.43  ? 151 GLU A OE1 1 
ATOM   1125 O  OE2 . GLU A 1 151 ? 11.891  -4.841  8.733   1.00 66.48  ? 151 GLU A OE2 1 
ATOM   1126 N  N   . HIS A 1 152 ? 10.929  -9.423  6.523   1.00 58.83  ? 152 HIS A N   1 
ATOM   1127 C  CA  . HIS A 1 152 ? 11.398  -9.947  5.258   1.00 59.61  ? 152 HIS A CA  1 
ATOM   1128 C  C   . HIS A 1 152 ? 10.456  -9.508  4.138   1.00 60.34  ? 152 HIS A C   1 
ATOM   1129 O  O   . HIS A 1 152 ? 10.637  -9.871  2.968   1.00 61.63  ? 152 HIS A O   1 
ATOM   1130 C  CB  . HIS A 1 152 ? 11.540  -11.474 5.309   1.00 60.58  ? 152 HIS A CB  1 
ATOM   1131 C  CG  . HIS A 1 152 ? 10.245  -12.223 5.369   1.00 62.25  ? 152 HIS A CG  1 
ATOM   1132 N  ND1 . HIS A 1 152 ? 9.938   -13.236 4.486   1.00 63.17  ? 152 HIS A ND1 1 
ATOM   1133 C  CD2 . HIS A 1 152 ? 9.201   -12.147 6.227   1.00 63.37  ? 152 HIS A CD2 1 
ATOM   1134 C  CE1 . HIS A 1 152 ? 8.762   -13.753 4.796   1.00 62.83  ? 152 HIS A CE1 1 
ATOM   1135 N  NE2 . HIS A 1 152 ? 8.294   -13.109 5.849   1.00 63.87  ? 152 HIS A NE2 1 
ATOM   1136 N  N   . HIS A 1 153 ? 9.462   -8.705  4.519   1.00 59.04  ? 153 HIS A N   1 
ATOM   1137 C  CA  . HIS A 1 153 ? 8.471   -8.162  3.603   1.00 57.51  ? 153 HIS A CA  1 
ATOM   1138 C  C   . HIS A 1 153 ? 8.735   -6.690  3.349   1.00 58.48  ? 153 HIS A C   1 
ATOM   1139 O  O   . HIS A 1 153 ? 7.886   -5.986  2.807   1.00 58.11  ? 153 HIS A O   1 
ATOM   1140 C  CB  . HIS A 1 153 ? 7.063   -8.288  4.176   1.00 55.24  ? 153 HIS A CB  1 
ATOM   1141 C  CG  . HIS A 1 153 ? 6.416   -9.604  3.913   1.00 54.17  ? 153 HIS A CG  1 
ATOM   1142 N  ND1 . HIS A 1 153 ? 6.710   -10.737 4.637   1.00 55.28  ? 153 HIS A ND1 1 
ATOM   1143 C  CD2 . HIS A 1 153 ? 5.487   -9.969  3.000   1.00 54.07  ? 153 HIS A CD2 1 
ATOM   1144 C  CE1 . HIS A 1 153 ? 5.989   -11.748 4.182   1.00 55.51  ? 153 HIS A CE1 1 
ATOM   1145 N  NE2 . HIS A 1 153 ? 5.239   -11.307 3.188   1.00 55.39  ? 153 HIS A NE2 1 
ATOM   1146 N  N   . VAL A 1 154 ? 9.899   -6.207  3.753   1.00 59.85  ? 154 VAL A N   1 
ATOM   1147 C  CA  . VAL A 1 154 ? 10.186  -4.801  3.537   1.00 61.26  ? 154 VAL A CA  1 
ATOM   1148 C  C   . VAL A 1 154 ? 11.136  -4.614  2.369   1.00 62.80  ? 154 VAL A C   1 
ATOM   1149 O  O   . VAL A 1 154 ? 12.074  -5.384  2.161   1.00 63.52  ? 154 VAL A O   1 
ATOM   1150 C  CB  . VAL A 1 154 ? 10.766  -4.139  4.799   1.00 60.21  ? 154 VAL A CB  1 
ATOM   1151 C  CG1 . VAL A 1 154 ? 12.079  -4.794  5.163   1.00 60.39  ? 154 VAL A CG1 1 
ATOM   1152 C  CG2 . VAL A 1 154 ? 10.935  -2.642  4.569   1.00 57.16  ? 154 VAL A CG2 1 
ATOM   1153 N  N   . LEU A 1 155 ? 10.870  -3.575  1.599   1.00 63.70  ? 155 LEU A N   1 
ATOM   1154 C  CA  . LEU A 1 155 ? 11.665  -3.274  0.438   1.00 64.40  ? 155 LEU A CA  1 
ATOM   1155 C  C   . LEU A 1 155 ? 12.171  -1.853  0.573   1.00 66.65  ? 155 LEU A C   1 
ATOM   1156 O  O   . LEU A 1 155 ? 11.436  -0.887  0.357   1.00 65.58  ? 155 LEU A O   1 
ATOM   1157 C  CB  . LEU A 1 155 ? 10.812  -3.403  -0.808  1.00 62.79  ? 155 LEU A CB  1 
ATOM   1158 C  CG  . LEU A 1 155 ? 11.550  -3.242  -2.113  1.00 61.14  ? 155 LEU A CG  1 
ATOM   1159 C  CD1 . LEU A 1 155 ? 12.365  -4.487  -2.359  1.00 62.68  ? 155 LEU A CD1 1 
ATOM   1160 C  CD2 . LEU A 1 155 ? 10.572  -3.018  -3.233  1.00 60.17  ? 155 LEU A CD2 1 
ATOM   1161 N  N   . PRO A 1 156 ? 13.439  -1.705  0.969   1.00 69.14  ? 156 PRO A N   1 
ATOM   1162 C  CA  . PRO A 1 156 ? 14.004  -0.365  1.118   1.00 70.72  ? 156 PRO A CA  1 
ATOM   1163 C  C   . PRO A 1 156 ? 14.280  0.199   -0.272  1.00 72.46  ? 156 PRO A C   1 
ATOM   1164 O  O   . PRO A 1 156 ? 14.817  -0.494  -1.151  1.00 73.01  ? 156 PRO A O   1 
ATOM   1165 C  CB  . PRO A 1 156 ? 15.259  -0.615  1.951   1.00 69.56  ? 156 PRO A CB  1 
ATOM   1166 C  CG  . PRO A 1 156 ? 15.679  -1.976  1.505   1.00 69.36  ? 156 PRO A CG  1 
ATOM   1167 C  CD  . PRO A 1 156 ? 14.389  -2.743  1.409   1.00 68.84  ? 156 PRO A CD  1 
ATOM   1168 N  N   . VAL A 1 157 ? 13.878  1.451   -0.469  1.00 73.12  ? 157 VAL A N   1 
ATOM   1169 C  CA  . VAL A 1 157 ? 14.047  2.122   -1.747  1.00 73.62  ? 157 VAL A CA  1 
ATOM   1170 C  C   . VAL A 1 157 ? 14.570  3.538   -1.577  1.00 74.63  ? 157 VAL A C   1 
ATOM   1171 O  O   . VAL A 1 157 ? 14.199  4.438   -2.328  1.00 74.40  ? 157 VAL A O   1 
ATOM   1172 C  CB  . VAL A 1 157 ? 12.711  2.169   -2.519  1.00 74.08  ? 157 VAL A CB  1 
ATOM   1173 C  CG1 . VAL A 1 157 ? 12.234  0.752   -2.816  1.00 72.48  ? 157 VAL A CG1 1 
ATOM   1174 C  CG2 . VAL A 1 157 ? 11.661  2.932   -1.710  1.00 73.99  ? 157 VAL A CG2 1 
ATOM   1175 N  N   . SER A 1 158 ? 15.430  3.732   -0.582  1.00 76.41  ? 158 SER A N   1 
ATOM   1176 C  CA  . SER A 1 158 ? 16.019  5.043   -0.334  1.00 78.36  ? 158 SER A CA  1 
ATOM   1177 C  C   . SER A 1 158 ? 17.089  5.300   -1.389  1.00 80.44  ? 158 SER A C   1 
ATOM   1178 O  O   . SER A 1 158 ? 17.070  6.328   -2.076  1.00 80.71  ? 158 SER A O   1 
ATOM   1179 C  CB  . SER A 1 158 ? 16.650  5.097   1.057   1.00 77.50  ? 158 SER A CB  1 
ATOM   1180 O  OG  . SER A 1 158 ? 15.688  4.887   2.078   1.00 77.28  ? 158 SER A OG  1 
ATOM   1181 N  N   . GLY A 1 159 ? 18.007  4.342   -1.523  1.00 82.75  ? 159 GLY A N   1 
ATOM   1182 C  CA  . GLY A 1 159 ? 19.101  4.454   -2.481  1.00 85.87  ? 159 GLY A CA  1 
ATOM   1183 C  C   . GLY A 1 159 ? 18.707  4.264   -3.940  1.00 87.64  ? 159 GLY A C   1 
ATOM   1184 O  O   . GLY A 1 159 ? 19.547  3.930   -4.797  1.00 87.99  ? 159 GLY A O   1 
ATOM   1185 N  N   . LYS A 1 160 ? 17.424  4.503   -4.212  1.00 87.52  ? 160 LYS A N   1 
ATOM   1186 C  CA  . LYS A 1 160 ? 16.856  4.351   -5.547  1.00 86.52  ? 160 LYS A CA  1 
ATOM   1187 C  C   . LYS A 1 160 ? 15.939  5.515   -5.872  1.00 86.17  ? 160 LYS A C   1 
ATOM   1188 O  O   . LYS A 1 160 ? 15.531  6.258   -4.978  1.00 85.63  ? 160 LYS A O   1 
ATOM   1189 C  CB  . LYS A 1 160 ? 16.074  3.029   -5.631  1.00 85.15  ? 160 LYS A CB  1 
ATOM   1190 C  CG  . LYS A 1 160 ? 16.907  1.810   -5.228  1.00 83.44  ? 160 LYS A CG  1 
ATOM   1191 C  CD  . LYS A 1 160 ? 16.189  0.513   -5.488  1.00 83.30  ? 160 LYS A CD  1 
ATOM   1192 C  CE  . LYS A 1 160 ? 17.116  -0.662  -5.247  1.00 83.18  ? 160 LYS A CE  1 
ATOM   1193 N  NZ  . LYS A 1 160 ? 16.578  -1.935  -5.816  1.00 84.75  ? 160 LYS A NZ  1 
ATOM   1194 N  N   . ASP A 1 161 ? 15.647  5.684   -7.158  1.00 86.15  ? 161 ASP A N   1 
ATOM   1195 C  CA  . ASP A 1 161 ? 14.753  6.742   -7.596  1.00 86.90  ? 161 ASP A CA  1 
ATOM   1196 C  C   . ASP A 1 161 ? 13.475  6.089   -8.083  1.00 86.78  ? 161 ASP A C   1 
ATOM   1197 O  O   . ASP A 1 161 ? 13.298  4.876   -7.953  1.00 86.28  ? 161 ASP A O   1 
ATOM   1198 C  CB  . ASP A 1 161 ? 15.373  7.577   -8.722  1.00 88.68  ? 161 ASP A CB  1 
ATOM   1199 C  CG  . ASP A 1 161 ? 15.611  6.775   -9.995  1.00 89.73  ? 161 ASP A CG  1 
ATOM   1200 O  OD1 . ASP A 1 161 ? 16.272  7.311   -10.916 1.00 90.12  ? 161 ASP A OD1 1 
ATOM   1201 O  OD2 . ASP A 1 161 ? 15.138  5.619   -10.079 1.00 89.74  ? 161 ASP A OD2 1 
ATOM   1202 N  N   . THR A 1 162 ? 12.605  6.901   -8.674  1.00 87.12  ? 162 THR A N   1 
ATOM   1203 C  CA  . THR A 1 162 ? 11.308  6.446   -9.161  1.00 86.54  ? 162 THR A CA  1 
ATOM   1204 C  C   . THR A 1 162 ? 11.304  5.200   -10.053 1.00 86.48  ? 162 THR A C   1 
ATOM   1205 O  O   . THR A 1 162 ? 10.463  4.315   -9.889  1.00 85.93  ? 162 THR A O   1 
ATOM   1206 C  CB  . THR A 1 162 ? 10.579  7.594   -9.872  1.00 85.67  ? 162 THR A CB  1 
ATOM   1207 O  OG1 . THR A 1 162 ? 9.233   7.191   -10.138 1.00 85.79  ? 162 THR A OG1 1 
ATOM   1208 C  CG2 . THR A 1 162 ? 11.296  7.965   -11.172 1.00 85.24  ? 162 THR A CG2 1 
ATOM   1209 N  N   . ASP A 1 163 ? 12.235  5.120   -10.992 1.00 87.44  ? 163 ASP A N   1 
ATOM   1210 C  CA  . ASP A 1 163 ? 12.279  3.960   -11.869 1.00 88.86  ? 163 ASP A CA  1 
ATOM   1211 C  C   . ASP A 1 163 ? 13.366  2.957   -11.485 1.00 89.01  ? 163 ASP A C   1 
ATOM   1212 O  O   . ASP A 1 163 ? 13.529  1.916   -12.125 1.00 88.69  ? 163 ASP A O   1 
ATOM   1213 C  CB  . ASP A 1 163 ? 12.417  4.391   -13.345 1.00 90.16  ? 163 ASP A CB  1 
ATOM   1214 C  CG  . ASP A 1 163 ? 13.438  5.505   -13.553 1.00 91.96  ? 163 ASP A CG  1 
ATOM   1215 O  OD1 . ASP A 1 163 ? 13.772  5.763   -14.732 1.00 92.85  ? 163 ASP A OD1 1 
ATOM   1216 O  OD2 . ASP A 1 163 ? 13.895  6.128   -12.559 1.00 92.54  ? 163 ASP A OD2 1 
ATOM   1217 N  N   . GLN A 1 164 ? 14.117  3.261   -10.439 1.00 89.34  ? 164 GLN A N   1 
ATOM   1218 C  CA  . GLN A 1 164 ? 15.144  2.334   -9.992  1.00 89.68  ? 164 GLN A CA  1 
ATOM   1219 C  C   . GLN A 1 164 ? 14.493  1.497   -8.892  1.00 89.97  ? 164 GLN A C   1 
ATOM   1220 O  O   . GLN A 1 164 ? 15.049  0.508   -8.418  1.00 89.32  ? 164 GLN A O   1 
ATOM   1221 C  CB  . GLN A 1 164 ? 16.353  3.094   -9.453  1.00 89.86  ? 164 GLN A CB  1 
ATOM   1222 C  CG  . GLN A 1 164 ? 17.509  2.200   -9.077  1.00 90.04  ? 164 GLN A CG  1 
ATOM   1223 C  CD  . GLN A 1 164 ? 18.709  2.991   -8.606  1.00 90.68  ? 164 GLN A CD  1 
ATOM   1224 O  OE1 . GLN A 1 164 ? 19.713  2.417   -8.166  1.00 90.53  ? 164 GLN A OE1 1 
ATOM   1225 N  NE2 . GLN A 1 164 ? 18.615  4.323   -8.694  1.00 90.28  ? 164 GLN A NE2 1 
ATOM   1226 N  N   . ALA A 1 165 ? 13.287  1.913   -8.516  1.00 90.50  ? 165 ALA A N   1 
ATOM   1227 C  CA  . ALA A 1 165 ? 12.501  1.246   -7.494  1.00 91.20  ? 165 ALA A CA  1 
ATOM   1228 C  C   . ALA A 1 165 ? 11.536  0.229   -8.110  1.00 92.42  ? 165 ALA A C   1 
ATOM   1229 O  O   . ALA A 1 165 ? 10.370  0.171   -7.733  1.00 92.46  ? 165 ALA A O   1 
ATOM   1230 C  CB  . ALA A 1 165 ? 11.720  2.278   -6.694  1.00 89.46  ? 165 ALA A CB  1 
ATOM   1231 N  N   . LEU A 1 166 ? 12.005  -0.565  -9.065  1.00 93.24  ? 166 LEU A N   1 
ATOM   1232 C  CA  . LEU A 1 166 ? 11.132  -1.558  -9.670  1.00 93.79  ? 166 LEU A CA  1 
ATOM   1233 C  C   . LEU A 1 166 ? 11.861  -2.826  -10.113 1.00 96.19  ? 166 LEU A C   1 
ATOM   1234 O  O   . LEU A 1 166 ? 11.731  -3.873  -9.475  1.00 96.67  ? 166 LEU A O   1 
ATOM   1235 C  CB  . LEU A 1 166 ? 10.363  -0.964  -10.859 1.00 91.16  ? 166 LEU A CB  1 
ATOM   1236 C  CG  . LEU A 1 166 ? 9.235   0.055   -10.656 1.00 88.62  ? 166 LEU A CG  1 
ATOM   1237 C  CD1 . LEU A 1 166 ? 9.813   1.437   -10.417 1.00 86.88  ? 166 LEU A CD1 1 
ATOM   1238 C  CD2 . LEU A 1 166 ? 8.334   0.069   -11.893 1.00 86.09  ? 166 LEU A CD2 1 
ATOM   1239 N  N   . GLN A 1 167 ? 12.628  -2.734  -11.197 1.00 98.14  ? 167 GLN A N   1 
ATOM   1240 C  CA  . GLN A 1 167 ? 13.357  -3.893  -11.727 1.00 99.50  ? 167 GLN A CA  1 
ATOM   1241 C  C   . GLN A 1 167 ? 14.065  -4.726  -10.641 1.00 100.12 ? 167 GLN A C   1 
ATOM   1242 O  O   . GLN A 1 167 ? 13.761  -5.915  -10.460 1.00 99.52  ? 167 GLN A O   1 
ATOM   1243 C  CB  . GLN A 1 167 ? 14.367  -3.434  -12.787 1.00 100.09 ? 167 GLN A CB  1 
ATOM   1244 C  CG  . GLN A 1 167 ? 14.163  -4.073  -14.155 1.00 101.90 ? 167 GLN A CG  1 
ATOM   1245 C  CD  . GLN A 1 167 ? 15.364  -3.879  -15.076 1.00 103.26 ? 167 GLN A CD  1 
ATOM   1246 O  OE1 . GLN A 1 167 ? 15.826  -2.754  -15.286 1.00 103.87 ? 167 GLN A OE1 1 
ATOM   1247 N  NE2 . GLN A 1 167 ? 15.872  -4.980  -15.635 1.00 103.33 ? 167 GLN A NE2 1 
ATOM   1248 N  N   . SER A 1 168 ? 15.009  -4.085  -9.938  1.00 100.84 ? 168 SER A N   1 
ATOM   1249 C  CA  . SER A 1 168 ? 15.805  -4.675  -8.833  1.00 99.46  ? 168 SER A CA  1 
ATOM   1250 C  C   . SER A 1 168 ? 15.058  -4.483  -7.511  1.00 99.02  ? 168 SER A C   1 
ATOM   1251 O  O   . SER A 1 168 ? 15.584  -4.769  -6.424  1.00 98.05  ? 168 SER A O   1 
ATOM   1252 C  CB  . SER A 1 168 ? 17.165  -3.979  -8.716  1.00 98.32  ? 168 SER A CB  1 
ATOM   1253 O  OG  . SER A 1 168 ? 17.754  -4.229  -7.452  1.00 97.20  ? 168 SER A OG  1 
ATOM   1254 N  N   . ALA A 1 169 ? 13.835  -3.976  -7.640  1.00 97.54  ? 169 ALA A N   1 
ATOM   1255 C  CA  . ALA A 1 169 ? 12.957  -3.710  -6.525  1.00 95.25  ? 169 ALA A CA  1 
ATOM   1256 C  C   . ALA A 1 169 ? 11.665  -4.518  -6.665  1.00 94.13  ? 169 ALA A C   1 
ATOM   1257 O  O   . ALA A 1 169 ? 11.702  -5.741  -6.842  1.00 93.40  ? 169 ALA A O   1 
ATOM   1258 C  CB  . ALA A 1 169 ? 12.647  -2.216  -6.463  1.00 94.83  ? 169 ALA A CB  1 
ATOM   1259 N  N   . ILE A 1 170 ? 10.534  -3.815  -6.599  1.00 92.66  ? 170 ILE A N   1 
ATOM   1260 C  CA  . ILE A 1 170 ? 9.200   -4.410  -6.681  1.00 90.69  ? 170 ILE A CA  1 
ATOM   1261 C  C   . ILE A 1 170 ? 8.953   -5.409  -7.797  1.00 88.29  ? 170 ILE A C   1 
ATOM   1262 O  O   . ILE A 1 170 ? 8.344   -6.454  -7.578  1.00 86.71  ? 170 ILE A O   1 
ATOM   1263 C  CB  . ILE A 1 170 ? 8.152   -3.329  -6.814  1.00 92.62  ? 170 ILE A CB  1 
ATOM   1264 C  CG1 . ILE A 1 170 ? 8.494   -2.442  -8.007  1.00 94.58  ? 170 ILE A CG1 1 
ATOM   1265 C  CG2 . ILE A 1 170 ? 8.092   -2.511  -5.547  1.00 93.60  ? 170 ILE A CG2 1 
ATOM   1266 C  CD1 . ILE A 1 170 ? 7.273   -1.988  -8.791  1.00 97.60  ? 170 ILE A CD1 1 
ATOM   1267 N  N   . ASN A 1 171 ? 9.389   -5.067  -9.000  1.00 87.36  ? 171 ASN A N   1 
ATOM   1268 C  CA  . ASN A 1 171 ? 9.213   -5.951  -10.138 1.00 87.18  ? 171 ASN A CA  1 
ATOM   1269 C  C   . ASN A 1 171 ? 9.892   -7.270  -9.845  1.00 87.43  ? 171 ASN A C   1 
ATOM   1270 O  O   . ASN A 1 171 ? 9.339   -8.338  -10.103 1.00 86.26  ? 171 ASN A O   1 
ATOM   1271 C  CB  . ASN A 1 171 ? 9.823   -5.337  -11.394 1.00 86.76  ? 171 ASN A CB  1 
ATOM   1272 C  CG  . ASN A 1 171 ? 8.886   -4.364  -12.084 1.00 86.93  ? 171 ASN A CG  1 
ATOM   1273 O  OD1 . ASN A 1 171 ? 8.673   -3.237  -11.622 1.00 86.47  ? 171 ASN A OD1 1 
ATOM   1274 N  ND2 . ASN A 1 171 ? 8.313   -4.802  -13.202 1.00 86.87  ? 171 ASN A ND2 1 
ATOM   1275 N  N   . ALA A 1 172 ? 11.102  -7.183  -9.301  1.00 88.71  ? 172 ALA A N   1 
ATOM   1276 C  CA  . ALA A 1 172 ? 11.868  -8.375  -8.969  1.00 89.88  ? 172 ALA A CA  1 
ATOM   1277 C  C   . ALA A 1 172 ? 11.199  -9.164  -7.843  1.00 90.36  ? 172 ALA A C   1 
ATOM   1278 O  O   . ALA A 1 172 ? 11.293  -10.393 -7.798  1.00 90.55  ? 172 ALA A O   1 
ATOM   1279 C  CB  . ALA A 1 172 ? 13.295  -7.993  -8.587  1.00 89.89  ? 172 ALA A CB  1 
ATOM   1280 N  N   . LEU A 1 173 ? 10.517  -8.456  -6.946  1.00 90.52  ? 173 LEU A N   1 
ATOM   1281 C  CA  . LEU A 1 173 ? 9.826   -9.094  -5.830  1.00 90.59  ? 173 LEU A CA  1 
ATOM   1282 C  C   . LEU A 1 173 ? 8.660   -9.926  -6.331  1.00 90.67  ? 173 LEU A C   1 
ATOM   1283 O  O   . LEU A 1 173 ? 8.481   -11.068 -5.921  1.00 91.00  ? 173 LEU A O   1 
ATOM   1284 C  CB  . LEU A 1 173 ? 9.304   -8.047  -4.856  1.00 90.71  ? 173 LEU A CB  1 
ATOM   1285 C  CG  . LEU A 1 173 ? 10.286  -6.954  -4.445  1.00 92.46  ? 173 LEU A CG  1 
ATOM   1286 C  CD1 . LEU A 1 173 ? 9.747   -6.259  -3.195  1.00 92.95  ? 173 LEU A CD1 1 
ATOM   1287 C  CD2 . LEU A 1 173 ? 11.666  -7.546  -4.179  1.00 93.11  ? 173 LEU A CD2 1 
ATOM   1288 N  N   . GLN A 1 174 ? 7.860   -9.345  -7.212  1.00 91.05  ? 174 GLN A N   1 
ATOM   1289 C  CA  . GLN A 1 174 ? 6.717   -10.044 -7.774  1.00 91.66  ? 174 GLN A CA  1 
ATOM   1290 C  C   . GLN A 1 174 ? 7.134   -11.412 -8.297  1.00 92.39  ? 174 GLN A C   1 
ATOM   1291 O  O   . GLN A 1 174 ? 6.446   -12.412 -8.084  1.00 91.77  ? 174 GLN A O   1 
ATOM   1292 C  CB  . GLN A 1 174 ? 6.154   -9.241  -8.925  1.00 91.91  ? 174 GLN A CB  1 
ATOM   1293 C  CG  . GLN A 1 174 ? 5.873   -7.816  -8.588  1.00 91.96  ? 174 GLN A CG  1 
ATOM   1294 C  CD  . GLN A 1 174 ? 4.623   -7.679  -7.773  1.00 92.66  ? 174 GLN A CD  1 
ATOM   1295 O  OE1 . GLN A 1 174 ? 4.064   -6.583  -7.664  1.00 93.54  ? 174 GLN A OE1 1 
ATOM   1296 N  NE2 . GLN A 1 174 ? 4.165   -8.790  -7.190  1.00 91.71  ? 174 GLN A NE2 1 
ATOM   1297 N  N   . SER A 1 175 ? 8.263   -11.442 -8.998  1.00 93.59  ? 175 SER A N   1 
ATOM   1298 C  CA  . SER A 1 175 ? 8.775   -12.684 -9.563  1.00 94.58  ? 175 SER A CA  1 
ATOM   1299 C  C   . SER A 1 175 ? 9.566   -13.458 -8.512  1.00 95.58  ? 175 SER A C   1 
ATOM   1300 O  O   . SER A 1 175 ? 9.537   -14.686 -8.487  1.00 96.29  ? 175 SER A O   1 
ATOM   1301 C  CB  . SER A 1 175 ? 9.669   -12.388 -10.773 1.00 93.89  ? 175 SER A CB  1 
ATOM   1302 O  OG  . SER A 1 175 ? 8.964   -11.670 -11.772 1.00 93.02  ? 175 SER A OG  1 
ATOM   1303 N  N   . GLY A 1 176 ? 10.258  -12.729 -7.641  1.00 95.88  ? 176 GLY A N   1 
ATOM   1304 C  CA  . GLY A 1 176 ? 11.053  -13.362 -6.607  1.00 96.24  ? 176 GLY A CA  1 
ATOM   1305 C  C   . GLY A 1 176 ? 10.258  -14.196 -5.625  1.00 97.25  ? 176 GLY A C   1 
ATOM   1306 O  O   . GLY A 1 176 ? 10.797  -14.609 -4.601  1.00 98.20  ? 176 GLY A O   1 
ATOM   1307 N  N   . ARG A 1 177 ? 8.985   -14.444 -5.924  1.00 98.14  ? 177 ARG A N   1 
ATOM   1308 C  CA  . ARG A 1 177 ? 8.121   -15.238 -5.044  1.00 99.66  ? 177 ARG A CA  1 
ATOM   1309 C  C   . ARG A 1 177 ? 8.040   -14.593 -3.647  1.00 99.28  ? 177 ARG A C   1 
ATOM   1310 O  O   . ARG A 1 177 ? 7.901   -15.289 -2.639  1.00 99.68  ? 177 ARG A O   1 
ATOM   1311 C  CB  . ARG A 1 177 ? 8.672   -16.675 -4.931  1.00 101.87 ? 177 ARG A CB  1 
ATOM   1312 C  CG  . ARG A 1 177 ? 9.011   -17.351 -6.273  1.00 104.14 ? 177 ARG A CG  1 
ATOM   1313 C  CD  . ARG A 1 177 ? 9.691   -18.723 -6.106  1.00 105.54 ? 177 ARG A CD  1 
ATOM   1314 N  NE  . ARG A 1 177 ? 8.792   -19.810 -5.687  1.00 106.35 ? 177 ARG A NE  1 
ATOM   1315 C  CZ  . ARG A 1 177 ? 7.851   -20.360 -6.454  1.00 106.11 ? 177 ARG A CZ  1 
ATOM   1316 N  NH1 . ARG A 1 177 ? 7.097   -21.343 -5.979  1.00 105.26 ? 177 ARG A NH1 1 
ATOM   1317 N  NH2 . ARG A 1 177 ? 7.662   -19.930 -7.695  1.00 106.66 ? 177 ARG A NH2 1 
ATOM   1318 N  N   . PHE A 1 178 ? 8.126   -13.262 -3.607  1.00 98.29  ? 178 PHE A N   1 
ATOM   1319 C  CA  . PHE A 1 178 ? 8.091   -12.471 -2.367  1.00 96.18  ? 178 PHE A CA  1 
ATOM   1320 C  C   . PHE A 1 178 ? 7.082   -12.982 -1.370  1.00 96.06  ? 178 PHE A C   1 
ATOM   1321 O  O   . PHE A 1 178 ? 7.341   -13.003 -0.172  1.00 95.72  ? 178 PHE A O   1 
ATOM   1322 C  CB  . PHE A 1 178 ? 7.748   -11.015 -2.675  1.00 93.62  ? 178 PHE A CB  1 
ATOM   1323 C  CG  . PHE A 1 178 ? 8.556   -10.021 -1.888  1.00 90.14  ? 178 PHE A CG  1 
ATOM   1324 C  CD1 . PHE A 1 178 ? 9.924   -9.892  -2.111  1.00 87.41  ? 178 PHE A CD1 1 
ATOM   1325 C  CD2 . PHE A 1 178 ? 7.956   -9.206  -0.940  1.00 88.61  ? 178 PHE A CD2 1 
ATOM   1326 C  CE1 . PHE A 1 178 ? 10.675  -8.975  -1.410  1.00 84.70  ? 178 PHE A CE1 1 
ATOM   1327 C  CE2 . PHE A 1 178 ? 8.711   -8.280  -0.232  1.00 87.20  ? 178 PHE A CE2 1 
ATOM   1328 C  CZ  . PHE A 1 178 ? 10.074  -8.168  -0.472  1.00 85.64  ? 178 PHE A CZ  1 
ATOM   1329 N  N   . ARG A 1 179 ? 5.918   -13.356 -1.894  1.00 96.52  ? 179 ARG A N   1 
ATOM   1330 C  CA  . ARG A 1 179 ? 4.814   -13.894 -1.111  1.00 96.48  ? 179 ARG A CA  1 
ATOM   1331 C  C   . ARG A 1 179 ? 3.627   -14.170 -2.041  1.00 100.37 ? 179 ARG A C   1 
ATOM   1332 O  O   . ARG A 1 179 ? 2.763   -13.306 -2.208  1.00 101.48 ? 179 ARG A O   1 
ATOM   1333 C  CB  . ARG A 1 179 ? 4.399   -12.896 -0.033  1.00 90.29  ? 179 ARG A CB  1 
ATOM   1334 C  CG  . ARG A 1 179 ? 3.742   -13.544 1.176   1.00 84.20  ? 179 ARG A CG  1 
ATOM   1335 C  CD  . ARG A 1 179 ? 2.508   -14.347 0.812   1.00 77.33  ? 179 ARG A CD  1 
ATOM   1336 N  NE  . ARG A 1 179 ? 1.626   -14.590 1.953   1.00 73.06  ? 179 ARG A NE  1 
ATOM   1337 C  CZ  . ARG A 1 179 ? 1.027   -13.641 2.674   1.00 71.41  ? 179 ARG A CZ  1 
ATOM   1338 N  NH1 . ARG A 1 179 ? 1.198   -12.355 2.405   1.00 70.33  ? 179 ARG A NH1 1 
ATOM   1339 N  NH2 . ARG A 1 179 ? 0.227   -13.980 3.666   1.00 71.00  ? 179 ARG A NH2 1 
ATOM   1340 N  N   . ILE A 1 180 ? 3.588   -15.363 -2.644  1.00 104.23 ? 180 ILE A N   1 
ATOM   1341 C  CA  . ILE A 1 180 ? 2.500   -15.763 -3.563  1.00 107.32 ? 180 ILE A CA  1 
ATOM   1342 C  C   . ILE A 1 180 ? 1.104   -15.776 -2.906  1.00 109.12 ? 180 ILE A C   1 
ATOM   1343 O  O   . ILE A 1 180 ? 0.125   -15.329 -3.511  1.00 110.09 ? 180 ILE A O   1 
ATOM   1344 C  CB  . ILE A 1 180 ? 2.783   -17.173 -4.205  1.00 107.18 ? 180 ILE A CB  1 
ATOM   1345 C  CG1 . ILE A 1 180 ? 1.596   -17.623 -5.078  1.00 107.57 ? 180 ILE A CG1 1 
ATOM   1346 C  CG2 . ILE A 1 180 ? 3.074   -18.206 -3.116  1.00 107.64 ? 180 ILE A CG2 1 
ATOM   1347 C  CD1 . ILE A 1 180 ? 0.474   -18.376 -4.340  1.00 105.65 ? 180 ILE A CD1 1 
ATOM   1348 N  N   . ASP A 1 181 ? 1.028   -16.287 -1.673  1.00 110.84 ? 181 ASP A N   1 
ATOM   1349 C  CA  . ASP A 1 181 ? -0.222  -16.366 -0.902  1.00 111.03 ? 181 ASP A CA  1 
ATOM   1350 C  C   . ASP A 1 181 ? 0.024   -16.283 0.616   1.00 110.51 ? 181 ASP A C   1 
ATOM   1351 O  O   . ASP A 1 181 ? -0.622  -15.433 1.257   1.00 109.48 ? 181 ASP A O   1 
ATOM   1352 C  CB  . ASP A 1 181 ? -0.967  -17.666 -1.217  1.00 112.60 ? 181 ASP A CB  1 
ATOM   1353 C  CG  . ASP A 1 181 ? -2.201  -17.858 -0.347  1.00 113.47 ? 181 ASP A CG  1 
ATOM   1354 O  OD1 . ASP A 1 181 ? -3.132  -17.029 -0.439  1.00 114.97 ? 181 ASP A OD1 1 
ATOM   1355 O  OD2 . ASP A 1 181 ? -2.237  -18.841 0.430   1.00 115.35 ? 181 ASP A OD2 1 
HETATM 1356 S  S   . SO4 B 2 .   ? 2.958   7.387   -0.888  1.00 59.39  ? 201 SO4 A S   1 
HETATM 1357 O  O1  . SO4 B 2 .   ? 2.388   8.355   0.068   1.00 56.44  ? 201 SO4 A O1  1 
HETATM 1358 O  O2  . SO4 B 2 .   ? 3.674   6.301   -0.182  1.00 55.32  ? 201 SO4 A O2  1 
HETATM 1359 O  O3  . SO4 B 2 .   ? 3.892   8.103   -1.793  1.00 58.72  ? 201 SO4 A O3  1 
HETATM 1360 O  O4  . SO4 B 2 .   ? 1.865   6.797   -1.675  1.00 59.08  ? 201 SO4 A O4  1 
HETATM 1361 O  O   . HOH C 3 .   ? -2.275  -13.286 8.347   1.00 37.90  ? 202 HOH A O   1 
HETATM 1362 O  O   . HOH C 3 .   ? -6.280  2.266   2.845   1.00 21.52  ? 203 HOH A O   1 
HETATM 1363 O  O   . HOH C 3 .   ? -13.959 -17.511 -8.350  1.00 29.83  ? 204 HOH A O   1 
HETATM 1364 O  O   . HOH C 3 .   ? 13.253  17.977  4.226   0.5  22.76  ? 205 HOH A O   1 
HETATM 1365 O  O   . HOH C 3 .   ? 1.760   2.329   11.421  1.00 38.28  ? 206 HOH A O   1 
# 
